data_1FOE
#
_entry.id   1FOE
#
_cell.length_a   186.95
_cell.length_b   149.27
_cell.length_c   149.21
_cell.angle_alpha   90
_cell.angle_beta   121
_cell.angle_gamma   90
#
_symmetry.space_group_name_H-M   'C 1 2 1'
#
loop_
_entity.id
_entity.type
_entity.pdbx_description
1 polymer 'T-LYMPHOMA INVASION AND METASTASIS INDUCING PROTEIN 1'
2 polymer 'RAS-RELATED C3 BOTULINUM TOXIN SUBSTRATE'
3 non-polymer 'SULFATE ION'
4 water water
#
loop_
_entity_poly.entity_id
_entity_poly.type
_entity_poly.pdbx_seq_one_letter_code
_entity_poly.pdbx_strand_id
1 'polypeptide(L)'
;A(MSE)GRQLSDADKLRKVICELLETERTYVKDLNCL(MSE)ERYLKPLQKETFLTQDELDVLFGNLTE(MSE)VEFQVE
FLKTLEDGVRLVPDLEKLEKVDQFKKVLFSLGGSFLYYADRFKLYSAFCASHTKVPKVLVKAKTDTAFKAFLDAQNPRQQ
HSSTLESYLIKPIQRVLKYPLLLRELFALTDAESEEHYHLDVAIKT(MSE)NKVASHINE(MSE)QKIHEEFGAVFDQLI
AEQTGEKKEVADLS(MSE)GDLLLHTSVIWLNPPASLGKWKKEPELAAFVFKTAVVLVYKDGSKQKKKLVGSHRLSIYEE
WDPFRFRH(MSE)IPTEALQVRALPSADAEANAVCEIVHVKSESEGRPERVFHLCCSSPESRKDFLKSVHSILRDKHRRQ
LLKTE
;
A,C,E,G
2 'polypeptide(L)'
;MQAIKCVVVGDGAVGKTCLLISYTTNAFPGEYIPTVFDNYSANVMVDGKPVNLGLWDTAGQEDYDRLRPLSYPQTDVFLI
CFSLVSPASFENVRAKWYPEVRHHCPNTPIILVGTKLDLRDDKDTIEKLKEKKLTPITYPQGLAMAKEIGAVKYLECSAL
TQRGLKTVFDEAIRAVL
;
B,D,F,H
#
loop_
_chem_comp.id
_chem_comp.type
_chem_comp.name
_chem_comp.formula
SO4 non-polymer 'SULFATE ION' 'O4 S -2'
#
# COMPACT_ATOMS: atom_id res chain seq x y z
N GLN A 5 -17.24 -55.50 41.07
CA GLN A 5 -18.29 -54.45 41.28
C GLN A 5 -17.64 -53.13 41.69
N LEU A 6 -16.77 -52.59 40.84
CA LEU A 6 -16.10 -51.33 41.15
C LEU A 6 -16.98 -50.11 40.92
N SER A 7 -16.97 -49.23 41.91
CA SER A 7 -17.75 -48.00 41.84
C SER A 7 -16.92 -46.97 41.09
N ASP A 8 -17.63 -45.97 40.56
CA ASP A 8 -17.00 -44.89 39.83
C ASP A 8 -15.86 -44.34 40.69
N ALA A 9 -16.05 -44.35 42.00
CA ALA A 9 -15.03 -43.87 42.91
C ALA A 9 -13.78 -44.70 42.76
N ASP A 10 -13.96 -46.02 42.73
CA ASP A 10 -12.82 -46.93 42.58
C ASP A 10 -12.13 -46.68 41.26
N LYS A 11 -12.93 -46.68 40.19
CA LYS A 11 -12.39 -46.44 38.86
C LYS A 11 -11.56 -45.17 38.83
N LEU A 12 -12.11 -44.10 39.39
CA LEU A 12 -11.45 -42.80 39.42
C LEU A 12 -10.11 -42.89 40.14
N ARG A 13 -10.11 -43.55 41.29
CA ARG A 13 -8.88 -43.71 42.06
C ARG A 13 -7.84 -44.43 41.19
N LYS A 14 -8.31 -45.42 40.42
CA LYS A 14 -7.45 -46.21 39.54
C LYS A 14 -6.71 -45.30 38.55
N VAL A 15 -7.47 -44.50 37.83
CA VAL A 15 -6.93 -43.56 36.83
C VAL A 15 -5.94 -42.58 37.46
N ILE A 16 -6.33 -41.98 38.59
CA ILE A 16 -5.46 -41.04 39.26
C ILE A 16 -4.15 -41.73 39.61
N CYS A 17 -4.26 -43.00 40.02
CA CYS A 17 -3.06 -43.76 40.35
C CYS A 17 -2.23 -44.15 39.12
N GLU A 18 -2.91 -44.51 38.03
CA GLU A 18 -2.18 -44.89 36.82
C GLU A 18 -1.39 -43.69 36.34
N LEU A 19 -2.07 -42.53 36.31
CA LEU A 19 -1.45 -41.29 35.85
C LEU A 19 -0.16 -41.01 36.64
N LEU A 20 -0.28 -41.02 37.96
CA LEU A 20 0.84 -40.79 38.85
C LEU A 20 1.92 -41.86 38.79
N GLU A 21 1.51 -43.12 38.86
CA GLU A 21 2.47 -44.21 38.79
C GLU A 21 3.26 -44.20 37.48
N THR A 22 2.56 -44.09 36.35
CA THR A 22 3.24 -44.08 35.05
C THR A 22 4.14 -42.86 34.89
N GLU A 23 3.77 -41.74 35.50
CA GLU A 23 4.56 -40.50 35.43
C GLU A 23 5.90 -40.68 36.16
N ARG A 24 5.83 -41.29 37.35
CA ARG A 24 7.02 -41.56 38.15
C ARG A 24 7.92 -42.47 37.32
N THR A 25 7.32 -43.47 36.68
CA THR A 25 8.05 -44.39 35.84
C THR A 25 8.73 -43.65 34.68
N TYR A 26 7.95 -42.86 33.95
CA TYR A 26 8.46 -42.09 32.83
C TYR A 26 9.64 -41.23 33.24
N VAL A 27 9.50 -40.51 34.35
CA VAL A 27 10.57 -39.64 34.80
C VAL A 27 11.81 -40.48 35.05
N LYS A 28 11.60 -41.61 35.70
CA LYS A 28 12.69 -42.53 35.99
C LYS A 28 13.32 -43.03 34.70
N ASP A 29 12.48 -43.41 33.72
CA ASP A 29 13.00 -43.89 32.44
C ASP A 29 13.82 -42.79 31.79
N LEU A 30 13.31 -41.57 31.89
CA LEU A 30 13.96 -40.42 31.31
C LEU A 30 15.35 -40.25 31.92
N ASN A 31 15.42 -40.32 33.25
CA ASN A 31 16.71 -40.19 33.92
C ASN A 31 17.60 -41.35 33.54
N CYS A 32 17.00 -42.53 33.44
CA CYS A 32 17.72 -43.73 33.08
C CYS A 32 18.34 -43.65 31.68
N LEU A 33 17.64 -43.01 30.75
CA LEU A 33 18.13 -42.86 29.40
C LEU A 33 19.34 -41.96 29.45
N MSE A 34 19.26 -40.94 30.29
CA MSE A 34 20.31 -39.96 30.47
C MSE A 34 21.58 -40.58 31.07
O MSE A 34 22.69 -40.35 30.57
CB MSE A 34 19.81 -38.84 31.37
CG MSE A 34 20.73 -37.64 31.49
SE MSE A 34 21.08 -36.88 29.88
CE MSE A 34 19.41 -36.63 29.26
N GLU A 35 21.42 -41.36 32.13
CA GLU A 35 22.53 -41.99 32.84
C GLU A 35 23.07 -43.25 32.16
N ARG A 36 22.16 -44.15 31.80
CA ARG A 36 22.51 -45.43 31.17
C ARG A 36 23.13 -45.36 29.77
N TYR A 37 22.63 -44.47 28.91
CA TYR A 37 23.18 -44.39 27.55
C TYR A 37 23.79 -43.08 27.10
N LEU A 38 23.07 -41.98 27.24
CA LEU A 38 23.56 -40.70 26.76
C LEU A 38 24.85 -40.15 27.37
N LYS A 39 24.88 -39.93 28.68
CA LYS A 39 26.11 -39.38 29.27
C LYS A 39 27.32 -40.26 28.96
N PRO A 40 27.24 -41.56 29.26
CA PRO A 40 28.37 -42.45 28.98
C PRO A 40 28.78 -42.47 27.51
N LEU A 41 27.88 -42.04 26.63
CA LEU A 41 28.17 -41.99 25.21
C LEU A 41 28.99 -40.77 24.86
N GLN A 42 28.80 -39.68 25.61
CA GLN A 42 29.57 -38.46 25.37
C GLN A 42 31.03 -38.84 25.55
N LYS A 43 31.29 -39.58 26.62
CA LYS A 43 32.63 -40.03 26.94
C LYS A 43 33.02 -41.22 26.06
N GLU A 44 32.75 -41.10 24.76
CA GLU A 44 33.09 -42.19 23.85
C GLU A 44 33.52 -41.60 22.50
N THR A 45 34.00 -42.46 21.61
CA THR A 45 34.47 -42.03 20.28
C THR A 45 33.57 -42.55 19.16
N PHE A 46 32.64 -43.44 19.54
CA PHE A 46 31.70 -44.05 18.60
C PHE A 46 30.99 -43.06 17.69
N LEU A 47 30.21 -42.17 18.28
CA LEU A 47 29.46 -41.19 17.53
C LEU A 47 30.19 -39.88 17.39
N THR A 48 29.80 -39.12 16.38
CA THR A 48 30.37 -37.81 16.13
C THR A 48 29.58 -36.89 17.04
N GLN A 49 29.91 -35.61 17.08
CA GLN A 49 29.17 -34.71 17.95
C GLN A 49 27.74 -34.65 17.43
N ASP A 50 27.60 -34.55 16.11
CA ASP A 50 26.30 -34.48 15.46
C ASP A 50 25.46 -35.69 15.84
N GLU A 51 26.04 -36.87 15.69
CA GLU A 51 25.35 -38.11 16.01
C GLU A 51 24.89 -38.10 17.47
N LEU A 52 25.73 -37.58 18.36
CA LEU A 52 25.34 -37.52 19.76
C LEU A 52 24.21 -36.55 19.95
N ASP A 53 24.24 -35.45 19.20
CA ASP A 53 23.20 -34.43 19.29
C ASP A 53 21.83 -34.97 18.94
N VAL A 54 21.77 -35.84 17.93
CA VAL A 54 20.51 -36.44 17.50
C VAL A 54 19.91 -37.26 18.64
N LEU A 55 20.76 -37.99 19.34
CA LEU A 55 20.30 -38.82 20.43
C LEU A 55 19.81 -37.99 21.63
N PHE A 56 20.66 -37.09 22.14
CA PHE A 56 20.25 -36.25 23.28
C PHE A 56 19.03 -35.41 22.93
N GLY A 57 19.27 -34.29 22.25
CA GLY A 57 18.20 -33.40 21.84
C GLY A 57 17.31 -32.92 22.98
N ASN A 58 17.52 -31.69 23.41
CA ASN A 58 16.73 -31.07 24.49
C ASN A 58 16.24 -32.05 25.55
N LEU A 59 16.89 -33.19 25.68
CA LEU A 59 16.47 -34.17 26.65
C LEU A 59 16.72 -33.63 28.05
N THR A 60 17.88 -33.01 28.26
CA THR A 60 18.22 -32.44 29.55
C THR A 60 17.16 -31.40 29.92
N GLU A 61 16.76 -30.60 28.94
CA GLU A 61 15.74 -29.58 29.15
C GLU A 61 14.43 -30.28 29.50
N MSE A 62 14.13 -31.32 28.73
CA MSE A 62 12.91 -32.07 28.91
C MSE A 62 12.82 -32.68 30.31
O MSE A 62 11.75 -32.68 30.92
CB MSE A 62 12.81 -33.18 27.85
CG MSE A 62 11.52 -34.01 27.93
SE MSE A 62 11.34 -35.30 26.69
CE MSE A 62 11.29 -34.35 25.17
N VAL A 63 13.92 -33.20 30.82
CA VAL A 63 13.90 -33.82 32.14
C VAL A 63 13.61 -32.80 33.23
N GLU A 64 14.33 -31.67 33.20
CA GLU A 64 14.14 -30.63 34.21
C GLU A 64 12.66 -30.30 34.29
N PHE A 65 12.10 -30.04 33.11
CA PHE A 65 10.70 -29.73 32.96
C PHE A 65 9.80 -30.84 33.51
N GLN A 66 10.00 -32.05 33.02
CA GLN A 66 9.18 -33.18 33.45
C GLN A 66 9.20 -33.38 34.98
N VAL A 67 10.37 -33.22 35.57
CA VAL A 67 10.51 -33.37 37.02
C VAL A 67 9.59 -32.39 37.75
N GLU A 68 9.57 -31.15 37.28
CA GLU A 68 8.75 -30.13 37.87
C GLU A 68 7.27 -30.49 37.72
N PHE A 69 6.89 -30.94 36.52
CA PHE A 69 5.53 -31.34 36.24
C PHE A 69 5.11 -32.44 37.22
N LEU A 70 5.98 -33.42 37.44
CA LEU A 70 5.67 -34.52 38.34
C LEU A 70 5.42 -34.04 39.79
N LYS A 71 6.25 -33.13 40.27
CA LYS A 71 6.07 -32.61 41.63
C LYS A 71 4.64 -32.08 41.77
N THR A 72 4.20 -31.28 40.79
CA THR A 72 2.86 -30.71 40.85
C THR A 72 1.82 -31.82 40.96
N LEU A 73 2.05 -32.92 40.25
CA LEU A 73 1.10 -34.03 40.33
C LEU A 73 1.18 -34.66 41.73
N GLU A 74 2.40 -34.87 42.22
CA GLU A 74 2.58 -35.45 43.55
C GLU A 74 1.84 -34.60 44.58
N ASP A 75 2.09 -33.30 44.53
CA ASP A 75 1.44 -32.38 45.45
C ASP A 75 -0.07 -32.46 45.31
N GLY A 76 -0.53 -32.32 44.08
CA GLY A 76 -1.95 -32.35 43.84
C GLY A 76 -2.67 -33.56 44.41
N VAL A 77 -2.04 -34.72 44.36
CA VAL A 77 -2.70 -35.91 44.85
C VAL A 77 -2.66 -35.96 46.37
N ARG A 78 -1.79 -35.14 46.98
CA ARG A 78 -1.71 -35.11 48.43
C ARG A 78 -2.67 -34.11 49.04
N LEU A 79 -3.44 -33.41 48.21
CA LEU A 79 -4.41 -32.44 48.72
C LEU A 79 -5.49 -33.13 49.55
N VAL A 80 -5.37 -34.45 49.67
CA VAL A 80 -6.31 -35.25 50.44
C VAL A 80 -5.50 -36.30 51.22
N PRO A 81 -5.92 -36.62 52.44
CA PRO A 81 -5.22 -37.60 53.28
C PRO A 81 -5.00 -38.95 52.61
N ASP A 82 -6.08 -39.60 52.19
CA ASP A 82 -5.96 -40.90 51.54
C ASP A 82 -7.09 -41.14 50.53
N LEU A 83 -6.72 -41.23 49.26
CA LEU A 83 -7.68 -41.47 48.20
C LEU A 83 -8.45 -42.75 48.48
N GLU A 84 -7.72 -43.75 48.95
CA GLU A 84 -8.29 -45.06 49.24
C GLU A 84 -9.50 -45.02 50.17
N LYS A 85 -9.69 -43.92 50.88
CA LYS A 85 -10.83 -43.82 51.80
C LYS A 85 -12.06 -43.17 51.15
N LEU A 86 -11.85 -42.37 50.11
CA LEU A 86 -12.95 -41.70 49.43
C LEU A 86 -13.92 -42.69 48.80
N GLU A 87 -15.22 -42.43 48.97
CA GLU A 87 -16.25 -43.31 48.44
C GLU A 87 -17.05 -42.67 47.32
N LYS A 88 -16.94 -41.36 47.16
CA LYS A 88 -17.66 -40.65 46.11
C LYS A 88 -16.67 -39.92 45.22
N VAL A 89 -16.92 -39.92 43.91
CA VAL A 89 -16.02 -39.23 42.99
C VAL A 89 -15.98 -37.79 43.43
N ASP A 90 -17.13 -37.33 43.90
CA ASP A 90 -17.30 -35.97 44.37
C ASP A 90 -16.30 -35.59 45.45
N GLN A 91 -15.79 -36.58 46.19
CA GLN A 91 -14.83 -36.32 47.24
C GLN A 91 -13.41 -36.08 46.73
N PHE A 92 -13.21 -36.22 45.42
CA PHE A 92 -11.89 -36.01 44.83
C PHE A 92 -11.68 -34.62 44.24
N LYS A 93 -12.71 -33.79 44.30
CA LYS A 93 -12.67 -32.43 43.77
C LYS A 93 -11.32 -31.75 43.88
N LYS A 94 -10.79 -31.64 45.09
CA LYS A 94 -9.50 -30.99 45.28
C LYS A 94 -8.41 -31.56 44.39
N VAL A 95 -8.30 -32.88 44.34
CA VAL A 95 -7.28 -33.51 43.52
C VAL A 95 -7.53 -33.31 42.04
N LEU A 96 -8.75 -33.59 41.59
CA LEU A 96 -9.06 -33.42 40.17
C LEU A 96 -8.70 -32.01 39.73
N PHE A 97 -9.07 -31.05 40.56
CA PHE A 97 -8.82 -29.65 40.25
C PHE A 97 -7.33 -29.42 40.06
N SER A 98 -6.55 -29.81 41.06
CA SER A 98 -5.11 -29.60 40.98
C SER A 98 -4.46 -30.33 39.83
N LEU A 99 -4.87 -31.57 39.57
CA LEU A 99 -4.27 -32.32 38.47
C LEU A 99 -4.52 -31.61 37.17
N GLY A 100 -5.80 -31.35 36.90
CA GLY A 100 -6.16 -30.64 35.68
C GLY A 100 -5.33 -29.37 35.59
N GLY A 101 -5.16 -28.71 36.74
CA GLY A 101 -4.38 -27.50 36.78
C GLY A 101 -2.99 -27.70 36.21
N SER A 102 -2.31 -28.76 36.64
CA SER A 102 -0.96 -29.07 36.18
C SER A 102 -0.85 -29.10 34.65
N PHE A 103 -1.86 -29.66 34.00
CA PHE A 103 -1.82 -29.69 32.55
C PHE A 103 -1.97 -28.30 31.94
N LEU A 104 -2.88 -27.48 32.49
CA LEU A 104 -3.07 -26.15 31.95
C LEU A 104 -1.78 -25.34 32.12
N TYR A 105 -1.15 -25.49 33.28
CA TYR A 105 0.11 -24.77 33.54
C TYR A 105 1.23 -25.18 32.63
N TYR A 106 1.39 -26.48 32.45
CA TYR A 106 2.47 -26.97 31.60
C TYR A 106 2.17 -27.16 30.12
N ALA A 107 0.90 -27.09 29.75
CA ALA A 107 0.49 -27.24 28.36
C ALA A 107 1.46 -26.59 27.38
N ASP A 108 1.96 -25.40 27.71
CA ASP A 108 2.86 -24.75 26.78
C ASP A 108 4.27 -25.28 26.79
N ARG A 109 4.80 -25.68 27.94
CA ARG A 109 6.16 -26.23 27.93
C ARG A 109 6.15 -27.60 27.25
N PHE A 110 4.99 -28.25 27.22
CA PHE A 110 4.87 -29.54 26.55
C PHE A 110 5.12 -29.41 25.05
N LYS A 111 5.11 -28.20 24.54
CA LYS A 111 5.36 -28.00 23.12
C LYS A 111 6.84 -28.25 22.85
N LEU A 112 7.63 -28.32 23.91
CA LEU A 112 9.05 -28.57 23.73
C LEU A 112 9.27 -29.96 23.16
N TYR A 113 8.23 -30.79 23.25
CA TYR A 113 8.32 -32.13 22.70
C TYR A 113 8.48 -32.12 21.19
N SER A 114 7.89 -31.14 20.53
CA SER A 114 8.01 -31.08 19.09
C SER A 114 9.47 -31.01 18.68
N ALA A 115 10.32 -30.58 19.61
CA ALA A 115 11.76 -30.51 19.31
C ALA A 115 12.27 -31.94 19.23
N PHE A 116 11.94 -32.71 20.26
CA PHE A 116 12.34 -34.12 20.34
C PHE A 116 11.82 -34.88 19.13
N CYS A 117 10.52 -34.80 18.87
CA CYS A 117 9.93 -35.49 17.75
C CYS A 117 10.61 -35.18 16.42
N ALA A 118 11.15 -33.99 16.30
CA ALA A 118 11.81 -33.62 15.06
C ALA A 118 13.15 -34.32 14.93
N SER A 119 13.92 -34.37 16.00
CA SER A 119 15.22 -35.01 15.95
C SER A 119 15.09 -36.53 15.90
N HIS A 120 14.02 -37.07 16.49
CA HIS A 120 13.83 -38.51 16.50
C HIS A 120 13.78 -39.04 15.07
N THR A 121 13.53 -38.15 14.13
CA THR A 121 13.52 -38.51 12.74
C THR A 121 14.88 -39.05 12.32
N LYS A 122 15.94 -38.52 12.93
CA LYS A 122 17.30 -38.97 12.64
C LYS A 122 17.74 -40.17 13.50
N VAL A 123 17.02 -40.47 14.56
CA VAL A 123 17.40 -41.57 15.43
C VAL A 123 17.66 -42.90 14.73
N PRO A 124 16.71 -43.38 13.91
CA PRO A 124 16.89 -44.65 13.21
C PRO A 124 18.23 -44.75 12.46
N LYS A 125 18.48 -43.82 11.55
CA LYS A 125 19.72 -43.84 10.79
C LYS A 125 20.97 -43.91 11.64
N VAL A 126 20.96 -43.24 12.79
CA VAL A 126 22.10 -43.25 13.68
C VAL A 126 22.27 -44.59 14.40
N LEU A 127 21.19 -45.12 14.97
CA LEU A 127 21.26 -46.39 15.66
C LEU A 127 21.60 -47.57 14.73
N VAL A 128 21.29 -47.44 13.45
CA VAL A 128 21.60 -48.50 12.50
C VAL A 128 23.08 -48.48 12.17
N LYS A 129 23.86 -47.83 13.04
CA LYS A 129 25.30 -47.75 12.89
C LYS A 129 25.91 -48.82 13.78
N ALA A 130 25.12 -49.28 14.75
CA ALA A 130 25.57 -50.33 15.67
C ALA A 130 25.72 -51.60 14.83
N LYS A 131 24.83 -51.75 13.86
CA LYS A 131 24.85 -52.89 12.94
C LYS A 131 26.18 -52.90 12.19
N THR A 132 26.85 -51.76 12.19
CA THR A 132 28.12 -51.60 11.50
C THR A 132 29.33 -51.70 12.44
N ASP A 133 29.47 -50.73 13.33
CA ASP A 133 30.60 -50.71 14.27
C ASP A 133 30.44 -51.68 15.43
N THR A 134 31.10 -52.83 15.33
CA THR A 134 31.04 -53.85 16.37
C THR A 134 31.31 -53.21 17.74
N ALA A 135 32.21 -52.22 17.76
CA ALA A 135 32.57 -51.51 18.98
C ALA A 135 31.34 -50.87 19.61
N PHE A 136 30.61 -50.10 18.81
CA PHE A 136 29.40 -49.43 19.27
C PHE A 136 28.39 -50.47 19.74
N LYS A 137 28.05 -51.40 18.86
CA LYS A 137 27.10 -52.46 19.18
C LYS A 137 27.47 -53.06 20.54
N ALA A 138 28.76 -53.20 20.76
CA ALA A 138 29.27 -53.76 22.02
C ALA A 138 28.82 -52.91 23.21
N PHE A 139 29.06 -51.61 23.11
CA PHE A 139 28.70 -50.66 24.14
C PHE A 139 27.23 -50.76 24.53
N LEU A 140 26.37 -50.70 23.51
CA LEU A 140 24.94 -50.76 23.76
C LEU A 140 24.52 -51.99 24.53
N ASP A 141 25.00 -53.16 24.09
CA ASP A 141 24.64 -54.41 24.77
C ASP A 141 25.12 -54.35 26.22
N ALA A 142 26.31 -53.81 26.42
CA ALA A 142 26.87 -53.69 27.75
C ALA A 142 25.93 -52.91 28.67
N GLN A 143 25.33 -51.86 28.13
CA GLN A 143 24.43 -51.02 28.91
C GLN A 143 23.06 -51.68 29.10
N ASN A 144 22.77 -52.70 28.30
CA ASN A 144 21.51 -53.43 28.39
C ASN A 144 21.85 -54.87 28.79
N PRO A 145 22.24 -55.07 30.06
CA PRO A 145 22.60 -56.40 30.57
C PRO A 145 21.50 -57.43 30.43
N ARG A 146 20.31 -57.08 30.90
CA ARG A 146 19.15 -57.97 30.84
C ARG A 146 18.86 -58.49 29.43
N GLN A 147 19.57 -57.98 28.42
CA GLN A 147 19.33 -58.42 27.05
C GLN A 147 17.84 -58.29 26.73
N GLN A 148 17.23 -57.23 27.24
CA GLN A 148 15.80 -56.99 27.05
C GLN A 148 15.53 -55.85 26.06
N HIS A 149 14.73 -56.13 25.03
CA HIS A 149 14.40 -55.14 24.00
C HIS A 149 13.83 -53.85 24.63
N SER A 150 12.91 -54.04 25.56
CA SER A 150 12.28 -52.94 26.25
C SER A 150 13.32 -52.11 26.97
N SER A 151 14.58 -52.53 26.94
CA SER A 151 15.63 -51.79 27.62
C SER A 151 16.71 -51.31 26.68
N THR A 152 16.49 -51.54 25.39
CA THR A 152 17.45 -51.10 24.38
C THR A 152 17.36 -49.57 24.28
N LEU A 153 18.30 -48.96 23.58
CA LEU A 153 18.27 -47.51 23.45
C LEU A 153 17.02 -47.06 22.67
N GLU A 154 16.59 -47.83 21.66
CA GLU A 154 15.44 -47.46 20.85
C GLU A 154 14.16 -47.43 21.68
N SER A 155 14.09 -48.29 22.68
CA SER A 155 12.90 -48.36 23.50
C SER A 155 12.76 -47.15 24.41
N TYR A 156 13.88 -46.53 24.79
CA TYR A 156 13.81 -45.36 25.64
C TYR A 156 13.47 -44.13 24.81
N LEU A 157 14.23 -43.93 23.74
CA LEU A 157 14.03 -42.79 22.86
C LEU A 157 12.66 -42.67 22.20
N ILE A 158 11.76 -43.61 22.43
CA ILE A 158 10.44 -43.50 21.82
C ILE A 158 9.43 -43.11 22.90
N LYS A 159 9.80 -43.36 24.16
CA LYS A 159 8.94 -43.06 25.31
C LYS A 159 8.36 -41.65 25.37
N PRO A 160 9.19 -40.61 25.16
CA PRO A 160 8.70 -39.24 25.20
C PRO A 160 7.51 -39.04 24.24
N ILE A 161 7.70 -39.49 23.00
CA ILE A 161 6.69 -39.40 21.96
C ILE A 161 5.42 -40.13 22.32
N GLN A 162 5.57 -41.18 23.13
CA GLN A 162 4.41 -41.95 23.52
C GLN A 162 3.70 -41.30 24.71
N ARG A 163 4.50 -40.83 25.66
CA ARG A 163 3.98 -40.23 26.87
C ARG A 163 3.04 -39.03 26.69
N VAL A 164 3.44 -38.01 25.93
CA VAL A 164 2.55 -36.86 25.74
C VAL A 164 1.19 -37.31 25.24
N LEU A 165 1.20 -38.12 24.19
CA LEU A 165 -0.04 -38.62 23.58
C LEU A 165 -0.91 -39.51 24.46
N LYS A 166 -0.41 -39.88 25.64
CA LYS A 166 -1.18 -40.71 26.57
C LYS A 166 -2.05 -39.84 27.46
N TYR A 167 -1.57 -38.63 27.71
CA TYR A 167 -2.24 -37.70 28.60
C TYR A 167 -3.72 -37.47 28.27
N PRO A 168 -4.03 -37.09 27.02
CA PRO A 168 -5.45 -36.91 26.75
C PRO A 168 -6.28 -38.17 27.04
N LEU A 169 -5.70 -39.34 26.85
CA LEU A 169 -6.43 -40.58 27.12
C LEU A 169 -6.76 -40.71 28.60
N LEU A 170 -5.80 -40.45 29.46
CA LEU A 170 -6.01 -40.54 30.90
C LEU A 170 -7.07 -39.52 31.34
N LEU A 171 -6.97 -38.32 30.79
CA LEU A 171 -7.91 -37.27 31.12
C LEU A 171 -9.33 -37.64 30.70
N ARG A 172 -9.50 -38.17 29.49
CA ARG A 172 -10.85 -38.56 29.06
C ARG A 172 -11.46 -39.60 29.98
N GLU A 173 -10.62 -40.35 30.67
CA GLU A 173 -11.15 -41.35 31.58
C GLU A 173 -11.66 -40.72 32.85
N LEU A 174 -10.92 -39.74 33.38
CA LEU A 174 -11.35 -39.05 34.58
C LEU A 174 -12.64 -38.34 34.19
N PHE A 175 -12.64 -37.81 32.99
CA PHE A 175 -13.80 -37.10 32.48
C PHE A 175 -15.07 -37.95 32.52
N ALA A 176 -14.97 -39.19 32.06
CA ALA A 176 -16.12 -40.09 32.01
C ALA A 176 -16.65 -40.50 33.37
N LEU A 177 -15.85 -40.33 34.42
CA LEU A 177 -16.29 -40.71 35.76
C LEU A 177 -16.88 -39.53 36.56
N THR A 178 -17.04 -38.39 35.92
CA THR A 178 -17.58 -37.24 36.62
C THR A 178 -18.94 -36.84 36.08
N ASP A 179 -19.82 -36.42 36.99
CA ASP A 179 -21.17 -36.01 36.61
C ASP A 179 -21.13 -34.98 35.49
N ALA A 180 -21.94 -35.24 34.45
CA ALA A 180 -22.01 -34.37 33.28
C ALA A 180 -22.41 -32.94 33.58
N GLU A 181 -22.95 -32.69 34.77
CA GLU A 181 -23.40 -31.36 35.15
C GLU A 181 -22.47 -30.65 36.13
N SER A 182 -21.50 -31.38 36.66
CA SER A 182 -20.56 -30.81 37.63
C SER A 182 -19.49 -29.90 37.04
N GLU A 183 -18.83 -29.17 37.92
CA GLU A 183 -17.74 -28.30 37.48
C GLU A 183 -16.52 -29.17 37.25
N GLU A 184 -16.33 -30.21 38.07
CA GLU A 184 -15.20 -31.12 37.87
C GLU A 184 -15.24 -31.54 36.41
N HIS A 185 -16.43 -31.89 35.95
CA HIS A 185 -16.63 -32.32 34.58
C HIS A 185 -16.16 -31.22 33.63
N TYR A 186 -16.77 -30.04 33.75
CA TYR A 186 -16.39 -28.91 32.92
C TYR A 186 -14.88 -28.62 32.96
N HIS A 187 -14.29 -28.71 34.15
CA HIS A 187 -12.88 -28.41 34.27
C HIS A 187 -12.04 -29.38 33.46
N LEU A 188 -12.31 -30.67 33.63
CA LEU A 188 -11.59 -31.71 32.89
C LEU A 188 -11.72 -31.46 31.39
N ASP A 189 -12.93 -31.16 30.96
CA ASP A 189 -13.17 -30.87 29.56
C ASP A 189 -12.22 -29.76 29.08
N VAL A 190 -11.94 -28.80 29.94
CA VAL A 190 -11.01 -27.72 29.60
C VAL A 190 -9.59 -28.31 29.49
N ALA A 191 -9.24 -29.17 30.44
CA ALA A 191 -7.94 -29.82 30.49
C ALA A 191 -7.71 -30.68 29.23
N ILE A 192 -8.74 -31.40 28.82
CA ILE A 192 -8.66 -32.22 27.64
C ILE A 192 -8.45 -31.40 26.38
N LYS A 193 -9.35 -30.46 26.09
CA LYS A 193 -9.17 -29.62 24.91
C LYS A 193 -7.75 -29.06 24.86
N THR A 194 -7.24 -28.63 26.00
CA THR A 194 -5.91 -28.06 26.05
C THR A 194 -4.88 -29.06 25.54
N MSE A 195 -4.77 -30.19 26.24
CA MSE A 195 -3.81 -31.21 25.85
C MSE A 195 -3.96 -31.68 24.41
O MSE A 195 -2.96 -31.86 23.71
CB MSE A 195 -3.85 -32.39 26.82
CG MSE A 195 -3.32 -32.04 28.22
SE MSE A 195 -1.68 -31.22 28.21
CE MSE A 195 -0.74 -32.35 27.20
N ASN A 196 -5.18 -31.86 23.94
CA ASN A 196 -5.35 -32.25 22.55
C ASN A 196 -4.65 -31.20 21.68
N LYS A 197 -4.82 -29.92 22.00
CA LYS A 197 -4.18 -28.88 21.20
C LYS A 197 -2.68 -29.05 21.26
N VAL A 198 -2.16 -29.43 22.43
CA VAL A 198 -0.73 -29.65 22.57
C VAL A 198 -0.32 -30.71 21.57
N ALA A 199 -1.03 -31.84 21.63
CA ALA A 199 -0.76 -32.96 20.75
C ALA A 199 -0.85 -32.51 19.32
N SER A 200 -1.99 -31.93 18.97
CA SER A 200 -2.20 -31.44 17.62
C SER A 200 -1.09 -30.48 17.20
N HIS A 201 -0.62 -29.65 18.12
CA HIS A 201 0.45 -28.71 17.81
C HIS A 201 1.76 -29.46 17.53
N ILE A 202 2.04 -30.52 18.30
CA ILE A 202 3.27 -31.29 18.11
C ILE A 202 3.20 -31.86 16.70
N ASN A 203 2.03 -32.38 16.35
CA ASN A 203 1.87 -32.96 15.05
C ASN A 203 2.08 -31.94 13.94
N GLU A 204 1.47 -30.78 14.08
CA GLU A 204 1.64 -29.74 13.05
C GLU A 204 3.09 -29.37 12.90
N MSE A 205 3.79 -29.26 14.02
CA MSE A 205 5.21 -28.91 13.98
C MSE A 205 5.99 -29.97 13.23
O MSE A 205 6.90 -29.64 12.46
CB MSE A 205 5.76 -28.74 15.40
CG MSE A 205 5.24 -27.54 16.16
SE MSE A 205 5.67 -25.94 15.39
CE MSE A 205 4.47 -25.81 14.07
N GLN A 206 5.62 -31.24 13.45
CA GLN A 206 6.31 -32.33 12.79
C GLN A 206 6.11 -32.24 11.27
N LYS A 207 4.87 -31.97 10.86
CA LYS A 207 4.58 -31.86 9.45
C LYS A 207 5.48 -30.82 8.81
N ILE A 208 5.72 -29.71 9.49
CA ILE A 208 6.59 -28.66 8.96
C ILE A 208 8.02 -29.15 8.89
N HIS A 209 8.48 -29.78 9.96
CA HIS A 209 9.83 -30.30 10.01
C HIS A 209 10.07 -31.27 8.87
N GLU A 210 9.09 -32.13 8.60
CA GLU A 210 9.23 -33.07 7.51
C GLU A 210 9.48 -32.34 6.19
N GLU A 211 8.76 -31.26 5.95
CA GLU A 211 8.94 -30.52 4.71
C GLU A 211 10.09 -29.53 4.63
N PHE A 212 10.45 -28.85 5.72
CA PHE A 212 11.54 -27.89 5.63
C PHE A 212 12.75 -28.19 6.47
N GLY A 213 12.69 -29.25 7.25
CA GLY A 213 13.85 -29.56 8.09
C GLY A 213 15.13 -29.42 7.30
N ALA A 214 15.16 -30.01 6.12
CA ALA A 214 16.33 -29.96 5.25
C ALA A 214 16.83 -28.52 5.13
N VAL A 215 15.99 -27.65 4.56
CA VAL A 215 16.31 -26.24 4.36
C VAL A 215 16.74 -25.56 5.65
N PHE A 216 15.96 -25.73 6.71
CA PHE A 216 16.30 -25.12 7.99
C PHE A 216 17.73 -25.50 8.37
N ASP A 217 18.09 -26.76 8.14
CA ASP A 217 19.44 -27.23 8.46
C ASP A 217 20.48 -26.50 7.61
N GLN A 218 20.25 -26.46 6.31
CA GLN A 218 21.17 -25.77 5.42
C GLN A 218 21.38 -24.33 5.86
N LEU A 219 20.31 -23.67 6.31
CA LEU A 219 20.44 -22.29 6.74
C LEU A 219 21.25 -22.17 8.02
N ILE A 220 21.06 -23.07 8.97
CA ILE A 220 21.83 -23.00 10.21
C ILE A 220 23.30 -23.21 9.86
N ALA A 221 23.60 -24.28 9.13
CA ALA A 221 24.97 -24.54 8.69
C ALA A 221 25.07 -23.57 7.53
N GLU A 222 26.16 -23.61 6.78
CA GLU A 222 26.26 -22.70 5.63
C GLU A 222 26.16 -21.24 6.06
N GLN A 223 26.06 -21.01 7.36
CA GLN A 223 25.92 -19.65 7.85
C GLN A 223 27.10 -18.78 7.40
N THR A 224 26.91 -18.22 6.21
CA THR A 224 27.85 -17.34 5.51
C THR A 224 29.08 -16.85 6.26
N GLY A 225 30.11 -17.68 6.29
CA GLY A 225 31.34 -17.31 6.97
C GLY A 225 31.12 -17.06 8.44
N GLU A 226 29.90 -16.66 8.80
CA GLU A 226 29.55 -16.39 10.18
C GLU A 226 29.90 -17.61 11.01
N LYS A 227 30.22 -17.37 12.28
CA LYS A 227 30.59 -18.45 13.18
C LYS A 227 29.38 -18.83 14.02
N LYS A 228 28.28 -19.13 13.33
CA LYS A 228 27.03 -19.52 13.97
C LYS A 228 26.46 -18.37 14.80
N GLU A 229 25.79 -17.44 14.12
CA GLU A 229 25.17 -16.30 14.78
C GLU A 229 23.84 -16.76 15.34
N VAL A 230 23.21 -17.70 14.64
CA VAL A 230 21.92 -18.25 15.04
C VAL A 230 22.08 -19.65 15.62
N ALA A 231 22.55 -20.56 14.76
CA ALA A 231 22.77 -21.95 15.15
C ALA A 231 21.66 -22.52 16.02
N ASP A 232 20.48 -22.66 15.44
CA ASP A 232 19.32 -23.19 16.16
C ASP A 232 17.98 -22.72 15.62
N LEU A 233 17.33 -23.55 14.82
CA LEU A 233 15.99 -23.22 14.33
C LEU A 233 15.16 -24.39 14.81
N SER A 234 15.06 -24.53 16.13
CA SER A 234 14.32 -25.65 16.69
C SER A 234 12.83 -25.46 16.59
N MSE A 235 12.14 -26.57 16.37
CA MSE A 235 10.69 -26.53 16.27
C MSE A 235 10.10 -26.15 17.63
O MSE A 235 8.88 -25.95 17.76
CB MSE A 235 10.16 -27.89 15.79
CG MSE A 235 10.82 -28.33 14.51
SE MSE A 235 10.75 -27.10 13.18
CE MSE A 235 8.91 -27.17 12.86
N GLY A 236 10.96 -26.03 18.62
CA GLY A 236 10.51 -25.63 19.93
C GLY A 236 10.37 -24.12 20.00
N ASP A 237 10.98 -23.42 19.05
CA ASP A 237 10.89 -21.98 19.02
C ASP A 237 10.11 -21.41 17.82
N LEU A 238 9.32 -22.23 17.15
CA LEU A 238 8.57 -21.75 16.00
C LEU A 238 7.31 -21.11 16.57
N LEU A 239 7.21 -19.79 16.42
CA LEU A 239 6.06 -19.08 16.97
C LEU A 239 4.93 -18.99 15.99
N LEU A 240 5.24 -18.87 14.72
CA LEU A 240 4.20 -18.77 13.73
C LEU A 240 4.76 -19.02 12.37
N HIS A 241 3.93 -19.63 11.52
CA HIS A 241 4.33 -19.92 10.16
C HIS A 241 3.13 -19.59 9.28
N THR A 242 3.38 -18.93 8.15
CA THR A 242 2.31 -18.58 7.23
C THR A 242 2.84 -18.49 5.81
N SER A 243 1.91 -18.49 4.88
CA SER A 243 2.23 -18.40 3.48
C SER A 243 1.98 -16.95 3.13
N VAL A 244 2.91 -16.33 2.43
CA VAL A 244 2.75 -14.93 2.07
C VAL A 244 3.14 -14.73 0.60
N ILE A 245 2.78 -13.60 0.00
CA ILE A 245 3.16 -13.36 -1.39
C ILE A 245 4.31 -12.37 -1.49
N TRP A 246 5.34 -12.76 -2.23
CA TRP A 246 6.55 -11.97 -2.41
C TRP A 246 6.36 -10.95 -3.52
N LEU A 247 6.05 -9.72 -3.14
CA LEU A 247 5.80 -8.65 -4.09
C LEU A 247 7.02 -8.13 -4.83
N ASN A 248 8.19 -8.18 -4.19
CA ASN A 248 9.41 -7.68 -4.83
C ASN A 248 10.47 -8.76 -5.05
N PRO A 249 10.11 -9.82 -5.79
CA PRO A 249 11.04 -10.92 -6.06
C PRO A 249 12.16 -10.51 -7.01
N PRO A 250 13.27 -11.26 -7.01
CA PRO A 250 14.36 -10.91 -7.90
C PRO A 250 13.84 -10.98 -9.35
N ALA A 251 14.53 -10.29 -10.26
CA ALA A 251 14.13 -10.26 -11.66
C ALA A 251 13.93 -11.63 -12.31
N SER A 252 14.75 -12.60 -11.93
CA SER A 252 14.64 -13.96 -12.48
C SER A 252 13.22 -14.51 -12.27
N LEU A 253 12.83 -14.59 -11.01
CA LEU A 253 11.52 -15.10 -10.62
C LEU A 253 10.38 -14.16 -11.01
N GLY A 254 10.43 -12.93 -10.51
CA GLY A 254 9.39 -11.96 -10.80
C GLY A 254 8.95 -11.84 -12.24
N LYS A 255 9.90 -11.97 -13.16
CA LYS A 255 9.62 -11.86 -14.58
C LYS A 255 8.87 -13.06 -15.15
N TRP A 256 8.65 -14.08 -14.33
CA TRP A 256 7.92 -15.26 -14.77
C TRP A 256 6.66 -15.52 -13.97
N LYS A 257 6.69 -15.12 -12.71
CA LYS A 257 5.54 -15.35 -11.86
C LYS A 257 5.10 -14.03 -11.25
N LYS A 258 3.94 -13.57 -11.70
CA LYS A 258 3.36 -12.33 -11.24
C LYS A 258 3.62 -12.11 -9.74
N GLU A 259 3.18 -13.06 -8.93
CA GLU A 259 3.34 -12.94 -7.50
C GLU A 259 3.74 -14.27 -6.84
N PRO A 260 5.05 -14.52 -6.74
CA PRO A 260 5.63 -15.72 -6.14
C PRO A 260 5.16 -15.82 -4.70
N GLU A 261 5.13 -17.04 -4.17
CA GLU A 261 4.67 -17.27 -2.81
C GLU A 261 5.78 -17.83 -1.94
N LEU A 262 5.94 -17.29 -0.74
CA LEU A 262 6.97 -17.77 0.17
C LEU A 262 6.36 -18.37 1.43
N ALA A 263 7.12 -19.23 2.09
CA ALA A 263 6.68 -19.82 3.34
C ALA A 263 7.45 -18.97 4.32
N ALA A 264 6.74 -18.43 5.30
CA ALA A 264 7.37 -17.58 6.30
C ALA A 264 7.37 -18.27 7.63
N PHE A 265 8.49 -18.23 8.33
CA PHE A 265 8.56 -18.85 9.64
C PHE A 265 9.16 -17.85 10.64
N VAL A 266 8.46 -17.66 11.75
CA VAL A 266 8.91 -16.75 12.78
C VAL A 266 9.42 -17.56 13.98
N PHE A 267 10.73 -17.71 14.08
CA PHE A 267 11.33 -18.46 15.18
C PHE A 267 11.80 -17.44 16.21
N LYS A 268 11.89 -17.87 17.47
CA LYS A 268 12.37 -16.96 18.51
C LYS A 268 13.71 -16.37 18.12
N THR A 269 14.49 -17.10 17.33
CA THR A 269 15.81 -16.63 16.97
C THR A 269 16.00 -16.09 15.58
N ALA A 270 14.94 -16.11 14.77
CA ALA A 270 15.05 -15.59 13.41
C ALA A 270 13.78 -15.73 12.61
N VAL A 271 13.77 -15.08 11.46
CA VAL A 271 12.65 -15.14 10.56
C VAL A 271 13.15 -15.84 9.31
N VAL A 272 12.43 -16.87 8.88
CA VAL A 272 12.88 -17.58 7.71
C VAL A 272 11.89 -17.50 6.58
N LEU A 273 12.44 -17.22 5.40
CA LEU A 273 11.65 -17.13 4.21
C LEU A 273 12.13 -18.28 3.34
N VAL A 274 11.18 -18.97 2.73
CA VAL A 274 11.49 -20.09 1.86
C VAL A 274 10.51 -20.10 0.70
N TYR A 275 11.01 -20.25 -0.51
CA TYR A 275 10.13 -20.31 -1.66
C TYR A 275 9.79 -21.77 -1.86
N LYS A 276 8.50 -22.10 -1.95
CA LYS A 276 8.10 -23.50 -2.13
C LYS A 276 7.79 -23.82 -3.60
N ASP A 277 6.51 -23.79 -3.93
CA ASP A 277 6.05 -24.07 -5.29
C ASP A 277 6.47 -25.48 -5.73
N GLY A 278 5.63 -26.46 -5.42
CA GLY A 278 5.93 -27.83 -5.80
C GLY A 278 5.05 -28.31 -6.93
N SER A 279 5.67 -28.92 -7.93
CA SER A 279 4.94 -29.43 -9.09
C SER A 279 5.63 -30.65 -9.69
N LYS A 280 6.50 -31.28 -8.91
CA LYS A 280 7.23 -32.46 -9.37
C LYS A 280 6.63 -33.73 -8.78
N GLN A 281 7.15 -34.88 -9.21
CA GLN A 281 6.68 -36.16 -8.73
C GLN A 281 5.18 -36.33 -8.98
N LYS A 282 4.70 -35.75 -10.08
CA LYS A 282 3.30 -35.84 -10.43
C LYS A 282 3.11 -36.36 -11.85
N LYS A 283 1.93 -36.88 -12.15
CA LYS A 283 1.61 -37.41 -13.46
C LYS A 283 2.56 -38.55 -13.82
N LYS A 284 2.08 -39.78 -13.64
CA LYS A 284 2.88 -40.97 -13.96
C LYS A 284 3.34 -40.96 -15.41
N LEU A 285 2.52 -40.40 -16.29
CA LEU A 285 2.83 -40.34 -17.71
C LEU A 285 3.81 -39.20 -18.00
N VAL A 286 5.11 -39.51 -17.94
CA VAL A 286 6.14 -38.52 -18.19
C VAL A 286 7.52 -39.17 -18.30
N GLY A 287 8.34 -38.67 -19.21
CA GLY A 287 9.67 -39.22 -19.39
C GLY A 287 10.76 -38.19 -19.11
N SER A 288 11.61 -38.50 -18.14
CA SER A 288 12.70 -37.60 -17.77
C SER A 288 14.05 -38.14 -18.24
N HIS A 289 14.70 -38.90 -17.36
CA HIS A 289 16.01 -39.49 -17.66
C HIS A 289 17.01 -38.39 -18.01
N ARG A 290 17.16 -38.13 -19.31
CA ARG A 290 18.09 -37.10 -19.78
C ARG A 290 17.57 -36.45 -21.06
N LEU A 291 16.74 -37.19 -21.80
CA LEU A 291 16.18 -36.68 -23.05
C LEU A 291 14.93 -35.86 -22.80
N SER A 292 14.80 -35.35 -21.58
CA SER A 292 13.63 -34.54 -21.21
C SER A 292 13.90 -33.07 -21.48
N ILE A 293 15.16 -32.72 -21.70
CA ILE A 293 15.56 -31.35 -21.98
C ILE A 293 15.22 -30.43 -20.80
N TYR A 294 13.97 -29.95 -20.78
CA TYR A 294 13.51 -29.07 -19.71
C TYR A 294 13.44 -29.82 -18.38
N GLU A 295 12.98 -29.14 -17.35
CA GLU A 295 12.85 -29.72 -16.01
C GLU A 295 14.21 -30.10 -15.43
N GLU A 296 14.28 -30.17 -14.11
CA GLU A 296 15.52 -30.52 -13.43
C GLU A 296 16.64 -29.54 -13.73
N TRP A 297 16.59 -28.37 -13.10
CA TRP A 297 17.59 -27.33 -13.30
C TRP A 297 18.41 -27.14 -12.03
N ASP A 298 17.74 -27.27 -10.89
CA ASP A 298 18.38 -27.11 -9.58
C ASP A 298 17.45 -27.61 -8.49
N PRO A 299 17.99 -28.34 -7.50
CA PRO A 299 17.21 -28.88 -6.39
C PRO A 299 16.40 -27.82 -5.64
N PHE A 300 17.10 -26.96 -4.89
CA PHE A 300 16.44 -25.90 -4.13
C PHE A 300 16.12 -24.69 -4.99
N ARG A 301 15.43 -23.73 -4.41
CA ARG A 301 15.05 -22.50 -5.10
C ARG A 301 15.57 -21.29 -4.33
N PHE A 302 14.68 -20.69 -3.55
CA PHE A 302 15.00 -19.52 -2.73
C PHE A 302 14.77 -19.74 -1.23
N ARG A 303 15.84 -19.55 -0.46
CA ARG A 303 15.78 -19.69 1.00
C ARG A 303 16.49 -18.46 1.55
N HIS A 304 16.27 -18.15 2.82
CA HIS A 304 16.88 -16.96 3.42
C HIS A 304 16.58 -16.86 4.91
N MSE A 305 17.61 -16.65 5.71
CA MSE A 305 17.44 -16.54 7.16
C MSE A 305 17.88 -15.20 7.71
O MSE A 305 19.03 -14.80 7.56
CB MSE A 305 18.21 -17.65 7.88
CG MSE A 305 18.05 -17.61 9.38
SE MSE A 305 18.97 -18.90 10.23
CE MSE A 305 20.65 -18.50 9.72
N ILE A 306 16.95 -14.49 8.34
CA ILE A 306 17.24 -13.20 8.92
C ILE A 306 17.27 -13.34 10.43
N PRO A 307 18.47 -13.25 11.04
CA PRO A 307 18.63 -13.37 12.49
C PRO A 307 17.89 -12.23 13.19
N THR A 308 17.39 -12.47 14.39
CA THR A 308 16.67 -11.43 15.11
C THR A 308 17.54 -10.20 15.30
N GLU A 309 18.85 -10.41 15.44
CA GLU A 309 19.79 -9.31 15.64
C GLU A 309 19.81 -8.30 14.48
N ALA A 310 19.45 -8.76 13.28
CA ALA A 310 19.46 -7.90 12.11
C ALA A 310 18.06 -7.82 11.45
N LEU A 311 17.04 -8.20 12.20
CA LEU A 311 15.69 -8.23 11.70
C LEU A 311 14.92 -6.96 12.05
N GLN A 312 14.55 -6.22 11.01
CA GLN A 312 13.80 -4.99 11.16
C GLN A 312 12.46 -5.19 10.43
N VAL A 313 11.36 -4.75 11.03
CA VAL A 313 10.04 -4.93 10.43
C VAL A 313 9.08 -3.74 10.50
N ARG A 314 8.64 -3.27 9.34
CA ARG A 314 7.69 -2.15 9.28
C ARG A 314 6.48 -2.52 8.44
N ALA A 315 5.29 -2.37 9.00
CA ALA A 315 4.05 -2.65 8.27
C ALA A 315 3.77 -1.44 7.38
N LEU A 316 3.79 -1.65 6.07
CA LEU A 316 3.58 -0.56 5.11
C LEU A 316 2.24 0.16 5.24
N PRO A 317 2.28 1.50 5.22
CA PRO A 317 1.09 2.34 5.32
C PRO A 317 0.26 2.25 4.05
N SER A 318 -1.06 2.23 4.19
CA SER A 318 -1.93 2.15 3.03
C SER A 318 -2.99 3.23 3.04
N ALA A 319 -3.46 3.61 1.85
CA ALA A 319 -4.50 4.61 1.74
C ALA A 319 -5.70 4.10 2.54
N ASP A 320 -6.12 2.89 2.20
CA ASP A 320 -7.24 2.24 2.88
C ASP A 320 -6.67 1.28 3.91
N ALA A 321 -5.84 1.80 4.80
CA ALA A 321 -5.21 1.01 5.87
C ALA A 321 -6.25 0.25 6.68
N GLU A 322 -5.76 -0.63 7.56
CA GLU A 322 -6.62 -1.47 8.39
C GLU A 322 -7.23 -2.56 7.51
N ALA A 323 -6.91 -2.48 6.23
CA ALA A 323 -7.40 -3.42 5.23
C ALA A 323 -6.19 -3.93 4.44
N ASN A 324 -5.08 -3.20 4.55
CA ASN A 324 -3.84 -3.56 3.87
C ASN A 324 -3.25 -4.81 4.49
N ALA A 325 -2.74 -5.70 3.66
CA ALA A 325 -2.15 -6.94 4.13
C ALA A 325 -0.67 -6.98 3.74
N VAL A 326 -0.11 -5.81 3.51
CA VAL A 326 1.29 -5.69 3.12
C VAL A 326 2.17 -5.17 4.25
N CYS A 327 3.43 -5.58 4.23
CA CYS A 327 4.42 -5.18 5.22
C CYS A 327 5.77 -5.61 4.71
N GLU A 328 6.84 -5.17 5.36
CA GLU A 328 8.16 -5.55 4.90
C GLU A 328 9.15 -5.94 5.96
N ILE A 329 9.86 -7.02 5.65
CA ILE A 329 10.86 -7.56 6.54
C ILE A 329 12.18 -7.08 5.99
N VAL A 330 13.03 -6.60 6.88
CA VAL A 330 14.31 -6.08 6.45
C VAL A 330 15.48 -6.76 7.11
N HIS A 331 16.45 -7.18 6.30
CA HIS A 331 17.65 -7.81 6.83
C HIS A 331 18.67 -6.67 6.75
N VAL A 332 18.78 -5.90 7.83
CA VAL A 332 19.67 -4.75 7.89
C VAL A 332 21.06 -5.02 7.34
N LYS A 333 21.68 -3.95 6.83
CA LYS A 333 23.02 -4.00 6.25
C LYS A 333 24.08 -4.22 7.31
N SER A 334 25.31 -4.42 6.84
CA SER A 334 26.42 -4.63 7.74
C SER A 334 27.69 -4.03 7.15
N GLU A 335 28.12 -2.90 7.71
CA GLU A 335 29.34 -2.22 7.25
C GLU A 335 30.44 -3.27 7.24
N SER A 336 30.73 -3.80 8.43
CA SER A 336 31.73 -4.84 8.57
C SER A 336 31.04 -6.03 7.93
N GLU A 337 31.77 -7.11 7.68
CA GLU A 337 31.14 -8.27 7.05
C GLU A 337 30.77 -7.93 5.59
N GLY A 338 30.55 -6.64 5.33
CA GLY A 338 30.21 -6.19 3.99
C GLY A 338 28.93 -6.81 3.45
N ARG A 339 27.81 -6.54 4.11
CA ARG A 339 26.52 -7.10 3.71
C ARG A 339 25.49 -6.00 3.55
N PRO A 340 24.95 -5.84 2.33
CA PRO A 340 23.94 -4.86 1.94
C PRO A 340 22.59 -5.10 2.62
N GLU A 341 21.75 -4.07 2.65
CA GLU A 341 20.43 -4.18 3.23
C GLU A 341 19.58 -5.05 2.30
N ARG A 342 18.73 -5.88 2.88
CA ARG A 342 17.86 -6.75 2.10
C ARG A 342 16.44 -6.49 2.58
N VAL A 343 15.56 -6.18 1.63
CA VAL A 343 14.18 -5.90 1.98
C VAL A 343 13.21 -6.81 1.29
N PHE A 344 12.24 -7.31 2.05
CA PHE A 344 11.24 -8.20 1.48
C PHE A 344 9.83 -7.63 1.65
N HIS A 345 9.17 -7.30 0.55
CA HIS A 345 7.81 -6.79 0.60
C HIS A 345 6.90 -8.00 0.58
N LEU A 346 6.24 -8.28 1.69
CA LEU A 346 5.41 -9.46 1.77
C LEU A 346 3.93 -9.14 1.93
N CYS A 347 3.10 -9.79 1.13
CA CYS A 347 1.67 -9.56 1.22
C CYS A 347 1.00 -10.78 1.82
N CYS A 348 0.52 -10.64 3.04
CA CYS A 348 -0.17 -11.75 3.72
C CYS A 348 -1.47 -12.09 3.03
N SER A 349 -2.02 -13.25 3.35
CA SER A 349 -3.27 -13.70 2.74
C SER A 349 -4.50 -12.96 3.26
N SER A 350 -4.32 -12.15 4.29
CA SER A 350 -5.44 -11.41 4.85
C SER A 350 -4.95 -10.52 5.97
N PRO A 351 -5.73 -9.47 6.29
CA PRO A 351 -5.35 -8.54 7.35
C PRO A 351 -5.12 -9.24 8.69
N GLU A 352 -5.87 -10.30 8.96
CA GLU A 352 -5.70 -11.04 10.21
C GLU A 352 -4.31 -11.70 10.19
N SER A 353 -3.98 -12.29 9.05
CA SER A 353 -2.71 -12.95 8.89
C SER A 353 -1.60 -11.92 9.13
N ARG A 354 -1.73 -10.73 8.55
CA ARG A 354 -0.73 -9.68 8.72
C ARG A 354 -0.64 -9.30 10.19
N LYS A 355 -1.81 -9.15 10.81
CA LYS A 355 -1.89 -8.81 12.22
C LYS A 355 -1.05 -9.81 13.02
N ASP A 356 -1.35 -11.10 12.85
CA ASP A 356 -0.64 -12.15 13.55
C ASP A 356 0.86 -12.23 13.20
N PHE A 357 1.18 -12.07 11.93
CA PHE A 357 2.56 -12.13 11.49
C PHE A 357 3.39 -11.06 12.18
N LEU A 358 2.96 -9.81 12.06
CA LEU A 358 3.68 -8.69 12.68
C LEU A 358 3.73 -8.83 14.21
N LYS A 359 2.60 -9.21 14.80
CA LYS A 359 2.56 -9.39 16.24
C LYS A 359 3.68 -10.34 16.62
N SER A 360 3.76 -11.44 15.88
CA SER A 360 4.77 -12.47 16.09
C SER A 360 6.20 -11.93 15.95
N VAL A 361 6.47 -11.23 14.84
CA VAL A 361 7.80 -10.68 14.61
C VAL A 361 8.20 -9.69 15.69
N HIS A 362 7.28 -8.80 16.05
CA HIS A 362 7.57 -7.81 17.08
C HIS A 362 7.94 -8.54 18.34
N SER A 363 7.22 -9.61 18.61
CA SER A 363 7.47 -10.43 19.79
C SER A 363 8.93 -10.87 19.91
N ILE A 364 9.49 -11.45 18.86
CA ILE A 364 10.86 -11.90 18.95
C ILE A 364 11.81 -10.73 19.08
N LEU A 365 11.46 -9.59 18.52
CA LEU A 365 12.31 -8.41 18.60
C LEU A 365 12.27 -7.86 20.02
N ARG A 366 11.06 -7.79 20.56
CA ARG A 366 10.85 -7.31 21.92
C ARG A 366 11.74 -8.10 22.88
N ASP A 367 11.53 -9.41 22.92
CA ASP A 367 12.31 -10.28 23.81
C ASP A 367 13.81 -10.20 23.53
N LYS A 368 14.19 -10.13 22.25
CA LYS A 368 15.60 -10.02 21.89
C LYS A 368 16.14 -8.81 22.66
N HIS A 369 15.37 -7.73 22.63
CA HIS A 369 15.74 -6.51 23.33
C HIS A 369 16.03 -6.81 24.79
N ARG A 370 15.12 -7.55 25.42
CA ARG A 370 15.28 -7.92 26.83
C ARG A 370 16.65 -8.54 27.08
N ARG A 371 16.87 -9.75 26.58
CA ARG A 371 18.13 -10.47 26.76
C ARG A 371 19.34 -9.58 26.47
N GLN A 372 19.25 -8.77 25.43
CA GLN A 372 20.35 -7.87 25.08
C GLN A 372 20.04 -6.46 25.59
N MET B 1 20.69 -62.67 22.49
CA MET B 1 19.53 -63.39 21.88
C MET B 1 18.82 -62.51 20.86
N GLN B 2 18.17 -63.12 19.88
CA GLN B 2 17.46 -62.37 18.86
C GLN B 2 16.22 -61.67 19.41
N ALA B 3 16.04 -60.41 19.04
CA ALA B 3 14.88 -59.64 19.48
C ALA B 3 13.94 -59.44 18.29
N ILE B 4 12.64 -59.41 18.53
CA ILE B 4 11.72 -59.22 17.41
C ILE B 4 10.99 -58.06 18.07
N LYS B 5 10.73 -56.98 17.34
CA LYS B 5 10.03 -55.83 17.96
C LYS B 5 8.73 -55.87 17.17
N CYS B 6 7.62 -55.93 17.89
CA CYS B 6 6.29 -55.97 17.32
C CYS B 6 5.54 -54.67 17.69
N VAL B 7 4.99 -54.00 16.68
CA VAL B 7 4.25 -52.78 16.91
C VAL B 7 2.79 -53.02 16.56
N VAL B 8 1.92 -52.85 17.55
CA VAL B 8 0.48 -53.04 17.33
C VAL B 8 -0.15 -51.73 16.87
N VAL B 9 -0.79 -51.71 15.71
CA VAL B 9 -1.41 -50.48 15.22
C VAL B 9 -2.89 -50.64 14.89
N GLY B 10 -3.54 -49.53 14.58
CA GLY B 10 -4.97 -49.57 14.25
C GLY B 10 -5.86 -48.63 15.05
N ASP B 11 -7.02 -48.27 14.48
CA ASP B 11 -8.00 -47.40 15.13
C ASP B 11 -8.06 -47.53 16.64
N GLY B 12 -8.40 -46.42 17.29
CA GLY B 12 -8.51 -46.41 18.74
C GLY B 12 -9.82 -47.06 19.14
N ALA B 13 -9.89 -47.58 20.37
CA ALA B 13 -11.12 -48.21 20.84
C ALA B 13 -11.35 -49.52 20.09
N VAL B 14 -10.25 -50.20 19.79
CA VAL B 14 -10.28 -51.47 19.08
C VAL B 14 -9.83 -52.58 20.02
N GLY B 15 -9.16 -52.20 21.09
CA GLY B 15 -8.71 -53.19 22.06
C GLY B 15 -7.20 -53.38 22.16
N LYS B 16 -6.45 -52.67 21.33
CA LYS B 16 -5.01 -52.81 21.35
C LYS B 16 -4.41 -52.88 22.75
N THR B 17 -4.54 -51.82 23.52
CA THR B 17 -3.95 -51.81 24.85
C THR B 17 -4.42 -52.95 25.73
N CYS B 18 -5.73 -53.20 25.73
CA CYS B 18 -6.28 -54.28 26.55
C CYS B 18 -5.66 -55.60 26.11
N LEU B 19 -5.79 -55.85 24.82
CA LEU B 19 -5.24 -57.04 24.19
C LEU B 19 -3.80 -57.30 24.66
N LEU B 20 -2.92 -56.31 24.49
CA LEU B 20 -1.53 -56.43 24.92
C LEU B 20 -1.37 -56.66 26.41
N ILE B 21 -2.27 -56.09 27.20
CA ILE B 21 -2.16 -56.28 28.65
C ILE B 21 -2.61 -57.70 28.96
N SER B 22 -3.79 -58.06 28.46
CA SER B 22 -4.36 -59.38 28.67
C SER B 22 -3.30 -60.44 28.35
N TYR B 23 -2.68 -60.31 27.19
CA TYR B 23 -1.63 -61.25 26.78
C TYR B 23 -0.47 -61.25 27.77
N THR B 24 0.32 -60.20 27.77
CA THR B 24 1.49 -60.11 28.66
C THR B 24 1.20 -60.33 30.14
N THR B 25 -0.06 -60.22 30.54
CA THR B 25 -0.36 -60.40 31.95
C THR B 25 -1.12 -61.71 32.20
N ASN B 26 -1.48 -62.38 31.12
CA ASN B 26 -2.21 -63.66 31.21
C ASN B 26 -3.47 -63.52 32.03
N ALA B 27 -4.11 -62.37 31.95
CA ALA B 27 -5.34 -62.14 32.70
C ALA B 27 -6.06 -60.90 32.21
N PHE B 28 -7.33 -61.05 31.85
CA PHE B 28 -8.09 -59.90 31.41
C PHE B 28 -8.03 -58.86 32.51
N PRO B 29 -7.81 -57.58 32.15
CA PRO B 29 -7.74 -56.51 33.15
C PRO B 29 -8.96 -56.43 34.07
N GLY B 30 -10.15 -56.57 33.50
CA GLY B 30 -11.37 -56.51 34.30
C GLY B 30 -12.24 -55.29 34.06
N GLU B 31 -12.78 -54.72 35.14
CA GLU B 31 -13.60 -53.53 35.00
C GLU B 31 -12.75 -52.32 34.66
N TYR B 32 -11.55 -52.25 35.24
CA TYR B 32 -10.66 -51.14 34.94
C TYR B 32 -9.56 -51.57 33.96
N ILE B 33 -9.64 -51.08 32.74
CA ILE B 33 -8.66 -51.40 31.72
C ILE B 33 -7.64 -50.29 31.64
N PRO B 34 -6.40 -50.55 32.07
CA PRO B 34 -5.38 -49.50 32.02
C PRO B 34 -5.28 -48.81 30.67
N THR B 35 -4.84 -47.56 30.69
CA THR B 35 -4.71 -46.75 29.49
C THR B 35 -3.31 -46.84 28.97
N VAL B 36 -2.37 -47.04 29.88
CA VAL B 36 -0.97 -47.11 29.51
C VAL B 36 -0.41 -48.52 29.53
N PHE B 37 0.38 -48.82 28.50
CA PHE B 37 1.04 -50.11 28.35
C PHE B 37 2.47 -49.79 28.02
N ASP B 38 3.35 -49.90 29.02
CA ASP B 38 4.77 -49.63 28.80
C ASP B 38 5.35 -50.62 27.81
N ASN B 39 6.47 -50.25 27.19
CA ASN B 39 7.13 -51.14 26.24
C ASN B 39 7.43 -52.46 26.93
N TYR B 40 6.93 -53.55 26.35
CA TYR B 40 7.09 -54.90 26.88
C TYR B 40 8.19 -55.70 26.19
N SER B 41 8.83 -56.57 26.96
CA SER B 41 9.90 -57.41 26.43
C SER B 41 9.99 -58.69 27.23
N ALA B 42 9.94 -59.82 26.55
CA ALA B 42 10.04 -61.12 27.24
C ALA B 42 10.60 -62.19 26.32
N ASN B 43 11.33 -63.14 26.92
CA ASN B 43 11.89 -64.25 26.16
C ASN B 43 10.77 -65.21 25.80
N VAL B 44 10.76 -65.64 24.54
CA VAL B 44 9.73 -66.55 24.08
C VAL B 44 10.33 -67.59 23.14
N MET B 45 9.86 -68.83 23.24
CA MET B 45 10.34 -69.89 22.36
C MET B 45 9.22 -70.30 21.41
N VAL B 46 9.54 -70.36 20.12
CA VAL B 46 8.56 -70.72 19.12
C VAL B 46 9.24 -71.60 18.09
N ASP B 47 8.68 -72.81 17.91
CA ASP B 47 9.24 -73.78 16.98
C ASP B 47 10.69 -74.06 17.35
N GLY B 48 10.93 -74.19 18.66
CA GLY B 48 12.27 -74.48 19.15
C GLY B 48 13.26 -73.33 19.11
N LYS B 49 12.90 -72.23 18.44
CA LYS B 49 13.78 -71.08 18.34
C LYS B 49 13.45 -70.06 19.44
N PRO B 50 14.46 -69.67 20.25
CA PRO B 50 14.31 -68.70 21.33
C PRO B 50 14.44 -67.26 20.83
N VAL B 51 13.53 -66.39 21.28
CA VAL B 51 13.57 -64.98 20.88
C VAL B 51 13.09 -64.09 22.02
N ASN B 52 13.50 -62.83 21.96
CA ASN B 52 13.07 -61.84 22.94
C ASN B 52 11.98 -61.05 22.20
N LEU B 53 10.72 -61.30 22.56
CA LEU B 53 9.62 -60.60 21.92
C LEU B 53 9.43 -59.23 22.55
N GLY B 54 9.46 -58.19 21.71
CA GLY B 54 9.28 -56.83 22.19
C GLY B 54 7.93 -56.31 21.74
N LEU B 55 7.15 -55.75 22.65
CA LEU B 55 5.86 -55.22 22.25
C LEU B 55 5.68 -53.72 22.55
N TRP B 56 5.28 -52.98 21.52
CA TRP B 56 5.04 -51.53 21.64
C TRP B 56 3.60 -51.24 21.32
N ASP B 57 2.92 -50.56 22.24
CA ASP B 57 1.52 -50.16 22.04
C ASP B 57 1.57 -48.83 21.26
N THR B 58 0.43 -48.38 20.75
CA THR B 58 0.42 -47.12 20.03
C THR B 58 -0.78 -46.27 20.39
N ALA B 59 -1.40 -46.55 21.52
CA ALA B 59 -2.56 -45.79 21.95
C ALA B 59 -2.23 -44.32 22.11
N GLY B 60 -3.17 -43.48 21.68
CA GLY B 60 -2.98 -42.06 21.78
C GLY B 60 -2.32 -41.39 20.60
N GLN B 61 -1.79 -42.18 19.66
CA GLN B 61 -1.16 -41.58 18.49
C GLN B 61 -1.86 -41.85 17.16
N GLU B 62 -2.98 -42.54 17.20
CA GLU B 62 -3.67 -42.84 15.96
C GLU B 62 -4.18 -41.64 15.19
N ASP B 63 -4.24 -40.48 15.82
CA ASP B 63 -4.72 -39.28 15.13
C ASP B 63 -3.62 -38.31 14.72
N TYR B 64 -2.38 -38.64 15.01
CA TYR B 64 -1.28 -37.77 14.64
C TYR B 64 -0.39 -38.38 13.58
N ASP B 65 -0.84 -38.24 12.35
CA ASP B 65 -0.20 -38.78 11.16
C ASP B 65 1.30 -38.58 10.97
N ARG B 66 1.91 -37.68 11.72
CA ARG B 66 3.35 -37.43 11.59
C ARG B 66 4.12 -37.93 12.80
N LEU B 67 3.40 -38.22 13.88
CA LEU B 67 4.06 -38.70 15.08
C LEU B 67 3.94 -40.22 15.10
N ARG B 68 2.78 -40.67 14.66
CA ARG B 68 2.41 -42.06 14.58
C ARG B 68 3.50 -42.96 13.96
N PRO B 69 4.04 -42.59 12.79
CA PRO B 69 5.09 -43.39 12.12
C PRO B 69 6.50 -43.31 12.71
N LEU B 70 6.66 -42.63 13.84
CA LEU B 70 7.97 -42.52 14.46
C LEU B 70 8.39 -43.83 15.11
N SER B 71 7.40 -44.69 15.37
CA SER B 71 7.65 -46.00 15.96
C SER B 71 7.87 -47.12 14.92
N TYR B 72 7.50 -46.85 13.67
CA TYR B 72 7.59 -47.81 12.57
C TYR B 72 8.97 -48.33 12.18
N PRO B 73 9.97 -47.46 12.06
CA PRO B 73 11.31 -47.92 11.69
C PRO B 73 11.84 -49.05 12.57
N GLN B 74 12.63 -49.95 11.96
CA GLN B 74 13.25 -51.07 12.68
C GLN B 74 12.23 -52.01 13.35
N THR B 75 11.08 -52.17 12.73
CA THR B 75 10.03 -53.03 13.28
C THR B 75 10.07 -54.33 12.51
N ASP B 76 9.91 -55.46 13.20
CA ASP B 76 9.95 -56.74 12.50
C ASP B 76 8.60 -57.30 12.09
N VAL B 77 7.57 -57.00 12.88
CA VAL B 77 6.22 -57.42 12.57
C VAL B 77 5.19 -56.41 13.05
N PHE B 78 4.18 -56.18 12.24
CA PHE B 78 3.11 -55.29 12.61
C PHE B 78 1.83 -56.08 12.84
N LEU B 79 1.09 -55.68 13.88
CA LEU B 79 -0.20 -56.28 14.15
C LEU B 79 -1.24 -55.19 13.84
N ILE B 80 -1.81 -55.21 12.65
CA ILE B 80 -2.84 -54.24 12.28
C ILE B 80 -4.14 -54.77 12.84
N CYS B 81 -4.63 -54.15 13.91
CA CYS B 81 -5.86 -54.63 14.55
C CYS B 81 -7.12 -53.93 14.08
N PHE B 82 -8.27 -54.46 14.49
CA PHE B 82 -9.58 -53.87 14.17
C PHE B 82 -10.64 -54.64 14.95
N SER B 83 -11.65 -53.93 15.44
CA SER B 83 -12.73 -54.57 16.20
C SER B 83 -13.70 -55.28 15.29
N LEU B 84 -13.93 -56.56 15.59
CA LEU B 84 -14.85 -57.38 14.83
C LEU B 84 -16.25 -56.79 14.84
N VAL B 85 -16.57 -56.03 15.88
CA VAL B 85 -17.89 -55.42 16.00
C VAL B 85 -17.86 -53.94 15.65
N SER B 86 -16.89 -53.55 14.82
CA SER B 86 -16.76 -52.16 14.36
C SER B 86 -16.39 -52.07 12.89
N PRO B 87 -17.38 -52.14 12.01
CA PRO B 87 -17.13 -52.07 10.58
C PRO B 87 -16.20 -50.94 10.16
N ALA B 88 -16.27 -49.82 10.87
CA ALA B 88 -15.44 -48.67 10.52
C ALA B 88 -13.97 -48.93 10.77
N SER B 89 -13.64 -49.50 11.92
CA SER B 89 -12.26 -49.79 12.23
C SER B 89 -11.74 -50.79 11.19
N PHE B 90 -12.65 -51.61 10.70
CA PHE B 90 -12.32 -52.62 9.71
C PHE B 90 -11.92 -51.94 8.41
N GLU B 91 -12.79 -51.06 7.92
CA GLU B 91 -12.54 -50.34 6.68
C GLU B 91 -11.24 -49.52 6.74
N ASN B 92 -10.86 -49.07 7.93
CA ASN B 92 -9.62 -48.31 8.03
C ASN B 92 -8.39 -49.15 7.75
N VAL B 93 -8.52 -50.47 7.88
CA VAL B 93 -7.39 -51.34 7.62
C VAL B 93 -6.94 -51.13 6.18
N ARG B 94 -7.89 -51.02 5.27
CA ARG B 94 -7.48 -50.84 3.88
C ARG B 94 -7.36 -49.39 3.49
N ALA B 95 -8.08 -48.52 4.18
CA ALA B 95 -8.04 -47.11 3.82
C ALA B 95 -6.93 -46.34 4.48
N LYS B 96 -6.55 -46.77 5.68
CA LYS B 96 -5.54 -46.06 6.44
C LYS B 96 -4.29 -46.84 6.82
N TRP B 97 -4.44 -47.75 7.79
CA TRP B 97 -3.35 -48.54 8.32
C TRP B 97 -2.44 -49.34 7.39
N TYR B 98 -3.02 -50.18 6.53
CA TYR B 98 -2.16 -50.95 5.65
C TYR B 98 -1.33 -50.07 4.73
N PRO B 99 -1.96 -49.15 4.00
CA PRO B 99 -1.20 -48.29 3.09
C PRO B 99 -0.08 -47.56 3.78
N GLU B 100 -0.34 -47.14 5.01
CA GLU B 100 0.64 -46.39 5.77
C GLU B 100 1.81 -47.26 6.20
N VAL B 101 1.51 -48.38 6.86
CA VAL B 101 2.55 -49.30 7.31
C VAL B 101 3.41 -49.79 6.14
N ARG B 102 2.77 -50.13 5.02
CA ARG B 102 3.50 -50.62 3.87
C ARG B 102 4.39 -49.54 3.29
N HIS B 103 3.92 -48.29 3.30
CA HIS B 103 4.71 -47.20 2.74
C HIS B 103 6.00 -47.00 3.52
N HIS B 104 5.89 -47.12 4.84
CA HIS B 104 7.03 -46.94 5.73
C HIS B 104 7.83 -48.21 5.92
N CYS B 105 7.18 -49.35 5.68
CA CYS B 105 7.82 -50.64 5.85
C CYS B 105 7.43 -51.61 4.75
N PRO B 106 8.06 -51.46 3.58
CA PRO B 106 7.85 -52.26 2.38
C PRO B 106 7.98 -53.76 2.54
N ASN B 107 8.93 -54.18 3.37
CA ASN B 107 9.19 -55.59 3.57
C ASN B 107 8.80 -56.15 4.91
N THR B 108 7.96 -55.47 5.67
CA THR B 108 7.63 -56.01 6.96
C THR B 108 6.34 -56.80 7.01
N PRO B 109 6.41 -58.04 7.49
CA PRO B 109 5.22 -58.90 7.60
C PRO B 109 4.11 -58.24 8.41
N ILE B 110 2.87 -58.54 8.04
CA ILE B 110 1.73 -57.96 8.71
C ILE B 110 0.70 -59.01 9.12
N ILE B 111 0.42 -59.12 10.41
CA ILE B 111 -0.62 -60.03 10.84
C ILE B 111 -1.87 -59.17 11.00
N LEU B 112 -2.98 -59.55 10.38
CA LEU B 112 -4.22 -58.81 10.50
C LEU B 112 -5.03 -59.41 11.64
N VAL B 113 -4.99 -58.78 12.82
CA VAL B 113 -5.74 -59.27 13.98
C VAL B 113 -7.15 -58.68 14.11
N GLY B 114 -8.13 -59.55 14.33
CA GLY B 114 -9.51 -59.13 14.51
C GLY B 114 -9.76 -59.24 15.99
N THR B 115 -10.22 -58.15 16.62
CA THR B 115 -10.43 -58.15 18.06
C THR B 115 -11.87 -58.14 18.49
N LYS B 116 -12.08 -58.22 19.80
CA LYS B 116 -13.42 -58.20 20.37
C LYS B 116 -14.27 -59.35 19.85
N LEU B 117 -13.62 -60.49 19.62
CA LEU B 117 -14.27 -61.70 19.13
C LEU B 117 -15.51 -62.05 19.95
N ASP B 118 -15.35 -62.05 21.27
CA ASP B 118 -16.44 -62.39 22.17
C ASP B 118 -17.70 -61.54 22.04
N LEU B 119 -17.59 -60.37 21.41
CA LEU B 119 -18.77 -59.51 21.26
C LEU B 119 -19.45 -59.73 19.93
N ARG B 120 -18.87 -60.60 19.11
CA ARG B 120 -19.39 -60.89 17.77
C ARG B 120 -20.77 -61.56 17.74
N ASP B 121 -21.00 -62.44 18.70
CA ASP B 121 -22.26 -63.16 18.80
C ASP B 121 -22.93 -62.79 20.12
N ASP B 122 -22.90 -61.51 20.43
CA ASP B 122 -23.49 -60.98 21.63
C ASP B 122 -24.80 -60.31 21.22
N LYS B 123 -25.90 -60.75 21.82
CA LYS B 123 -27.23 -60.21 21.49
C LYS B 123 -27.27 -58.68 21.49
N ASP B 124 -26.90 -58.08 22.62
CA ASP B 124 -26.90 -56.63 22.77
C ASP B 124 -26.05 -55.95 21.70
N THR B 125 -24.83 -56.44 21.52
CA THR B 125 -23.94 -55.87 20.52
C THR B 125 -24.55 -55.94 19.12
N ILE B 126 -25.02 -57.13 18.75
CA ILE B 126 -25.62 -57.34 17.43
C ILE B 126 -26.84 -56.45 17.17
N GLU B 127 -27.61 -56.18 18.22
CA GLU B 127 -28.80 -55.33 18.09
C GLU B 127 -28.36 -53.88 17.94
N LYS B 128 -27.41 -53.48 18.76
CA LYS B 128 -26.87 -52.13 18.71
C LYS B 128 -26.41 -51.82 17.27
N LEU B 129 -25.69 -52.77 16.67
CA LEU B 129 -25.21 -52.58 15.31
C LEU B 129 -26.37 -52.58 14.33
N LYS B 130 -27.35 -53.43 14.60
CA LYS B 130 -28.53 -53.54 13.74
C LYS B 130 -29.26 -52.21 13.71
N GLU B 131 -29.27 -51.53 14.85
CA GLU B 131 -29.93 -50.23 14.95
C GLU B 131 -29.27 -49.22 14.03
N LYS B 132 -28.02 -49.49 13.66
CA LYS B 132 -27.25 -48.60 12.80
C LYS B 132 -27.06 -49.23 11.44
N LYS B 133 -27.95 -50.17 11.09
CA LYS B 133 -27.85 -50.86 9.81
C LYS B 133 -26.43 -51.42 9.64
N LEU B 134 -25.93 -52.08 10.67
CA LEU B 134 -24.60 -52.66 10.61
C LEU B 134 -24.59 -54.10 11.06
N THR B 135 -23.47 -54.78 10.77
CA THR B 135 -23.29 -56.18 11.11
C THR B 135 -21.84 -56.41 11.44
N PRO B 136 -21.54 -57.29 12.40
CA PRO B 136 -20.15 -57.57 12.77
C PRO B 136 -19.37 -58.12 11.55
N ILE B 137 -18.05 -58.08 11.61
CA ILE B 137 -17.27 -58.60 10.49
C ILE B 137 -17.13 -60.10 10.70
N THR B 138 -17.40 -60.86 9.65
CA THR B 138 -17.32 -62.31 9.70
C THR B 138 -15.93 -62.77 9.32
N TYR B 139 -15.56 -63.96 9.81
CA TYR B 139 -14.25 -64.55 9.54
C TYR B 139 -13.92 -64.48 8.05
N PRO B 140 -14.84 -64.92 7.20
CA PRO B 140 -14.61 -64.89 5.76
C PRO B 140 -14.23 -63.51 5.27
N GLN B 141 -14.81 -62.48 5.89
CA GLN B 141 -14.51 -61.10 5.49
C GLN B 141 -13.11 -60.72 5.97
N GLY B 142 -12.83 -61.01 7.24
CA GLY B 142 -11.51 -60.73 7.78
C GLY B 142 -10.44 -61.39 6.93
N LEU B 143 -10.67 -62.65 6.57
CA LEU B 143 -9.70 -63.39 5.77
C LEU B 143 -9.46 -62.72 4.42
N ALA B 144 -10.55 -62.28 3.78
CA ALA B 144 -10.44 -61.62 2.49
C ALA B 144 -9.61 -60.34 2.62
N MET B 145 -9.89 -59.56 3.65
CA MET B 145 -9.16 -58.31 3.88
C MET B 145 -7.69 -58.67 3.99
N ALA B 146 -7.41 -59.66 4.83
CA ALA B 146 -6.04 -60.11 5.06
C ALA B 146 -5.39 -60.45 3.73
N LYS B 147 -6.14 -61.13 2.87
CA LYS B 147 -5.62 -61.51 1.57
C LYS B 147 -5.41 -60.28 0.70
N GLU B 148 -6.32 -59.32 0.79
CA GLU B 148 -6.23 -58.12 -0.02
C GLU B 148 -4.95 -57.34 0.27
N ILE B 149 -4.64 -57.14 1.55
CA ILE B 149 -3.46 -56.38 1.93
C ILE B 149 -2.23 -57.25 1.98
N GLY B 150 -2.40 -58.52 1.67
CA GLY B 150 -1.26 -59.42 1.68
C GLY B 150 -0.70 -59.66 3.06
N ALA B 151 -1.59 -59.84 4.03
CA ALA B 151 -1.15 -60.11 5.39
C ALA B 151 -0.59 -61.53 5.42
N VAL B 152 0.32 -61.80 6.34
CA VAL B 152 0.92 -63.11 6.49
C VAL B 152 -0.09 -64.06 7.12
N LYS B 153 -0.96 -63.53 7.96
CA LYS B 153 -1.96 -64.34 8.65
C LYS B 153 -3.14 -63.50 9.04
N TYR B 154 -4.30 -64.12 9.21
CA TYR B 154 -5.47 -63.42 9.66
C TYR B 154 -6.00 -64.15 10.88
N LEU B 155 -5.80 -63.56 12.06
CA LEU B 155 -6.25 -64.18 13.29
C LEU B 155 -7.34 -63.37 13.96
N GLU B 156 -8.02 -63.97 14.92
CA GLU B 156 -9.09 -63.30 15.66
C GLU B 156 -8.86 -63.65 17.12
N CYS B 157 -9.16 -62.73 18.03
CA CYS B 157 -8.97 -63.01 19.44
C CYS B 157 -9.92 -62.25 20.33
N SER B 158 -9.78 -62.46 21.63
CA SER B 158 -10.60 -61.82 22.64
C SER B 158 -9.75 -61.64 23.88
N ALA B 159 -9.44 -60.39 24.22
CA ALA B 159 -8.62 -60.15 25.41
C ALA B 159 -9.42 -60.60 26.61
N LEU B 160 -10.75 -60.66 26.43
CA LEU B 160 -11.67 -61.05 27.49
C LEU B 160 -11.65 -62.55 27.70
N THR B 161 -11.82 -63.30 26.61
CA THR B 161 -11.81 -64.76 26.63
C THR B 161 -10.37 -65.22 26.64
N GLN B 162 -9.47 -64.30 26.33
CA GLN B 162 -8.06 -64.56 26.25
C GLN B 162 -7.76 -65.62 25.20
N ARG B 163 -8.79 -65.99 24.45
CA ARG B 163 -8.65 -66.99 23.40
C ARG B 163 -8.05 -66.39 22.12
N GLY B 164 -7.03 -67.06 21.57
CA GLY B 164 -6.42 -66.59 20.35
C GLY B 164 -5.25 -65.66 20.56
N LEU B 165 -5.06 -65.20 21.78
CA LEU B 165 -3.96 -64.28 22.05
C LEU B 165 -2.61 -64.91 21.77
N LYS B 166 -2.26 -65.96 22.50
CA LYS B 166 -0.97 -66.64 22.31
C LYS B 166 -0.72 -66.90 20.83
N THR B 167 -1.75 -67.38 20.14
CA THR B 167 -1.63 -67.65 18.72
C THR B 167 -1.12 -66.40 18.00
N VAL B 168 -1.82 -65.29 18.23
CA VAL B 168 -1.48 -64.01 17.62
C VAL B 168 -0.01 -63.67 17.74
N PHE B 169 0.55 -63.77 18.94
CA PHE B 169 1.96 -63.43 19.05
C PHE B 169 2.91 -64.49 18.54
N ASP B 170 2.51 -65.75 18.58
CA ASP B 170 3.36 -66.81 18.06
C ASP B 170 3.45 -66.68 16.54
N GLU B 171 2.30 -66.51 15.90
CA GLU B 171 2.29 -66.35 14.47
C GLU B 171 3.10 -65.14 14.08
N ALA B 172 3.09 -64.13 14.96
CA ALA B 172 3.82 -62.90 14.72
C ALA B 172 5.29 -63.25 14.64
N ILE B 173 5.75 -63.99 15.65
CA ILE B 173 7.12 -64.41 15.71
C ILE B 173 7.48 -65.31 14.54
N ARG B 174 6.58 -66.22 14.17
CA ARG B 174 6.88 -67.12 13.06
C ARG B 174 7.08 -66.28 11.82
N ALA B 175 6.21 -65.29 11.65
CA ALA B 175 6.29 -64.43 10.48
C ALA B 175 7.65 -63.82 10.31
N VAL B 176 8.41 -63.73 11.40
CA VAL B 176 9.74 -63.13 11.35
C VAL B 176 10.84 -64.15 11.17
N LEU B 177 10.79 -65.21 11.98
CA LEU B 177 11.79 -66.29 11.94
C LEU B 177 11.93 -66.91 10.56
N SER C 7 37.85 13.98 -37.84
CA SER C 7 37.78 15.14 -36.88
C SER C 7 36.35 15.42 -36.45
N ASP C 8 36.19 16.18 -35.37
CA ASP C 8 34.85 16.49 -34.89
C ASP C 8 34.04 17.09 -36.03
N ALA C 9 34.69 17.94 -36.82
CA ALA C 9 34.03 18.56 -37.96
C ALA C 9 33.56 17.49 -38.92
N ASP C 10 34.43 16.53 -39.22
CA ASP C 10 34.08 15.44 -40.13
C ASP C 10 32.94 14.65 -39.55
N LYS C 11 33.11 14.21 -38.30
CA LYS C 11 32.09 13.44 -37.62
C LYS C 11 30.74 14.14 -37.72
N LEU C 12 30.74 15.43 -37.40
CA LEU C 12 29.50 16.21 -37.43
C LEU C 12 28.87 16.17 -38.82
N ARG C 13 29.68 16.40 -39.83
CA ARG C 13 29.18 16.39 -41.20
C ARG C 13 28.53 15.04 -41.48
N LYS C 14 29.13 13.98 -40.94
CA LYS C 14 28.64 12.62 -41.14
C LYS C 14 27.21 12.50 -40.63
N VAL C 15 27.01 12.89 -39.37
CA VAL C 15 25.70 12.84 -38.73
C VAL C 15 24.67 13.66 -39.51
N ILE C 16 25.02 14.90 -39.82
CA ILE C 16 24.11 15.75 -40.56
C ILE C 16 23.72 15.06 -41.84
N CYS C 17 24.66 14.37 -42.48
CA CYS C 17 24.35 13.69 -43.71
C CYS C 17 23.52 12.44 -43.49
N GLU C 18 23.80 11.71 -42.41
CA GLU C 18 23.04 10.50 -42.14
C GLU C 18 21.59 10.86 -41.92
N LEU C 19 21.39 11.92 -41.12
CA LEU C 19 20.05 12.41 -40.78
C LEU C 19 19.27 12.72 -42.06
N LEU C 20 19.86 13.54 -42.91
CA LEU C 20 19.25 13.91 -44.17
C LEU C 20 19.09 12.76 -45.15
N GLU C 21 20.14 11.97 -45.32
CA GLU C 21 20.06 10.86 -46.26
C GLU C 21 19.00 9.85 -45.84
N THR C 22 18.99 9.45 -44.58
CA THR C 22 17.99 8.50 -44.10
C THR C 22 16.56 9.06 -44.20
N GLU C 23 16.43 10.37 -43.99
CA GLU C 23 15.11 11.01 -44.04
C GLU C 23 14.55 10.94 -45.47
N ARG C 24 15.40 11.22 -46.45
CA ARG C 24 15.01 11.16 -47.86
C ARG C 24 14.56 9.73 -48.16
N THR C 25 15.31 8.76 -47.62
CA THR C 25 15.01 7.35 -47.80
C THR C 25 13.66 7.01 -47.17
N TYR C 26 13.48 7.44 -45.93
CA TYR C 26 12.24 7.17 -45.20
C TYR C 26 11.05 7.71 -45.95
N VAL C 27 11.14 8.97 -46.38
CA VAL C 27 10.05 9.59 -47.12
C VAL C 27 9.76 8.74 -48.35
N LYS C 28 10.82 8.36 -49.06
CA LYS C 28 10.68 7.53 -50.26
C LYS C 28 10.03 6.20 -49.90
N ASP C 29 10.45 5.58 -48.79
CA ASP C 29 9.87 4.30 -48.38
C ASP C 29 8.41 4.49 -48.09
N LEU C 30 8.10 5.59 -47.42
CA LEU C 30 6.73 5.93 -47.08
C LEU C 30 5.89 6.02 -48.36
N ASN C 31 6.36 6.79 -49.34
CA ASN C 31 5.64 6.91 -50.60
C ASN C 31 5.53 5.54 -51.27
N CYS C 32 6.60 4.77 -51.19
CA CYS C 32 6.64 3.45 -51.80
C CYS C 32 5.60 2.52 -51.19
N LEU C 33 5.40 2.62 -49.88
CA LEU C 33 4.45 1.78 -49.18
C LEU C 33 3.06 2.13 -49.73
N MSE C 34 2.83 3.43 -49.91
CA MSE C 34 1.59 3.98 -50.40
C MSE C 34 1.25 3.52 -51.83
O MSE C 34 0.13 3.10 -52.10
CB MSE C 34 1.64 5.51 -50.34
CG MSE C 34 0.33 6.22 -50.62
SE MSE C 34 -0.98 5.71 -49.48
CE MSE C 34 -0.17 6.00 -47.88
N GLU C 35 2.24 3.61 -52.71
CA GLU C 35 2.08 3.24 -54.12
C GLU C 35 2.18 1.74 -54.39
N ARG C 36 3.20 1.11 -53.83
CA ARG C 36 3.46 -0.30 -54.03
C ARG C 36 2.43 -1.26 -53.42
N TYR C 37 1.95 -0.99 -52.21
CA TYR C 37 0.99 -1.90 -51.59
C TYR C 37 -0.40 -1.38 -51.24
N LEU C 38 -0.45 -0.26 -50.53
CA LEU C 38 -1.74 0.26 -50.09
C LEU C 38 -2.75 0.69 -51.15
N LYS C 39 -2.41 1.64 -52.01
CA LYS C 39 -3.37 2.05 -53.04
C LYS C 39 -3.86 0.86 -53.87
N PRO C 40 -2.93 0.10 -54.47
CA PRO C 40 -3.34 -1.06 -55.27
C PRO C 40 -4.17 -2.07 -54.49
N LEU C 41 -4.10 -2.02 -53.16
CA LEU C 41 -4.88 -2.93 -52.33
C LEU C 41 -6.33 -2.45 -52.21
N GLN C 42 -6.54 -1.14 -52.27
CA GLN C 42 -7.89 -0.60 -52.19
C GLN C 42 -8.63 -1.20 -53.37
N LYS C 43 -7.98 -1.16 -54.52
CA LYS C 43 -8.55 -1.70 -55.75
C LYS C 43 -8.49 -3.21 -55.76
N GLU C 44 -8.85 -3.85 -54.64
CA GLU C 44 -8.83 -5.30 -54.56
C GLU C 44 -9.99 -5.80 -53.71
N THR C 45 -10.19 -7.11 -53.67
CA THR C 45 -11.28 -7.72 -52.90
C THR C 45 -10.75 -8.54 -51.72
N PHE C 46 -9.43 -8.69 -51.66
CA PHE C 46 -8.74 -9.44 -50.62
C PHE C 46 -9.16 -9.07 -49.20
N LEU C 47 -8.89 -7.82 -48.84
CA LEU C 47 -9.21 -7.32 -47.52
C LEU C 47 -10.56 -6.61 -47.46
N THR C 48 -11.11 -6.57 -46.25
CA THR C 48 -12.38 -5.89 -46.01
C THR C 48 -11.98 -4.44 -45.85
N GLN C 49 -12.95 -3.55 -45.69
CA GLN C 49 -12.60 -2.15 -45.53
C GLN C 49 -11.82 -1.99 -44.21
N ASP C 50 -12.27 -2.69 -43.18
CA ASP C 50 -11.63 -2.66 -41.87
C ASP C 50 -10.17 -3.09 -42.01
N GLU C 51 -9.96 -4.23 -42.65
CA GLU C 51 -8.62 -4.78 -42.84
C GLU C 51 -7.75 -3.75 -43.55
N LEU C 52 -8.29 -3.08 -44.56
CA LEU C 52 -7.51 -2.08 -45.27
C LEU C 52 -7.20 -0.91 -44.37
N ASP C 53 -8.13 -0.58 -43.48
CA ASP C 53 -7.95 0.54 -42.57
C ASP C 53 -6.80 0.32 -41.63
N VAL C 54 -6.65 -0.91 -41.17
CA VAL C 54 -5.56 -1.26 -40.27
C VAL C 54 -4.21 -1.02 -40.95
N LEU C 55 -4.12 -1.39 -42.22
CA LEU C 55 -2.89 -1.21 -42.98
C LEU C 55 -2.56 0.26 -43.23
N PHE C 56 -3.50 1.01 -43.83
CA PHE C 56 -3.27 2.43 -44.09
C PHE C 56 -3.01 3.19 -42.81
N GLY C 57 -4.08 3.55 -42.11
CA GLY C 57 -3.98 4.27 -40.86
C GLY C 57 -3.18 5.57 -40.94
N ASN C 58 -3.88 6.70 -40.99
CA ASN C 58 -3.28 8.03 -41.05
C ASN C 58 -1.95 8.09 -41.79
N LEU C 59 -1.72 7.13 -42.68
CA LEU C 59 -0.46 7.09 -43.41
C LEU C 59 -0.40 8.26 -44.39
N THR C 60 -1.52 8.53 -45.06
CA THR C 60 -1.60 9.64 -46.00
C THR C 60 -1.32 10.94 -45.24
N GLU C 61 -1.87 11.05 -44.04
CA GLU C 61 -1.65 12.23 -43.21
C GLU C 61 -0.18 12.27 -42.84
N MSE C 62 0.35 11.12 -42.45
CA MSE C 62 1.75 10.99 -42.05
C MSE C 62 2.70 11.40 -43.15
O MSE C 62 3.71 12.10 -42.90
CB MSE C 62 2.04 9.56 -41.61
CG MSE C 62 3.49 9.35 -41.12
SE MSE C 62 3.85 7.65 -40.57
CE MSE C 62 2.79 7.48 -39.13
N VAL C 63 2.42 11.00 -44.39
CA VAL C 63 3.29 11.35 -45.49
C VAL C 63 3.33 12.86 -45.74
N GLU C 64 2.15 13.48 -45.84
CA GLU C 64 2.06 14.92 -46.08
C GLU C 64 2.94 15.65 -45.09
N PHE C 65 2.75 15.27 -43.83
CA PHE C 65 3.51 15.81 -42.72
C PHE C 65 5.01 15.61 -42.89
N GLN C 66 5.41 14.35 -43.08
CA GLN C 66 6.82 14.00 -43.21
C GLN C 66 7.49 14.75 -44.36
N VAL C 67 6.77 14.90 -45.46
CA VAL C 67 7.31 15.60 -46.63
C VAL C 67 7.70 17.03 -46.26
N GLU C 68 6.82 17.67 -45.50
CA GLU C 68 7.05 19.04 -45.06
C GLU C 68 8.25 19.12 -44.13
N PHE C 69 8.33 18.19 -43.19
CA PHE C 69 9.44 18.11 -42.25
C PHE C 69 10.77 17.98 -43.03
N LEU C 70 10.77 17.13 -44.05
CA LEU C 70 11.96 16.93 -44.86
C LEU C 70 12.42 18.22 -45.53
N LYS C 71 11.49 18.93 -46.14
CA LYS C 71 11.84 20.19 -46.80
C LYS C 71 12.59 21.11 -45.84
N THR C 72 12.10 21.22 -44.60
CA THR C 72 12.73 22.07 -43.61
C THR C 72 14.17 21.61 -43.39
N LEU C 73 14.38 20.29 -43.41
CA LEU C 73 15.72 19.77 -43.22
C LEU C 73 16.56 20.11 -44.44
N GLU C 74 16.01 19.90 -45.63
CA GLU C 74 16.73 20.23 -46.86
C GLU C 74 17.16 21.68 -46.83
N ASP C 75 16.21 22.57 -46.53
CA ASP C 75 16.50 24.01 -46.47
C ASP C 75 17.56 24.31 -45.42
N GLY C 76 17.35 23.78 -44.23
CA GLY C 76 18.29 24.02 -43.15
C GLY C 76 19.72 23.66 -43.48
N VAL C 77 19.93 22.57 -44.22
CA VAL C 77 21.28 22.16 -44.56
C VAL C 77 21.86 23.02 -45.68
N ARG C 78 21.00 23.75 -46.38
CA ARG C 78 21.47 24.63 -47.44
C ARG C 78 21.81 26.03 -46.94
N LEU C 79 21.66 26.27 -45.63
CA LEU C 79 21.98 27.58 -45.07
C LEU C 79 23.47 27.88 -45.19
N VAL C 80 24.20 26.94 -45.77
CA VAL C 80 25.64 27.07 -45.98
C VAL C 80 25.95 26.50 -47.37
N PRO C 81 26.90 27.13 -48.09
CA PRO C 81 27.30 26.70 -49.44
C PRO C 81 27.66 25.22 -49.56
N ASP C 82 28.64 24.77 -48.79
CA ASP C 82 29.08 23.37 -48.82
C ASP C 82 29.64 22.90 -47.48
N LEU C 83 28.94 21.98 -46.85
CA LEU C 83 29.36 21.44 -45.57
C LEU C 83 30.76 20.87 -45.69
N GLU C 84 31.00 20.19 -46.79
CA GLU C 84 32.29 19.56 -47.07
C GLU C 84 33.50 20.48 -46.93
N LYS C 85 33.27 21.80 -46.98
CA LYS C 85 34.38 22.75 -46.85
C LYS C 85 34.64 23.20 -45.40
N LEU C 86 33.62 23.11 -44.55
CA LEU C 86 33.77 23.51 -43.16
C LEU C 86 34.80 22.67 -42.42
N GLU C 87 35.64 23.32 -41.63
CA GLU C 87 36.67 22.63 -40.89
C GLU C 87 36.45 22.64 -39.39
N LYS C 88 35.57 23.51 -38.92
CA LYS C 88 35.29 23.59 -37.50
C LYS C 88 33.81 23.34 -37.26
N VAL C 89 33.48 22.63 -36.18
CA VAL C 89 32.09 22.34 -35.88
C VAL C 89 31.39 23.68 -35.74
N ASP C 90 32.12 24.64 -35.19
CA ASP C 90 31.64 25.99 -34.97
C ASP C 90 31.11 26.63 -36.26
N GLN C 91 31.59 26.16 -37.40
CA GLN C 91 31.17 26.72 -38.68
C GLN C 91 29.83 26.18 -39.15
N PHE C 92 29.23 25.27 -38.39
CA PHE C 92 27.94 24.69 -38.76
C PHE C 92 26.76 25.32 -38.03
N LYS C 93 27.05 26.26 -37.14
CA LYS C 93 26.03 26.93 -36.35
C LYS C 93 24.69 27.13 -37.06
N LYS C 94 24.71 27.80 -38.21
CA LYS C 94 23.47 28.03 -38.96
C LYS C 94 22.66 26.76 -39.20
N VAL C 95 23.34 25.72 -39.67
CA VAL C 95 22.66 24.46 -39.95
C VAL C 95 22.18 23.77 -38.69
N LEU C 96 23.05 23.65 -37.69
CA LEU C 96 22.63 23.01 -36.45
C LEU C 96 21.38 23.69 -35.90
N PHE C 97 21.40 25.02 -35.89
CA PHE C 97 20.28 25.83 -35.40
C PHE C 97 19.00 25.48 -36.17
N SER C 98 19.04 25.57 -37.49
CA SER C 98 17.87 25.27 -38.27
C SER C 98 17.38 23.83 -38.10
N LEU C 99 18.30 22.86 -38.11
CA LEU C 99 17.88 21.46 -37.95
C LEU C 99 17.18 21.30 -36.62
N GLY C 100 17.84 21.69 -35.54
CA GLY C 100 17.21 21.59 -34.23
C GLY C 100 15.84 22.22 -34.27
N GLY C 101 15.77 23.36 -34.95
CA GLY C 101 14.52 24.06 -35.08
C GLY C 101 13.42 23.16 -35.63
N SER C 102 13.72 22.47 -36.73
CA SER C 102 12.75 21.59 -37.35
C SER C 102 12.10 20.64 -36.35
N PHE C 103 12.90 20.10 -35.43
CA PHE C 103 12.34 19.17 -34.46
C PHE C 103 11.39 19.88 -33.50
N LEU C 104 11.79 21.06 -33.04
CA LEU C 104 10.95 21.82 -32.12
C LEU C 104 9.62 22.15 -32.78
N TYR C 105 9.67 22.60 -34.03
CA TYR C 105 8.46 22.91 -34.76
C TYR C 105 7.55 21.70 -34.94
N TYR C 106 8.12 20.58 -35.38
CA TYR C 106 7.29 19.42 -35.62
C TYR C 106 7.06 18.48 -34.46
N ALA C 107 7.79 18.71 -33.37
CA ALA C 107 7.65 17.87 -32.20
C ALA C 107 6.21 17.47 -31.91
N ASP C 108 5.29 18.39 -32.10
CA ASP C 108 3.90 18.07 -31.80
C ASP C 108 3.20 17.26 -32.88
N ARG C 109 3.50 17.51 -34.15
CA ARG C 109 2.83 16.70 -35.16
C ARG C 109 3.37 15.27 -35.12
N PHE C 110 4.57 15.11 -34.57
CA PHE C 110 5.15 13.78 -34.45
C PHE C 110 4.31 12.89 -33.54
N LYS C 111 3.42 13.49 -32.77
CA LYS C 111 2.60 12.72 -31.87
C LYS C 111 1.58 11.95 -32.68
N LEU C 112 1.46 12.30 -33.96
CA LEU C 112 0.51 11.62 -34.82
C LEU C 112 0.93 10.16 -35.00
N TYR C 113 2.19 9.88 -34.67
CA TYR C 113 2.71 8.52 -34.77
C TYR C 113 2.02 7.57 -33.82
N SER C 114 1.61 8.07 -32.66
CA SER C 114 0.93 7.21 -31.69
C SER C 114 -0.33 6.62 -32.33
N ALA C 115 -0.81 7.26 -33.40
CA ALA C 115 -2.00 6.73 -34.07
C ALA C 115 -1.56 5.46 -34.79
N PHE C 116 -0.49 5.60 -35.57
CA PHE C 116 0.08 4.50 -36.33
C PHE C 116 0.44 3.34 -35.39
N CYS C 117 1.26 3.63 -34.38
CA CYS C 117 1.65 2.60 -33.42
C CYS C 117 0.46 1.83 -32.84
N ALA C 118 -0.67 2.50 -32.70
CA ALA C 118 -1.83 1.85 -32.13
C ALA C 118 -2.44 0.87 -33.12
N SER C 119 -2.54 1.27 -34.37
CA SER C 119 -3.13 0.38 -35.36
C SER C 119 -2.19 -0.74 -35.75
N HIS C 120 -0.89 -0.49 -35.66
CA HIS C 120 0.09 -1.50 -36.01
C HIS C 120 -0.13 -2.74 -35.14
N THR C 121 -0.83 -2.57 -34.04
CA THR C 121 -1.13 -3.68 -33.16
C THR C 121 -1.93 -4.72 -33.93
N LYS C 122 -2.77 -4.24 -34.85
CA LYS C 122 -3.61 -5.14 -35.66
C LYS C 122 -2.92 -5.65 -36.92
N VAL C 123 -1.82 -5.03 -37.32
CA VAL C 123 -1.11 -5.44 -38.53
C VAL C 123 -0.80 -6.94 -38.62
N PRO C 124 -0.14 -7.52 -37.60
CA PRO C 124 0.18 -8.94 -37.62
C PRO C 124 -0.98 -9.84 -37.98
N LYS C 125 -2.06 -9.78 -37.20
CA LYS C 125 -3.23 -10.60 -37.45
C LYS C 125 -3.76 -10.49 -38.87
N VAL C 126 -3.70 -9.28 -39.44
CA VAL C 126 -4.17 -9.09 -40.80
C VAL C 126 -3.25 -9.71 -41.84
N LEU C 127 -1.95 -9.46 -41.72
CA LEU C 127 -1.00 -10.03 -42.67
C LEU C 127 -0.93 -11.54 -42.62
N VAL C 128 -1.26 -12.13 -41.48
CA VAL C 128 -1.22 -13.58 -41.37
C VAL C 128 -2.43 -14.18 -42.08
N LYS C 129 -3.04 -13.39 -42.96
CA LYS C 129 -4.18 -13.83 -43.74
C LYS C 129 -3.65 -14.27 -45.10
N ALA C 130 -2.46 -13.80 -45.43
CA ALA C 130 -1.83 -14.16 -46.70
C ALA C 130 -1.52 -15.66 -46.61
N LYS C 131 -1.16 -16.11 -45.42
CA LYS C 131 -0.85 -17.51 -45.16
C LYS C 131 -2.09 -18.34 -45.48
N THR C 132 -3.24 -17.68 -45.54
CA THR C 132 -4.50 -18.34 -45.81
C THR C 132 -4.96 -18.20 -47.27
N ASP C 133 -5.30 -16.99 -47.68
CA ASP C 133 -5.76 -16.73 -49.04
C ASP C 133 -4.64 -16.70 -50.07
N THR C 134 -4.48 -17.81 -50.78
CA THR C 134 -3.45 -17.92 -51.81
C THR C 134 -3.50 -16.69 -52.72
N ALA C 135 -4.72 -16.22 -52.98
CA ALA C 135 -4.90 -15.06 -53.84
C ALA C 135 -4.15 -13.85 -53.30
N PHE C 136 -4.37 -13.55 -52.02
CA PHE C 136 -3.73 -12.42 -51.37
C PHE C 136 -2.20 -12.62 -51.39
N LYS C 137 -1.76 -13.75 -50.85
CA LYS C 137 -0.34 -14.09 -50.82
C LYS C 137 0.26 -13.81 -52.20
N ALA C 138 -0.49 -14.14 -53.24
CA ALA C 138 -0.06 -13.95 -54.62
C ALA C 138 0.22 -12.47 -54.89
N PHE C 139 -0.76 -11.63 -54.54
CA PHE C 139 -0.66 -10.19 -54.74
C PHE C 139 0.60 -9.61 -54.12
N LEU C 140 0.81 -9.92 -52.85
CA LEU C 140 1.97 -9.43 -52.11
C LEU C 140 3.29 -9.78 -52.79
N ASP C 141 3.44 -11.05 -53.16
CA ASP C 141 4.67 -11.48 -53.81
C ASP C 141 4.87 -10.69 -55.10
N ALA C 142 3.77 -10.52 -55.84
CA ALA C 142 3.82 -9.78 -57.08
C ALA C 142 4.37 -8.37 -56.87
N GLN C 143 4.01 -7.76 -55.75
CA GLN C 143 4.46 -6.40 -55.48
C GLN C 143 5.90 -6.37 -54.97
N ASN C 144 6.40 -7.53 -54.56
CA ASN C 144 7.77 -7.66 -54.06
C ASN C 144 8.50 -8.60 -55.02
N PRO C 145 8.82 -8.10 -56.23
CA PRO C 145 9.52 -8.89 -57.25
C PRO C 145 10.86 -9.44 -56.78
N ARG C 146 11.69 -8.56 -56.22
CA ARG C 146 13.01 -8.92 -55.74
C ARG C 146 12.99 -10.07 -54.73
N GLN C 147 11.80 -10.52 -54.32
CA GLN C 147 11.71 -11.60 -53.35
C GLN C 147 12.58 -11.29 -52.14
N GLN C 148 12.62 -10.01 -51.76
CA GLN C 148 13.43 -9.55 -50.64
C GLN C 148 12.56 -9.22 -49.41
N HIS C 149 12.88 -9.83 -48.26
CA HIS C 149 12.16 -9.59 -47.01
C HIS C 149 12.09 -8.09 -46.68
N SER C 150 13.23 -7.42 -46.81
CA SER C 150 13.29 -6.01 -46.52
C SER C 150 12.35 -5.23 -47.42
N SER C 151 11.67 -5.92 -48.32
CA SER C 151 10.74 -5.24 -49.24
C SER C 151 9.33 -5.78 -49.09
N THR C 152 9.12 -6.64 -48.10
CA THR C 152 7.79 -7.18 -47.87
C THR C 152 6.94 -6.07 -47.27
N LEU C 153 5.64 -6.31 -47.16
CA LEU C 153 4.76 -5.31 -46.58
C LEU C 153 5.12 -5.08 -45.11
N GLU C 154 5.42 -6.15 -44.39
CA GLU C 154 5.77 -6.04 -42.97
C GLU C 154 6.99 -5.15 -42.75
N SER C 155 7.91 -5.17 -43.69
CA SER C 155 9.13 -4.39 -43.55
C SER C 155 8.87 -2.91 -43.68
N TYR C 156 7.87 -2.54 -44.47
CA TYR C 156 7.54 -1.13 -44.63
C TYR C 156 6.76 -0.61 -43.42
N LEU C 157 5.68 -1.32 -43.08
CA LEU C 157 4.83 -0.94 -41.97
C LEU C 157 5.51 -0.87 -40.61
N ILE C 158 6.80 -1.16 -40.52
CA ILE C 158 7.45 -1.07 -39.21
C ILE C 158 8.35 0.16 -39.20
N LYS C 159 8.71 0.62 -40.39
CA LYS C 159 9.60 1.75 -40.53
C LYS C 159 9.22 3.03 -39.76
N PRO C 160 7.94 3.42 -39.78
CA PRO C 160 7.52 4.63 -39.06
C PRO C 160 7.89 4.55 -37.57
N ILE C 161 7.52 3.44 -36.95
CA ILE C 161 7.80 3.16 -35.56
C ILE C 161 9.30 3.16 -35.27
N GLN C 162 10.10 2.84 -36.27
CA GLN C 162 11.54 2.81 -36.08
C GLN C 162 12.13 4.20 -36.25
N ARG C 163 11.63 4.90 -37.26
CA ARG C 163 12.12 6.23 -37.59
C ARG C 163 12.03 7.27 -36.48
N VAL C 164 10.86 7.46 -35.87
CA VAL C 164 10.77 8.47 -34.80
C VAL C 164 11.78 8.23 -33.72
N LEU C 165 11.88 6.97 -33.29
CA LEU C 165 12.81 6.59 -32.23
C LEU C 165 14.30 6.69 -32.57
N LYS C 166 14.62 6.97 -33.84
CA LYS C 166 16.01 7.12 -34.25
C LYS C 166 16.47 8.57 -34.05
N TYR C 167 15.52 9.49 -34.15
CA TYR C 167 15.79 10.92 -34.02
C TYR C 167 16.59 11.32 -32.77
N PRO C 168 16.11 10.94 -31.59
CA PRO C 168 16.92 11.34 -30.44
C PRO C 168 18.36 10.80 -30.54
N LEU C 169 18.55 9.61 -31.13
CA LEU C 169 19.91 9.06 -31.26
C LEU C 169 20.78 9.94 -32.13
N LEU C 170 20.26 10.34 -33.29
CA LEU C 170 21.03 11.22 -34.18
C LEU C 170 21.35 12.54 -33.48
N LEU C 171 20.38 13.08 -32.75
CA LEU C 171 20.57 14.34 -32.06
C LEU C 171 21.64 14.24 -30.99
N ARG C 172 21.62 13.17 -30.19
CA ARG C 172 22.64 13.02 -29.16
C ARG C 172 24.05 12.99 -29.75
N GLU C 173 24.15 12.57 -31.02
CA GLU C 173 25.45 12.52 -31.65
C GLU C 173 25.93 13.91 -32.01
N LEU C 174 25.04 14.73 -32.57
CA LEU C 174 25.41 16.10 -32.91
C LEU C 174 25.79 16.76 -31.59
N PHE C 175 25.02 16.42 -30.56
CA PHE C 175 25.24 16.98 -29.23
C PHE C 175 26.65 16.73 -28.72
N ALA C 176 27.12 15.50 -28.88
CA ALA C 176 28.45 15.11 -28.41
C ALA C 176 29.61 15.77 -29.16
N LEU C 177 29.34 16.30 -30.35
CA LEU C 177 30.38 16.96 -31.13
C LEU C 177 30.40 18.47 -30.96
N THR C 178 29.62 18.99 -30.01
CA THR C 178 29.60 20.44 -29.77
C THR C 178 30.15 20.80 -28.40
N ASP C 179 30.88 21.90 -28.35
CA ASP C 179 31.47 22.38 -27.10
C ASP C 179 30.44 22.45 -25.99
N ALA C 180 30.76 21.87 -24.85
CA ALA C 180 29.87 21.83 -23.70
C ALA C 180 29.44 23.20 -23.17
N GLU C 181 30.12 24.25 -23.62
CA GLU C 181 29.81 25.58 -23.15
C GLU C 181 29.10 26.44 -24.21
N SER C 182 29.03 25.93 -25.43
CA SER C 182 28.40 26.67 -26.52
C SER C 182 26.88 26.69 -26.50
N GLU C 183 26.31 27.61 -27.29
CA GLU C 183 24.87 27.69 -27.39
C GLU C 183 24.39 26.55 -28.27
N GLU C 184 25.17 26.21 -29.29
CA GLU C 184 24.82 25.10 -30.18
C GLU C 184 24.54 23.90 -29.28
N HIS C 185 25.41 23.72 -28.29
CA HIS C 185 25.29 22.62 -27.35
C HIS C 185 23.94 22.74 -26.63
N TYR C 186 23.75 23.85 -25.93
CA TYR C 186 22.51 24.08 -25.22
C TYR C 186 21.26 23.89 -26.11
N HIS C 187 21.31 24.42 -27.34
CA HIS C 187 20.18 24.29 -28.24
C HIS C 187 19.86 22.84 -28.50
N LEU C 188 20.86 22.06 -28.91
CA LEU C 188 20.66 20.64 -29.18
C LEU C 188 20.04 19.97 -27.97
N ASP C 189 20.57 20.28 -26.78
CA ASP C 189 20.04 19.70 -25.56
C ASP C 189 18.54 19.94 -25.48
N VAL C 190 18.10 21.10 -25.94
CA VAL C 190 16.68 21.45 -25.93
C VAL C 190 15.96 20.53 -26.92
N ALA C 191 16.57 20.39 -28.10
CA ALA C 191 16.03 19.56 -29.16
C ALA C 191 15.88 18.12 -28.71
N ILE C 192 16.87 17.64 -27.96
CA ILE C 192 16.85 16.28 -27.49
C ILE C 192 15.72 16.05 -26.50
N LYS C 193 15.71 16.85 -25.43
CA LYS C 193 14.67 16.73 -24.42
C LYS C 193 13.30 16.72 -25.07
N THR C 194 13.13 17.54 -26.10
CA THR C 194 11.86 17.62 -26.79
C THR C 194 11.49 16.29 -27.41
N MSE C 195 12.32 15.82 -28.34
CA MSE C 195 12.08 14.55 -29.00
C MSE C 195 11.94 13.36 -28.04
O MSE C 195 11.12 12.47 -28.26
CB MSE C 195 13.16 14.29 -30.06
CG MSE C 195 13.08 15.27 -31.23
SE MSE C 195 11.40 15.37 -32.00
CE MSE C 195 11.04 13.66 -32.24
N ASN C 196 12.73 13.33 -26.97
CA ASN C 196 12.54 12.23 -26.03
C ASN C 196 11.09 12.28 -25.54
N LYS C 197 10.60 13.49 -25.22
CA LYS C 197 9.22 13.62 -24.75
C LYS C 197 8.25 13.11 -25.82
N VAL C 198 8.55 13.40 -27.08
CA VAL C 198 7.71 12.90 -28.16
C VAL C 198 7.65 11.37 -28.08
N ALA C 199 8.83 10.77 -28.01
CA ALA C 199 8.98 9.32 -27.92
C ALA C 199 8.22 8.83 -26.71
N SER C 200 8.56 9.39 -25.55
CA SER C 200 7.93 9.00 -24.31
C SER C 200 6.41 9.14 -24.41
N HIS C 201 5.95 10.18 -25.11
CA HIS C 201 4.53 10.41 -25.26
C HIS C 201 3.90 9.30 -26.10
N ILE C 202 4.57 8.93 -27.21
CA ILE C 202 4.07 7.86 -28.08
C ILE C 202 3.91 6.59 -27.23
N ASN C 203 4.92 6.33 -26.39
CA ASN C 203 4.89 5.15 -25.57
C ASN C 203 3.73 5.17 -24.59
N GLU C 204 3.53 6.30 -23.93
CA GLU C 204 2.43 6.40 -22.98
C GLU C 204 1.09 6.18 -23.70
N MSE C 205 0.96 6.77 -24.90
CA MSE C 205 -0.26 6.60 -25.66
C MSE C 205 -0.49 5.13 -25.98
O MSE C 205 -1.63 4.66 -25.95
CB MSE C 205 -0.19 7.40 -26.97
CG MSE C 205 -0.27 8.93 -26.78
SE MSE C 205 -1.80 9.57 -25.99
CE MSE C 205 -1.56 9.13 -24.23
N GLN C 206 0.60 4.42 -26.29
CA GLN C 206 0.49 3.01 -26.62
C GLN C 206 0.02 2.23 -25.40
N LYS C 207 0.60 2.55 -24.25
CA LYS C 207 0.20 1.85 -23.04
C LYS C 207 -1.31 1.96 -22.84
N ILE C 208 -1.87 3.13 -23.07
CA ILE C 208 -3.29 3.34 -22.91
C ILE C 208 -4.03 2.49 -23.93
N HIS C 209 -3.61 2.59 -25.18
CA HIS C 209 -4.25 1.84 -26.25
C HIS C 209 -4.27 0.36 -25.93
N GLU C 210 -3.21 -0.14 -25.33
CA GLU C 210 -3.17 -1.55 -24.98
C GLU C 210 -4.27 -1.88 -24.01
N GLU C 211 -4.53 -1.00 -23.05
CA GLU C 211 -5.56 -1.25 -22.04
C GLU C 211 -7.00 -0.93 -22.44
N PHE C 212 -7.23 0.14 -23.19
CA PHE C 212 -8.61 0.49 -23.55
C PHE C 212 -8.93 0.44 -25.06
N GLY C 213 -7.92 0.16 -25.89
CA GLY C 213 -8.10 0.09 -27.34
C GLY C 213 -9.26 -0.78 -27.76
N ALA C 214 -9.41 -1.92 -27.11
CA ALA C 214 -10.52 -2.82 -27.42
C ALA C 214 -11.85 -2.06 -27.36
N VAL C 215 -12.11 -1.47 -26.20
CA VAL C 215 -13.34 -0.71 -25.98
C VAL C 215 -13.50 0.39 -27.02
N PHE C 216 -12.44 1.19 -27.18
CA PHE C 216 -12.48 2.28 -28.15
C PHE C 216 -12.92 1.77 -29.52
N ASP C 217 -12.50 0.55 -29.86
CA ASP C 217 -12.86 -0.02 -31.15
C ASP C 217 -14.34 -0.37 -31.19
N GLN C 218 -14.84 -1.01 -30.12
CA GLN C 218 -16.24 -1.38 -30.06
C GLN C 218 -17.14 -0.15 -30.18
N LEU C 219 -16.71 0.96 -29.58
CA LEU C 219 -17.48 2.19 -29.65
C LEU C 219 -17.52 2.78 -31.06
N ILE C 220 -16.38 2.75 -31.77
CA ILE C 220 -16.34 3.27 -33.12
C ILE C 220 -17.25 2.40 -33.98
N ALA C 221 -17.02 1.10 -33.94
CA ALA C 221 -17.89 0.19 -34.68
C ALA C 221 -19.10 0.15 -33.77
N GLU C 222 -20.06 -0.73 -34.04
CA GLU C 222 -21.24 -0.81 -33.18
C GLU C 222 -21.95 0.54 -33.08
N GLN C 223 -21.47 1.53 -33.81
CA GLN C 223 -22.06 2.86 -33.74
C GLN C 223 -23.55 2.83 -34.06
N THR C 224 -24.33 2.57 -33.02
CA THR C 224 -25.79 2.46 -33.02
C THR C 224 -26.53 2.84 -34.29
N GLY C 225 -26.61 1.91 -35.24
CA GLY C 225 -27.30 2.17 -36.48
C GLY C 225 -26.69 3.31 -37.26
N GLU C 226 -26.05 4.23 -36.53
CA GLU C 226 -25.41 5.39 -37.14
C GLU C 226 -24.46 4.89 -38.21
N LYS C 227 -24.25 5.71 -39.23
CA LYS C 227 -23.38 5.36 -40.33
C LYS C 227 -22.02 6.01 -40.12
N LYS C 228 -21.45 5.75 -38.93
CA LYS C 228 -20.15 6.28 -38.56
C LYS C 228 -20.19 7.80 -38.45
N GLU C 229 -20.70 8.29 -37.32
CA GLU C 229 -20.79 9.73 -37.08
C GLU C 229 -19.43 10.20 -36.60
N VAL C 230 -18.72 9.32 -35.89
CA VAL C 230 -17.39 9.59 -35.37
C VAL C 230 -16.33 8.88 -36.19
N ALA C 231 -16.34 7.55 -36.10
CA ALA C 231 -15.40 6.71 -36.82
C ALA C 231 -13.96 7.21 -36.73
N ASP C 232 -13.37 7.15 -35.53
CA ASP C 232 -12.00 7.58 -35.30
C ASP C 232 -11.70 8.02 -33.87
N LEU C 233 -11.12 7.14 -33.08
CA LEU C 233 -10.72 7.50 -31.72
C LEU C 233 -9.23 7.22 -31.71
N SER C 234 -8.49 7.96 -32.53
CA SER C 234 -7.05 7.72 -32.65
C SER C 234 -6.29 8.29 -31.47
N MSE C 235 -5.25 7.59 -31.07
CA MSE C 235 -4.42 8.03 -29.96
C MSE C 235 -3.71 9.31 -30.36
O MSE C 235 -3.01 9.94 -29.56
CB MSE C 235 -3.44 6.93 -29.60
CG MSE C 235 -4.16 5.63 -29.36
SE MSE C 235 -5.47 5.78 -28.10
CE MSE C 235 -4.44 6.11 -26.64
N GLY C 236 -3.90 9.71 -31.62
CA GLY C 236 -3.27 10.92 -32.09
C GLY C 236 -4.11 12.10 -31.66
N ASP C 237 -5.35 11.85 -31.28
CA ASP C 237 -6.24 12.92 -30.87
C ASP C 237 -6.67 12.86 -29.41
N LEU C 238 -5.98 12.09 -28.60
CA LEU C 238 -6.33 12.00 -27.19
C LEU C 238 -5.70 13.21 -26.54
N LEU C 239 -6.54 14.13 -26.06
CA LEU C 239 -6.05 15.35 -25.44
C LEU C 239 -5.82 15.19 -23.96
N LEU C 240 -6.65 14.37 -23.32
CA LEU C 240 -6.51 14.19 -21.89
C LEU C 240 -7.31 13.00 -21.43
N HIS C 241 -6.77 12.31 -20.43
CA HIS C 241 -7.45 11.16 -19.88
C HIS C 241 -7.33 11.28 -18.36
N THR C 242 -8.39 10.93 -17.64
CA THR C 242 -8.37 11.00 -16.18
C THR C 242 -9.38 10.04 -15.62
N SER C 243 -9.26 9.81 -14.33
CA SER C 243 -10.14 8.90 -13.63
C SER C 243 -11.07 9.83 -12.87
N VAL C 244 -12.36 9.55 -12.93
CA VAL C 244 -13.33 10.40 -12.26
C VAL C 244 -14.36 9.53 -11.53
N ILE C 245 -15.10 10.11 -10.60
CA ILE C 245 -16.13 9.34 -9.89
C ILE C 245 -17.53 9.62 -10.44
N TRP C 246 -18.24 8.55 -10.77
CA TRP C 246 -19.58 8.62 -11.34
C TRP C 246 -20.61 8.73 -10.22
N LEU C 247 -21.07 9.96 -9.99
CA LEU C 247 -22.03 10.25 -8.93
C LEU C 247 -23.44 9.77 -9.19
N ASN C 248 -23.86 9.77 -10.45
CA ASN C 248 -25.21 9.33 -10.80
C ASN C 248 -25.24 8.06 -11.67
N PRO C 249 -24.69 6.95 -11.16
CA PRO C 249 -24.66 5.69 -11.90
C PRO C 249 -26.04 5.05 -11.98
N PRO C 250 -26.24 4.12 -12.93
CA PRO C 250 -27.53 3.46 -13.04
C PRO C 250 -27.80 2.71 -11.74
N ALA C 251 -29.07 2.45 -11.48
CA ALA C 251 -29.47 1.76 -10.26
C ALA C 251 -28.75 0.43 -10.00
N SER C 252 -28.44 -0.30 -11.06
CA SER C 252 -27.76 -1.59 -10.91
C SER C 252 -26.43 -1.40 -10.18
N LEU C 253 -25.58 -0.56 -10.75
CA LEU C 253 -24.28 -0.26 -10.20
C LEU C 253 -24.36 0.55 -8.90
N GLY C 254 -24.96 1.74 -8.98
CA GLY C 254 -25.07 2.60 -7.82
C GLY C 254 -25.53 1.94 -6.52
N LYS C 255 -26.42 0.97 -6.64
CA LYS C 255 -26.94 0.28 -5.47
C LYS C 255 -25.95 -0.69 -4.83
N TRP C 256 -24.78 -0.83 -5.44
CA TRP C 256 -23.77 -1.72 -4.88
C TRP C 256 -22.47 -1.00 -4.59
N LYS C 257 -22.21 0.05 -5.33
CA LYS C 257 -20.97 0.77 -5.15
C LYS C 257 -21.27 2.24 -4.93
N LYS C 258 -21.05 2.68 -3.71
CA LYS C 258 -21.28 4.06 -3.31
C LYS C 258 -20.92 5.02 -4.42
N GLU C 259 -19.67 4.99 -4.84
CA GLU C 259 -19.21 5.88 -5.89
C GLU C 259 -18.31 5.20 -6.91
N PRO C 260 -18.92 4.64 -7.97
CA PRO C 260 -18.22 3.95 -9.06
C PRO C 260 -17.24 4.90 -9.69
N GLU C 261 -16.19 4.35 -10.29
CA GLU C 261 -15.17 5.15 -10.92
C GLU C 261 -15.12 4.89 -12.42
N LEU C 262 -15.01 5.97 -13.20
CA LEU C 262 -14.94 5.84 -14.65
C LEU C 262 -13.65 6.37 -15.20
N ALA C 263 -13.25 5.85 -16.35
CA ALA C 263 -12.06 6.33 -17.02
C ALA C 263 -12.62 7.31 -18.03
N ALA C 264 -12.09 8.53 -18.04
CA ALA C 264 -12.59 9.54 -18.96
C ALA C 264 -11.54 9.84 -20.00
N PHE C 265 -11.96 9.91 -21.25
CA PHE C 265 -11.03 10.24 -22.32
C PHE C 265 -11.60 11.38 -23.16
N VAL C 266 -10.80 12.42 -23.35
CA VAL C 266 -11.19 13.56 -24.15
C VAL C 266 -10.45 13.52 -25.48
N PHE C 267 -11.11 13.02 -26.52
CA PHE C 267 -10.52 12.98 -27.85
C PHE C 267 -11.01 14.18 -28.64
N LYS C 268 -10.24 14.62 -29.63
CA LYS C 268 -10.67 15.76 -30.44
C LYS C 268 -12.05 15.51 -31.03
N THR C 269 -12.40 14.25 -31.24
CA THR C 269 -13.67 13.92 -31.84
C THR C 269 -14.75 13.41 -30.91
N ALA C 270 -14.43 13.24 -29.64
CA ALA C 270 -15.43 12.75 -28.70
C ALA C 270 -14.92 12.61 -27.29
N VAL C 271 -15.85 12.36 -26.37
CA VAL C 271 -15.53 12.16 -24.98
C VAL C 271 -15.95 10.74 -24.68
N VAL C 272 -15.04 9.95 -24.10
CA VAL C 272 -15.38 8.57 -23.80
C VAL C 272 -15.31 8.27 -22.33
N LEU C 273 -16.25 7.44 -21.89
CA LEU C 273 -16.34 7.05 -20.50
C LEU C 273 -16.34 5.53 -20.44
N VAL C 274 -15.43 4.99 -19.63
CA VAL C 274 -15.33 3.56 -19.51
C VAL C 274 -15.28 3.13 -18.06
N TYR C 275 -16.00 2.06 -17.74
CA TYR C 275 -16.01 1.52 -16.40
C TYR C 275 -15.39 0.14 -16.44
N LYS C 276 -14.27 -0.04 -15.75
CA LYS C 276 -13.65 -1.34 -15.72
C LYS C 276 -13.56 -1.82 -14.30
N ASP C 277 -13.85 -3.10 -14.09
CA ASP C 277 -13.76 -3.68 -12.77
C ASP C 277 -12.79 -4.83 -12.79
N GLY C 278 -12.14 -5.10 -11.66
CA GLY C 278 -11.19 -6.20 -11.61
C GLY C 278 -10.45 -6.39 -10.29
N SER C 279 -9.79 -7.53 -10.18
CA SER C 279 -9.02 -7.88 -8.98
C SER C 279 -7.94 -8.91 -9.33
N LYS C 280 -8.37 -10.12 -9.67
CA LYS C 280 -7.45 -11.20 -10.03
C LYS C 280 -8.20 -12.39 -10.62
N GLN C 281 -7.52 -13.16 -11.47
CA GLN C 281 -8.12 -14.33 -12.10
C GLN C 281 -8.00 -15.57 -11.20
N LYS C 282 -7.18 -15.46 -10.16
CA LYS C 282 -6.97 -16.56 -9.22
C LYS C 282 -6.36 -17.76 -9.95
N LYS C 283 -5.05 -17.89 -9.88
CA LYS C 283 -4.34 -18.98 -10.52
C LYS C 283 -4.75 -19.14 -11.99
N LYS C 284 -5.60 -20.13 -12.25
CA LYS C 284 -6.08 -20.40 -13.61
C LYS C 284 -7.22 -21.40 -13.60
N LEU C 285 -7.67 -21.79 -14.78
CA LEU C 285 -8.76 -22.75 -14.92
C LEU C 285 -8.29 -23.94 -15.74
N VAL C 286 -8.31 -25.11 -15.13
CA VAL C 286 -7.89 -26.34 -15.81
C VAL C 286 -9.07 -27.00 -16.52
N GLY C 287 -10.02 -27.49 -15.74
CA GLY C 287 -11.19 -28.13 -16.32
C GLY C 287 -12.16 -28.62 -15.27
N SER C 288 -13.31 -27.95 -15.18
CA SER C 288 -14.34 -28.32 -14.21
C SER C 288 -15.70 -28.43 -14.89
N HIS C 289 -16.32 -29.60 -14.76
CA HIS C 289 -17.63 -29.85 -15.35
C HIS C 289 -18.74 -29.60 -14.35
N ARG C 290 -18.37 -29.15 -13.15
CA ARG C 290 -19.33 -28.86 -12.10
C ARG C 290 -19.59 -27.36 -12.02
N LEU C 291 -18.63 -26.64 -11.45
CA LEU C 291 -18.74 -25.19 -11.30
C LEU C 291 -18.62 -24.51 -12.67
N SER C 292 -19.58 -23.64 -12.97
CA SER C 292 -19.58 -22.92 -14.24
C SER C 292 -20.23 -21.56 -14.09
N ILE C 293 -19.42 -20.51 -14.09
CA ILE C 293 -19.90 -19.15 -13.96
C ILE C 293 -19.16 -18.20 -14.91
N TYR C 294 -19.67 -16.98 -15.04
CA TYR C 294 -19.05 -15.99 -15.91
C TYR C 294 -17.65 -15.64 -15.43
N GLU C 295 -16.65 -16.02 -16.22
CA GLU C 295 -15.26 -15.75 -15.89
C GLU C 295 -14.49 -15.26 -17.11
N GLU C 296 -13.44 -14.48 -16.87
CA GLU C 296 -12.60 -13.93 -17.93
C GLU C 296 -13.41 -13.53 -19.16
N TRP C 297 -14.60 -13.00 -18.94
CA TRP C 297 -15.47 -12.58 -20.03
C TRP C 297 -15.04 -11.21 -20.55
N ASP C 298 -15.23 -10.18 -19.73
CA ASP C 298 -14.87 -8.82 -20.12
C ASP C 298 -14.92 -7.79 -18.99
N PRO C 299 -13.76 -7.24 -18.60
CA PRO C 299 -13.59 -6.25 -17.55
C PRO C 299 -14.30 -4.91 -17.79
N PHE C 300 -14.55 -4.57 -19.06
CA PHE C 300 -15.20 -3.31 -19.33
C PHE C 300 -16.72 -3.41 -19.32
N ARG C 301 -17.28 -3.27 -18.13
CA ARG C 301 -18.71 -3.37 -17.90
C ARG C 301 -19.54 -2.18 -18.39
N PHE C 302 -18.88 -1.13 -18.80
CA PHE C 302 -19.63 0.02 -19.28
C PHE C 302 -18.80 0.94 -20.16
N ARG C 303 -19.32 1.18 -21.35
CA ARG C 303 -18.64 2.05 -22.29
C ARG C 303 -19.70 3.02 -22.78
N HIS C 304 -19.28 4.18 -23.27
CA HIS C 304 -20.22 5.17 -23.80
C HIS C 304 -19.41 6.29 -24.42
N MSE C 305 -19.66 6.55 -25.70
CA MSE C 305 -18.94 7.60 -26.43
C MSE C 305 -19.83 8.78 -26.81
O MSE C 305 -20.87 8.62 -27.46
CB MSE C 305 -18.32 7.01 -27.70
CG MSE C 305 -17.65 8.05 -28.59
SE MSE C 305 -17.03 7.43 -30.18
CE MSE C 305 -18.52 6.69 -30.87
N ILE C 306 -19.43 9.98 -26.40
CA ILE C 306 -20.19 11.17 -26.71
C ILE C 306 -19.45 11.99 -27.78
N PRO C 307 -19.98 12.01 -29.01
CA PRO C 307 -19.35 12.76 -30.10
C PRO C 307 -19.32 14.24 -29.78
N THR C 308 -18.32 14.95 -30.27
CA THR C 308 -18.22 16.37 -29.99
C THR C 308 -19.47 17.11 -30.46
N GLU C 309 -20.08 16.62 -31.53
CA GLU C 309 -21.28 17.22 -32.10
C GLU C 309 -22.47 17.24 -31.13
N ALA C 310 -22.48 16.31 -30.17
CA ALA C 310 -23.56 16.21 -29.20
C ALA C 310 -23.06 16.34 -27.77
N LEU C 311 -21.84 16.85 -27.63
CA LEU C 311 -21.21 17.00 -26.32
C LEU C 311 -21.40 18.38 -25.71
N GLN C 312 -22.12 18.40 -24.59
CA GLN C 312 -22.40 19.63 -23.85
C GLN C 312 -21.78 19.49 -22.46
N VAL C 313 -21.12 20.54 -21.99
CA VAL C 313 -20.46 20.48 -20.69
C VAL C 313 -20.61 21.69 -19.80
N ARG C 314 -21.15 21.48 -18.60
CA ARG C 314 -21.31 22.57 -17.62
C ARG C 314 -20.70 22.18 -16.27
N ALA C 315 -19.80 23.03 -15.77
CA ALA C 315 -19.17 22.82 -14.47
C ALA C 315 -20.17 23.25 -13.41
N LEU C 316 -20.65 22.29 -12.62
CA LEU C 316 -21.63 22.56 -11.57
C LEU C 316 -21.22 23.61 -10.54
N PRO C 317 -22.11 24.58 -10.26
CA PRO C 317 -21.86 25.65 -9.28
C PRO C 317 -21.87 25.08 -7.85
N SER C 318 -20.97 25.57 -7.01
CA SER C 318 -20.91 25.08 -5.64
C SER C 318 -20.93 26.24 -4.64
N ALA C 319 -21.44 25.96 -3.45
CA ALA C 319 -21.50 26.97 -2.40
C ALA C 319 -20.07 27.47 -2.18
N ASP C 320 -19.17 26.52 -1.93
CA ASP C 320 -17.75 26.81 -1.72
C ASP C 320 -17.02 26.55 -3.03
N ALA C 321 -17.48 27.19 -4.11
CA ALA C 321 -16.89 27.05 -5.44
C ALA C 321 -15.39 27.33 -5.41
N GLU C 322 -14.73 27.07 -6.54
CA GLU C 322 -13.28 27.24 -6.67
C GLU C 322 -12.58 26.12 -5.89
N ALA C 323 -13.40 25.30 -5.23
CA ALA C 323 -12.94 24.17 -4.44
C ALA C 323 -13.71 22.92 -4.91
N ASN C 324 -14.83 23.16 -5.58
CA ASN C 324 -15.66 22.07 -6.10
C ASN C 324 -14.92 21.35 -7.23
N ALA C 325 -15.03 20.03 -7.24
CA ALA C 325 -14.38 19.23 -8.27
C ALA C 325 -15.45 18.48 -9.08
N VAL C 326 -16.66 19.02 -9.06
CA VAL C 326 -17.78 18.42 -9.77
C VAL C 326 -18.16 19.18 -11.04
N CYS C 327 -18.70 18.46 -12.00
CA CYS C 327 -19.11 19.03 -13.27
C CYS C 327 -19.91 17.97 -14.00
N GLU C 328 -20.55 18.32 -15.10
CA GLU C 328 -21.33 17.33 -15.82
C GLU C 328 -21.21 17.34 -17.33
N ILE C 329 -21.07 16.15 -17.87
CA ILE C 329 -20.95 15.96 -19.30
C ILE C 329 -22.33 15.54 -19.76
N VAL C 330 -22.78 16.14 -20.86
CA VAL C 330 -24.10 15.84 -21.37
C VAL C 330 -24.08 15.34 -22.80
N HIS C 331 -24.76 14.24 -23.04
CA HIS C 331 -24.88 13.70 -24.39
C HIS C 331 -26.27 14.14 -24.81
N VAL C 332 -26.35 15.33 -25.41
CA VAL C 332 -27.63 15.90 -25.83
C VAL C 332 -28.55 14.92 -26.53
N LYS C 333 -29.84 15.18 -26.39
CA LYS C 333 -30.90 14.36 -26.98
C LYS C 333 -30.94 14.48 -28.50
N SER C 334 -31.78 13.66 -29.10
CA SER C 334 -31.94 13.67 -30.55
C SER C 334 -33.38 13.34 -30.92
N GLU C 335 -34.13 14.36 -31.34
CA GLU C 335 -35.53 14.19 -31.75
C GLU C 335 -35.53 13.06 -32.78
N SER C 336 -34.83 13.30 -33.88
CA SER C 336 -34.69 12.30 -34.93
C SER C 336 -33.79 11.26 -34.27
N GLU C 337 -33.65 10.08 -34.88
CA GLU C 337 -32.80 9.07 -34.28
C GLU C 337 -33.44 8.56 -32.97
N GLY C 338 -34.24 9.41 -32.34
CA GLY C 338 -34.92 9.05 -31.11
C GLY C 338 -33.98 8.69 -29.99
N ARG C 339 -33.16 9.66 -29.57
CA ARG C 339 -32.19 9.42 -28.51
C ARG C 339 -32.32 10.47 -27.42
N PRO C 340 -32.64 10.02 -26.18
CA PRO C 340 -32.82 10.84 -24.98
C PRO C 340 -31.55 11.52 -24.50
N GLU C 341 -31.69 12.56 -23.69
CA GLU C 341 -30.54 13.26 -23.17
C GLU C 341 -29.86 12.34 -22.15
N ARG C 342 -28.53 12.37 -22.12
CA ARG C 342 -27.76 11.55 -21.19
C ARG C 342 -26.86 12.49 -20.42
N VAL C 343 -26.93 12.44 -19.10
CA VAL C 343 -26.12 13.31 -18.27
C VAL C 343 -25.22 12.56 -17.31
N PHE C 344 -23.97 12.98 -17.23
CA PHE C 344 -23.03 12.33 -16.35
C PHE C 344 -22.47 13.31 -15.33
N HIS C 345 -22.75 13.07 -14.06
CA HIS C 345 -22.22 13.93 -13.00
C HIS C 345 -20.88 13.32 -12.62
N LEU C 346 -19.81 14.01 -12.95
CA LEU C 346 -18.49 13.48 -12.67
C LEU C 346 -17.74 14.30 -11.63
N CYS C 347 -17.15 13.62 -10.66
CA CYS C 347 -16.37 14.31 -9.65
C CYS C 347 -14.89 14.00 -9.84
N CYS C 348 -14.13 15.00 -10.28
CA CYS C 348 -12.70 14.84 -10.49
C CYS C 348 -11.95 14.62 -9.17
N SER C 349 -10.72 14.13 -9.27
CA SER C 349 -9.92 13.84 -8.08
C SER C 349 -9.40 15.08 -7.40
N SER C 350 -9.61 16.24 -8.02
CA SER C 350 -9.13 17.48 -7.43
C SER C 350 -9.52 18.66 -8.30
N PRO C 351 -9.59 19.86 -7.71
CA PRO C 351 -9.96 21.06 -8.48
C PRO C 351 -9.05 21.26 -9.70
N GLU C 352 -7.78 20.92 -9.57
CA GLU C 352 -6.83 21.06 -10.68
C GLU C 352 -7.26 20.14 -11.81
N SER C 353 -7.61 18.90 -11.43
CA SER C 353 -8.05 17.91 -12.39
C SER C 353 -9.29 18.41 -13.12
N ARG C 354 -10.24 18.97 -12.36
CA ARG C 354 -11.46 19.50 -12.95
C ARG C 354 -11.07 20.62 -13.91
N LYS C 355 -10.20 21.51 -13.44
CA LYS C 355 -9.72 22.64 -14.24
C LYS C 355 -9.25 22.13 -15.61
N ASP C 356 -8.32 21.18 -15.56
CA ASP C 356 -7.76 20.60 -16.77
C ASP C 356 -8.77 19.84 -17.62
N PHE C 357 -9.65 19.09 -16.95
CA PHE C 357 -10.67 18.33 -17.67
C PHE C 357 -11.58 19.24 -18.49
N LEU C 358 -12.15 20.25 -17.83
CA LEU C 358 -13.05 21.19 -18.50
C LEU C 358 -12.31 21.98 -19.58
N LYS C 359 -11.11 22.44 -19.25
CA LYS C 359 -10.33 23.20 -20.23
C LYS C 359 -10.22 22.35 -21.49
N SER C 360 -9.91 21.08 -21.30
CA SER C 360 -9.77 20.12 -22.40
C SER C 360 -11.06 19.95 -23.19
N VAL C 361 -12.17 19.73 -22.49
CA VAL C 361 -13.45 19.55 -23.14
C VAL C 361 -13.87 20.79 -23.92
N HIS C 362 -13.73 21.95 -23.30
CA HIS C 362 -14.07 23.18 -23.97
C HIS C 362 -13.26 23.28 -25.25
N SER C 363 -12.00 22.92 -25.15
CA SER C 363 -11.10 22.96 -26.29
C SER C 363 -11.66 22.22 -27.51
N ILE C 364 -12.12 20.99 -27.34
CA ILE C 364 -12.63 20.27 -28.51
C ILE C 364 -13.91 20.89 -29.02
N LEU C 365 -14.69 21.49 -28.12
CA LEU C 365 -15.94 22.14 -28.51
C LEU C 365 -15.64 23.41 -29.30
N ARG C 366 -14.69 24.18 -28.77
CA ARG C 366 -14.27 25.42 -29.42
C ARG C 366 -13.90 25.11 -30.87
N ASP C 367 -12.89 24.26 -31.04
CA ASP C 367 -12.41 23.89 -32.37
C ASP C 367 -13.46 23.25 -33.27
N LYS C 368 -14.11 22.20 -32.73
CA LYS C 368 -15.12 21.47 -33.49
C LYS C 368 -16.46 22.19 -33.51
N HIS C 369 -16.44 23.47 -33.84
CA HIS C 369 -17.64 24.29 -33.90
C HIS C 369 -17.58 25.20 -35.13
N ARG C 370 -16.35 25.57 -35.51
CA ARG C 370 -16.10 26.44 -36.65
C ARG C 370 -16.97 26.07 -37.86
N ARG C 371 -17.17 24.77 -38.07
CA ARG C 371 -17.98 24.28 -39.17
C ARG C 371 -19.09 23.36 -38.65
N GLN C 372 -18.68 22.25 -38.01
CA GLN C 372 -19.61 21.26 -37.46
C GLN C 372 -20.21 21.69 -36.11
N MET D 1 10.91 -18.27 -51.89
CA MET D 1 11.97 -18.84 -51.00
C MET D 1 11.62 -18.56 -49.54
N GLN D 2 12.07 -19.42 -48.65
CA GLN D 2 11.78 -19.24 -47.22
C GLN D 2 12.52 -18.03 -46.64
N ALA D 3 11.79 -17.23 -45.86
CA ALA D 3 12.36 -16.05 -45.22
C ALA D 3 12.50 -16.35 -43.74
N ILE D 4 13.51 -15.78 -43.08
CA ILE D 4 13.69 -16.05 -41.66
C ILE D 4 13.81 -14.57 -41.31
N LYS D 5 13.13 -14.10 -40.26
CA LYS D 5 13.21 -12.67 -39.91
C LYS D 5 13.90 -12.79 -38.54
N CYS D 6 15.01 -12.10 -38.41
CA CYS D 6 15.80 -12.08 -37.19
C CYS D 6 15.80 -10.66 -36.59
N VAL D 7 15.42 -10.60 -35.31
CA VAL D 7 15.37 -9.33 -34.60
C VAL D 7 16.45 -9.29 -33.54
N VAL D 8 17.36 -8.36 -33.65
CA VAL D 8 18.44 -8.22 -32.69
C VAL D 8 17.98 -7.30 -31.53
N VAL D 9 18.00 -7.79 -30.29
CA VAL D 9 17.59 -6.97 -29.16
C VAL D 9 18.66 -6.85 -28.07
N GLY D 10 18.41 -6.02 -27.05
CA GLY D 10 19.37 -5.84 -25.97
C GLY D 10 19.81 -4.40 -25.69
N ASP D 11 20.26 -4.14 -24.47
CA ASP D 11 20.71 -2.80 -24.07
C ASP D 11 21.37 -2.01 -25.18
N GLY D 12 21.24 -0.69 -25.08
CA GLY D 12 21.84 0.18 -26.07
C GLY D 12 23.31 0.30 -25.74
N ALA D 13 24.11 0.69 -26.73
CA ALA D 13 25.55 0.84 -26.54
C ALA D 13 26.19 -0.54 -26.28
N VAL D 14 25.65 -1.54 -26.96
CA VAL D 14 26.13 -2.90 -26.83
C VAL D 14 26.78 -3.32 -28.13
N GLY D 15 26.45 -2.60 -29.20
CA GLY D 15 27.02 -2.88 -30.50
C GLY D 15 26.07 -3.40 -31.56
N LYS D 16 24.82 -3.63 -31.20
CA LYS D 16 23.84 -4.15 -32.14
C LYS D 16 23.94 -3.55 -33.54
N THR D 17 23.76 -2.24 -33.66
CA THR D 17 23.80 -1.60 -34.97
C THR D 17 25.13 -1.81 -35.68
N CYS D 18 26.23 -1.61 -34.96
CA CYS D 18 27.55 -1.79 -35.56
C CYS D 18 27.68 -3.23 -36.06
N LEU D 19 27.43 -4.15 -35.14
CA LEU D 19 27.48 -5.58 -35.41
C LEU D 19 26.74 -5.92 -36.71
N LEU D 20 25.48 -5.49 -36.81
CA LEU D 20 24.68 -5.75 -38.01
C LEU D 20 25.26 -5.09 -39.26
N ILE D 21 25.86 -3.93 -39.10
CA ILE D 21 26.44 -3.27 -40.26
C ILE D 21 27.68 -4.04 -40.68
N SER D 22 28.58 -4.25 -39.72
CA SER D 22 29.83 -4.98 -39.95
C SER D 22 29.51 -6.27 -40.71
N TYR D 23 28.56 -7.04 -40.20
CA TYR D 23 28.16 -8.28 -40.85
C TYR D 23 27.69 -8.02 -42.27
N THR D 24 26.50 -7.45 -42.42
CA THR D 24 25.93 -7.20 -43.74
C THR D 24 26.81 -6.41 -44.70
N THR D 25 27.82 -5.73 -44.19
CA THR D 25 28.67 -4.96 -45.06
C THR D 25 30.06 -5.59 -45.20
N ASN D 26 30.32 -6.65 -44.42
CA ASN D 26 31.58 -7.36 -44.45
C ASN D 26 32.75 -6.42 -44.23
N ALA D 27 32.54 -5.41 -43.40
CA ALA D 27 33.59 -4.44 -43.13
C ALA D 27 33.23 -3.58 -41.94
N PHE D 28 34.12 -3.54 -40.95
CA PHE D 28 33.88 -2.70 -39.78
C PHE D 28 33.66 -1.28 -40.28
N PRO D 29 32.64 -0.58 -39.75
CA PRO D 29 32.34 0.79 -40.15
C PRO D 29 33.54 1.74 -40.02
N GLY D 30 34.29 1.62 -38.93
CA GLY D 30 35.44 2.49 -38.75
C GLY D 30 35.29 3.52 -37.64
N GLU D 31 35.77 4.73 -37.91
CA GLU D 31 35.67 5.79 -36.91
C GLU D 31 34.23 6.26 -36.79
N TYR D 32 33.52 6.30 -37.91
CA TYR D 32 32.13 6.72 -37.89
C TYR D 32 31.19 5.53 -38.01
N ILE D 33 30.53 5.20 -36.92
CA ILE D 33 29.59 4.08 -36.89
C ILE D 33 28.19 4.61 -37.10
N PRO D 34 27.59 4.31 -38.25
CA PRO D 34 26.23 4.78 -38.51
C PRO D 34 25.26 4.48 -37.36
N THR D 35 24.24 5.33 -37.23
CA THR D 35 23.25 5.17 -36.18
C THR D 35 22.06 4.38 -36.70
N VAL D 36 21.81 4.50 -37.99
CA VAL D 36 20.70 3.83 -38.62
C VAL D 36 21.09 2.60 -39.44
N PHE D 37 20.31 1.54 -39.27
CA PHE D 37 20.50 0.31 -39.99
C PHE D 37 19.14 -0.07 -40.55
N ASP D 38 18.93 0.18 -41.84
CA ASP D 38 17.63 -0.14 -42.47
C ASP D 38 17.39 -1.65 -42.43
N ASN D 39 16.13 -2.05 -42.55
CA ASN D 39 15.81 -3.46 -42.55
C ASN D 39 16.57 -4.13 -43.66
N TYR D 40 17.33 -5.16 -43.31
CA TYR D 40 18.19 -5.91 -44.24
C TYR D 40 17.58 -7.22 -44.66
N SER D 41 17.89 -7.62 -45.89
CA SER D 41 17.37 -8.88 -46.42
C SER D 41 18.34 -9.41 -47.48
N ALA D 42 18.77 -10.65 -47.33
CA ALA D 42 19.69 -11.28 -48.28
C ALA D 42 19.53 -12.78 -48.33
N ASN D 43 19.75 -13.36 -49.51
CA ASN D 43 19.67 -14.81 -49.66
C ASN D 43 20.92 -15.43 -49.04
N VAL D 44 20.70 -16.49 -48.28
CA VAL D 44 21.78 -17.16 -47.58
C VAL D 44 21.58 -18.67 -47.60
N MET D 45 22.65 -19.42 -47.81
CA MET D 45 22.57 -20.88 -47.82
C MET D 45 23.26 -21.41 -46.58
N VAL D 46 22.59 -22.33 -45.89
CA VAL D 46 23.13 -22.89 -44.67
C VAL D 46 22.75 -24.36 -44.64
N ASP D 47 23.77 -25.22 -44.55
CA ASP D 47 23.57 -26.67 -44.53
C ASP D 47 22.79 -27.07 -45.77
N GLY D 48 23.17 -26.48 -46.91
CA GLY D 48 22.52 -26.79 -48.16
C GLY D 48 21.12 -26.22 -48.38
N LYS D 49 20.52 -25.66 -47.33
CA LYS D 49 19.18 -25.09 -47.42
C LYS D 49 19.26 -23.57 -47.68
N PRO D 50 18.57 -23.10 -48.74
CA PRO D 50 18.54 -21.68 -49.12
C PRO D 50 17.46 -20.90 -48.38
N VAL D 51 17.81 -19.72 -47.87
CA VAL D 51 16.85 -18.91 -47.14
C VAL D 51 17.12 -17.43 -47.39
N ASN D 52 16.10 -16.62 -47.16
CA ASN D 52 16.25 -15.18 -47.30
C ASN D 52 16.32 -14.69 -45.86
N LEU D 53 17.51 -14.28 -45.42
CA LEU D 53 17.67 -13.83 -44.04
C LEU D 53 17.28 -12.39 -43.94
N GLY D 54 16.37 -12.10 -43.02
CA GLY D 54 15.93 -10.74 -42.81
C GLY D 54 16.45 -10.25 -41.49
N LEU D 55 17.04 -9.06 -41.47
CA LEU D 55 17.56 -8.51 -40.22
C LEU D 55 16.96 -7.14 -39.85
N TRP D 56 16.45 -7.05 -38.62
CA TRP D 56 15.86 -5.82 -38.09
C TRP D 56 16.61 -5.36 -36.86
N ASP D 57 17.14 -4.15 -36.91
CA ASP D 57 17.84 -3.56 -35.77
C ASP D 57 16.75 -3.02 -34.81
N THR D 58 17.12 -2.64 -33.60
CA THR D 58 16.15 -2.10 -32.66
C THR D 58 16.70 -0.92 -31.89
N ALA D 59 17.71 -0.28 -32.45
CA ALA D 59 18.31 0.86 -31.79
C ALA D 59 17.30 1.99 -31.63
N GLY D 60 17.32 2.61 -30.46
CA GLY D 60 16.43 3.72 -30.20
C GLY D 60 15.12 3.35 -29.55
N GLN D 61 14.85 2.06 -29.42
CA GLN D 61 13.61 1.65 -28.80
C GLN D 61 13.77 0.84 -27.52
N GLU D 62 15.00 0.69 -27.04
CA GLU D 62 15.23 -0.09 -25.84
C GLU D 62 14.62 0.51 -24.58
N ASP D 63 14.29 1.80 -24.61
CA ASP D 63 13.68 2.42 -23.44
C ASP D 63 12.16 2.59 -23.49
N TYR D 64 11.53 2.16 -24.56
CA TYR D 64 10.09 2.29 -24.70
C TYR D 64 9.38 0.94 -24.69
N ASP D 65 9.18 0.45 -23.49
CA ASP D 65 8.58 -0.84 -23.22
C ASP D 65 7.30 -1.22 -23.94
N ARG D 66 6.64 -0.27 -24.57
CA ARG D 66 5.38 -0.58 -25.26
C ARG D 66 5.52 -0.47 -26.76
N LEU D 67 6.59 0.19 -27.18
CA LEU D 67 6.85 0.36 -28.61
C LEU D 67 7.80 -0.76 -29.05
N ARG D 68 8.75 -1.04 -28.16
CA ARG D 68 9.78 -2.04 -28.32
C ARG D 68 9.27 -3.39 -28.83
N PRO D 69 8.23 -3.94 -28.22
CA PRO D 69 7.69 -5.23 -28.64
C PRO D 69 6.83 -5.25 -29.91
N LEU D 70 6.73 -4.11 -30.58
CA LEU D 70 5.94 -4.03 -31.81
C LEU D 70 6.59 -4.78 -32.96
N SER D 71 7.90 -5.01 -32.84
CA SER D 71 8.66 -5.73 -33.85
C SER D 71 8.74 -7.24 -33.60
N TYR D 72 8.44 -7.66 -32.37
CA TYR D 72 8.51 -9.05 -31.94
C TYR D 72 7.62 -10.07 -32.66
N PRO D 73 6.36 -9.72 -32.95
CA PRO D 73 5.49 -10.69 -33.62
C PRO D 73 6.04 -11.20 -34.96
N GLN D 74 5.76 -12.46 -35.27
CA GLN D 74 6.21 -13.07 -36.52
C GLN D 74 7.74 -13.11 -36.68
N THR D 75 8.44 -13.24 -35.58
CA THR D 75 9.90 -13.28 -35.60
C THR D 75 10.34 -14.74 -35.49
N ASP D 76 11.34 -15.13 -36.28
CA ASP D 76 11.78 -16.53 -36.24
C ASP D 76 12.93 -16.82 -35.30
N VAL D 77 13.81 -15.84 -35.12
CA VAL D 77 14.93 -15.98 -34.19
C VAL D 77 15.30 -14.65 -33.59
N PHE D 78 15.59 -14.66 -32.29
CA PHE D 78 16.01 -13.45 -31.61
C PHE D 78 17.49 -13.54 -31.25
N LEU D 79 18.20 -12.43 -31.42
CA LEU D 79 19.59 -12.34 -31.03
C LEU D 79 19.62 -11.40 -29.82
N ILE D 80 19.60 -11.94 -28.61
CA ILE D 80 19.69 -11.13 -27.40
C ILE D 80 21.17 -10.84 -27.17
N CYS D 81 21.60 -9.63 -27.48
CA CYS D 81 23.00 -9.24 -27.32
C CYS D 81 23.34 -8.62 -25.96
N PHE D 82 24.63 -8.42 -25.72
CA PHE D 82 25.14 -7.80 -24.50
C PHE D 82 26.64 -7.63 -24.66
N SER D 83 27.17 -6.52 -24.16
CA SER D 83 28.60 -6.26 -24.26
C SER D 83 29.38 -7.08 -23.25
N LEU D 84 30.42 -7.75 -23.73
CA LEU D 84 31.26 -8.58 -22.87
C LEU D 84 31.96 -7.73 -21.82
N VAL D 85 32.18 -6.46 -22.14
CA VAL D 85 32.83 -5.56 -21.20
C VAL D 85 31.83 -4.64 -20.48
N SER D 86 30.59 -5.10 -20.35
CA SER D 86 29.53 -4.35 -19.67
C SER D 86 28.66 -5.25 -18.82
N PRO D 87 29.09 -5.54 -17.59
CA PRO D 87 28.34 -6.41 -16.70
C PRO D 87 26.87 -6.06 -16.60
N ALA D 88 26.55 -4.77 -16.67
CA ALA D 88 25.15 -4.31 -16.58
C ALA D 88 24.32 -4.82 -17.74
N SER D 89 24.81 -4.62 -18.98
CA SER D 89 24.07 -5.08 -20.14
C SER D 89 23.88 -6.58 -20.02
N PHE D 90 24.84 -7.23 -19.38
CA PHE D 90 24.80 -8.68 -19.19
C PHE D 90 23.64 -9.04 -18.28
N GLU D 91 23.59 -8.38 -17.13
CA GLU D 91 22.54 -8.63 -16.16
C GLU D 91 21.14 -8.41 -16.75
N ASN D 92 21.02 -7.44 -17.64
CA ASN D 92 19.73 -7.17 -18.27
C ASN D 92 19.22 -8.32 -19.11
N VAL D 93 20.11 -9.22 -19.51
CA VAL D 93 19.67 -10.35 -20.30
C VAL D 93 18.68 -11.16 -19.49
N ARG D 94 18.97 -11.36 -18.22
CA ARG D 94 18.05 -12.15 -17.40
C ARG D 94 16.98 -11.32 -16.74
N ALA D 95 17.30 -10.05 -16.48
CA ALA D 95 16.35 -9.18 -15.79
C ALA D 95 15.35 -8.48 -16.73
N LYS D 96 15.76 -8.25 -17.97
CA LYS D 96 14.88 -7.55 -18.89
C LYS D 96 14.55 -8.29 -20.19
N TRP D 97 15.52 -8.34 -21.10
CA TRP D 97 15.36 -8.96 -22.41
C TRP D 97 14.80 -10.38 -22.53
N TYR D 98 15.40 -11.34 -21.84
CA TYR D 98 14.88 -12.69 -21.93
C TYR D 98 13.41 -12.82 -21.52
N PRO D 99 13.07 -12.34 -20.31
CA PRO D 99 11.69 -12.43 -19.82
C PRO D 99 10.70 -11.79 -20.78
N GLU D 100 11.11 -10.68 -21.38
CA GLU D 100 10.27 -9.97 -22.30
C GLU D 100 10.05 -10.72 -23.60
N VAL D 101 11.15 -11.12 -24.24
CA VAL D 101 11.07 -11.85 -25.49
C VAL D 101 10.28 -13.14 -25.34
N ARG D 102 10.48 -13.83 -24.22
CA ARG D 102 9.81 -15.10 -24.00
C ARG D 102 8.31 -14.89 -23.81
N HIS D 103 7.97 -13.81 -23.12
CA HIS D 103 6.57 -13.53 -22.86
C HIS D 103 5.82 -13.29 -24.15
N HIS D 104 6.45 -12.54 -25.06
CA HIS D 104 5.85 -12.22 -26.34
C HIS D 104 6.04 -13.31 -27.39
N CYS D 105 7.07 -14.12 -27.21
CA CYS D 105 7.40 -15.19 -28.15
C CYS D 105 7.84 -16.45 -27.41
N PRO D 106 6.86 -17.22 -26.92
CA PRO D 106 7.04 -18.46 -26.17
C PRO D 106 7.85 -19.54 -26.87
N ASN D 107 7.68 -19.66 -28.17
CA ASN D 107 8.35 -20.69 -28.93
C ASN D 107 9.46 -20.21 -29.85
N THR D 108 9.96 -19.00 -29.64
CA THR D 108 11.00 -18.57 -30.56
C THR D 108 12.41 -18.76 -30.04
N PRO D 109 13.25 -19.44 -30.83
CA PRO D 109 14.64 -19.71 -30.48
C PRO D 109 15.42 -18.43 -30.20
N ILE D 110 16.31 -18.50 -29.22
CA ILE D 110 17.10 -17.35 -28.82
C ILE D 110 18.59 -17.62 -28.83
N ILE D 111 19.34 -16.85 -29.60
CA ILE D 111 20.79 -16.98 -29.59
C ILE D 111 21.31 -15.87 -28.67
N LEU D 112 22.07 -16.24 -27.63
CA LEU D 112 22.64 -15.25 -26.74
C LEU D 112 24.00 -14.80 -27.25
N VAL D 113 24.05 -13.64 -27.90
CA VAL D 113 25.30 -13.12 -28.44
C VAL D 113 26.08 -12.20 -27.50
N GLY D 114 27.37 -12.46 -27.33
CA GLY D 114 28.21 -11.63 -26.50
C GLY D 114 28.97 -10.76 -27.47
N THR D 115 28.96 -9.45 -27.25
CA THR D 115 29.63 -8.54 -28.17
C THR D 115 30.86 -7.88 -27.58
N LYS D 116 31.54 -7.09 -28.41
CA LYS D 116 32.73 -6.36 -28.00
C LYS D 116 33.82 -7.31 -27.50
N LEU D 117 33.88 -8.50 -28.09
CA LEU D 117 34.87 -9.51 -27.73
C LEU D 117 36.29 -8.93 -27.68
N ASP D 118 36.66 -8.22 -28.72
CA ASP D 118 37.99 -7.62 -28.83
C ASP D 118 38.39 -6.68 -27.69
N LEU D 119 37.43 -6.21 -26.91
CA LEU D 119 37.75 -5.32 -25.80
C LEU D 119 37.87 -6.07 -24.49
N ARG D 120 37.66 -7.38 -24.55
CA ARG D 120 37.68 -8.23 -23.36
C ARG D 120 39.05 -8.37 -22.71
N ASP D 121 40.08 -8.41 -23.55
CA ASP D 121 41.46 -8.54 -23.09
C ASP D 121 42.23 -7.30 -23.51
N ASP D 122 41.61 -6.15 -23.32
CA ASP D 122 42.20 -4.87 -23.65
C ASP D 122 42.63 -4.24 -22.33
N LYS D 123 43.92 -3.90 -22.23
CA LYS D 123 44.45 -3.29 -21.01
C LYS D 123 43.61 -2.13 -20.49
N ASP D 124 43.44 -1.10 -21.32
CA ASP D 124 42.68 0.09 -20.95
C ASP D 124 41.25 -0.28 -20.49
N THR D 125 40.57 -1.11 -21.27
CA THR D 125 39.21 -1.52 -20.92
C THR D 125 39.19 -2.21 -19.56
N ILE D 126 40.07 -3.19 -19.38
CA ILE D 126 40.13 -3.95 -18.13
C ILE D 126 40.43 -3.08 -16.92
N GLU D 127 41.24 -2.05 -17.10
CA GLU D 127 41.59 -1.14 -16.01
C GLU D 127 40.39 -0.26 -15.69
N LYS D 128 39.75 0.26 -16.75
CA LYS D 128 38.58 1.10 -16.59
C LYS D 128 37.54 0.35 -15.76
N LEU D 129 37.30 -0.92 -16.08
CA LEU D 129 36.34 -1.72 -15.32
C LEU D 129 36.83 -1.99 -13.90
N LYS D 130 38.14 -2.15 -13.76
CA LYS D 130 38.75 -2.40 -12.46
C LYS D 130 38.51 -1.20 -11.55
N GLU D 131 38.56 0.00 -12.14
CA GLU D 131 38.36 1.23 -11.40
C GLU D 131 36.94 1.29 -10.83
N LYS D 132 36.05 0.49 -11.39
CA LYS D 132 34.67 0.45 -10.96
C LYS D 132 34.38 -0.90 -10.30
N LYS D 133 35.43 -1.56 -9.81
CA LYS D 133 35.28 -2.86 -9.19
C LYS D 133 34.48 -3.79 -10.10
N LEU D 134 34.86 -3.83 -11.37
CA LEU D 134 34.19 -4.69 -12.34
C LEU D 134 35.16 -5.53 -13.15
N THR D 135 34.61 -6.54 -13.81
CA THR D 135 35.40 -7.46 -14.63
C THR D 135 34.57 -7.87 -15.84
N PRO D 136 35.23 -8.03 -17.00
CA PRO D 136 34.50 -8.44 -18.21
C PRO D 136 33.80 -9.77 -17.98
N ILE D 137 32.82 -10.09 -18.82
CA ILE D 137 32.11 -11.36 -18.68
C ILE D 137 32.94 -12.42 -19.40
N THR D 138 33.16 -13.54 -18.73
CA THR D 138 33.93 -14.64 -19.29
C THR D 138 33.03 -15.62 -20.01
N TYR D 139 33.60 -16.31 -21.00
CA TYR D 139 32.89 -17.28 -21.79
C TYR D 139 32.05 -18.20 -20.90
N PRO D 140 32.68 -18.77 -19.86
CA PRO D 140 31.92 -19.66 -18.98
C PRO D 140 30.68 -19.01 -18.40
N GLN D 141 30.76 -17.71 -18.13
CA GLN D 141 29.63 -16.97 -17.58
C GLN D 141 28.57 -16.85 -18.67
N GLY D 142 28.99 -16.36 -19.83
CA GLY D 142 28.08 -16.22 -20.95
C GLY D 142 27.33 -17.52 -21.21
N LEU D 143 28.06 -18.62 -21.21
CA LEU D 143 27.48 -19.92 -21.47
C LEU D 143 26.43 -20.26 -20.42
N ALA D 144 26.74 -19.97 -19.17
CA ALA D 144 25.80 -20.27 -18.10
C ALA D 144 24.51 -19.47 -18.29
N MET D 145 24.67 -18.18 -18.56
CA MET D 145 23.54 -17.31 -18.78
C MET D 145 22.69 -17.93 -19.87
N ALA D 146 23.34 -18.27 -20.99
CA ALA D 146 22.67 -18.88 -22.14
C ALA D 146 21.88 -20.12 -21.69
N LYS D 147 22.50 -20.92 -20.84
CA LYS D 147 21.85 -22.12 -20.35
C LYS D 147 20.66 -21.76 -19.45
N GLU D 148 20.83 -20.72 -18.64
CA GLU D 148 19.78 -20.29 -17.72
C GLU D 148 18.51 -19.89 -18.44
N ILE D 149 18.64 -19.07 -19.48
CA ILE D 149 17.48 -18.61 -20.25
C ILE D 149 17.08 -19.58 -21.35
N GLY D 150 17.77 -20.72 -21.42
CA GLY D 150 17.44 -21.71 -22.43
C GLY D 150 17.71 -21.27 -23.86
N ALA D 151 18.80 -20.53 -24.05
CA ALA D 151 19.17 -20.09 -25.38
C ALA D 151 19.59 -21.32 -26.21
N VAL D 152 19.41 -21.24 -27.51
CA VAL D 152 19.78 -22.33 -28.41
C VAL D 152 21.29 -22.39 -28.57
N LYS D 153 21.95 -21.25 -28.45
CA LYS D 153 23.40 -21.18 -28.60
C LYS D 153 23.93 -19.95 -27.90
N TYR D 154 25.20 -20.00 -27.52
CA TYR D 154 25.84 -18.87 -26.89
C TYR D 154 27.09 -18.56 -27.69
N LEU D 155 27.06 -17.48 -28.46
CA LEU D 155 28.20 -17.10 -29.26
C LEU D 155 28.79 -15.77 -28.83
N GLU D 156 30.01 -15.48 -29.27
CA GLU D 156 30.67 -14.22 -28.93
C GLU D 156 31.24 -13.72 -30.24
N CYS D 157 31.29 -12.40 -30.41
CA CYS D 157 31.83 -11.85 -31.64
C CYS D 157 32.41 -10.48 -31.46
N SER D 158 32.93 -9.93 -32.56
CA SER D 158 33.53 -8.61 -32.57
C SER D 158 33.27 -7.98 -33.92
N ALA D 159 32.46 -6.93 -33.95
CA ALA D 159 32.18 -6.28 -35.22
C ALA D 159 33.47 -5.68 -35.72
N LEU D 160 34.40 -5.46 -34.80
CA LEU D 160 35.70 -4.87 -35.12
C LEU D 160 36.63 -5.88 -35.78
N THR D 161 36.77 -7.04 -35.15
CA THR D 161 37.60 -8.14 -35.64
C THR D 161 36.79 -8.89 -36.70
N GLN D 162 35.49 -8.64 -36.70
CA GLN D 162 34.55 -9.28 -37.61
C GLN D 162 34.55 -10.80 -37.37
N ARG D 163 35.23 -11.23 -36.32
CA ARG D 163 35.29 -12.64 -35.98
C ARG D 163 34.03 -13.09 -35.24
N GLY D 164 33.48 -14.22 -35.68
CA GLY D 164 32.29 -14.75 -35.02
C GLY D 164 30.98 -14.28 -35.59
N LEU D 165 31.03 -13.23 -36.41
CA LEU D 165 29.81 -12.71 -37.00
C LEU D 165 29.05 -13.72 -37.85
N LYS D 166 29.68 -14.19 -38.92
CA LYS D 166 29.04 -15.17 -39.78
C LYS D 166 28.44 -16.31 -38.94
N THR D 167 29.21 -16.76 -37.97
CA THR D 167 28.75 -17.86 -37.13
C THR D 167 27.42 -17.48 -36.52
N VAL D 168 27.39 -16.33 -35.87
CA VAL D 168 26.19 -15.80 -35.23
C VAL D 168 24.96 -15.91 -36.14
N PHE D 169 25.04 -15.42 -37.36
CA PHE D 169 23.85 -15.51 -38.20
C PHE D 169 23.56 -16.88 -38.76
N ASP D 170 24.60 -17.70 -38.93
CA ASP D 170 24.37 -19.04 -39.45
C ASP D 170 23.67 -19.86 -38.37
N GLU D 171 24.16 -19.77 -37.14
CA GLU D 171 23.54 -20.50 -36.04
C GLU D 171 22.11 -20.03 -35.85
N ALA D 172 21.90 -18.75 -36.12
CA ALA D 172 20.57 -18.16 -36.03
C ALA D 172 19.67 -18.90 -36.99
N ILE D 173 20.11 -18.98 -38.24
CA ILE D 173 19.38 -19.67 -39.27
C ILE D 173 19.20 -21.17 -38.95
N ARG D 174 20.24 -21.80 -38.43
CA ARG D 174 20.10 -23.22 -38.11
C ARG D 174 19.03 -23.37 -37.06
N ALA D 175 19.03 -22.46 -36.08
CA ALA D 175 18.06 -22.52 -35.01
C ALA D 175 16.64 -22.58 -35.52
N VAL D 176 16.43 -22.06 -36.74
CA VAL D 176 15.10 -22.01 -37.34
C VAL D 176 14.80 -23.20 -38.23
N LEU D 177 15.75 -23.51 -39.11
CA LEU D 177 15.59 -24.65 -40.03
C LEU D 177 15.34 -25.97 -39.31
N LEU E 6 1.47 51.12 -47.42
CA LEU E 6 2.31 49.90 -47.21
C LEU E 6 1.52 48.59 -47.22
N SER E 7 2.19 47.53 -47.69
CA SER E 7 1.62 46.19 -47.82
C SER E 7 1.89 45.24 -46.66
N ASP E 8 1.55 43.97 -46.87
CA ASP E 8 1.79 42.95 -45.86
C ASP E 8 3.29 42.80 -45.68
N ALA E 9 4.02 42.91 -46.79
CA ALA E 9 5.47 42.81 -46.75
C ALA E 9 6.02 43.91 -45.87
N ASP E 10 5.54 45.13 -46.11
CA ASP E 10 5.99 46.29 -45.33
C ASP E 10 5.66 46.08 -43.86
N LYS E 11 4.39 45.79 -43.59
CA LYS E 11 3.93 45.54 -42.24
C LYS E 11 4.84 44.52 -41.54
N LEU E 12 5.11 43.41 -42.23
CA LEU E 12 5.95 42.35 -41.68
C LEU E 12 7.33 42.88 -41.31
N ARG E 13 7.93 43.62 -42.24
CA ARG E 13 9.25 44.17 -42.00
C ARG E 13 9.21 45.05 -40.75
N LYS E 14 8.10 45.77 -40.57
CA LYS E 14 7.92 46.66 -39.43
C LYS E 14 8.03 45.87 -38.12
N VAL E 15 7.23 44.80 -38.02
CA VAL E 15 7.21 43.94 -36.83
C VAL E 15 8.60 43.33 -36.55
N ILE E 16 9.20 42.78 -37.60
CA ILE E 16 10.51 42.19 -37.43
C ILE E 16 11.46 43.24 -36.88
N CYS E 17 11.32 44.48 -37.35
CA CYS E 17 12.18 45.54 -36.88
C CYS E 17 11.84 45.98 -35.45
N GLU E 18 10.56 46.03 -35.13
CA GLU E 18 10.16 46.45 -33.79
C GLU E 18 10.73 45.46 -32.79
N LEU E 19 10.56 44.17 -33.10
CA LEU E 19 11.02 43.08 -32.25
C LEU E 19 12.50 43.24 -31.98
N LEU E 20 13.29 43.35 -33.04
CA LEU E 20 14.73 43.52 -32.89
C LEU E 20 15.16 44.83 -32.24
N GLU E 21 14.55 45.94 -32.66
CA GLU E 21 14.91 47.23 -32.10
C GLU E 21 14.58 47.31 -30.61
N THR E 22 13.38 46.87 -30.22
CA THR E 22 13.02 46.89 -28.81
C THR E 22 13.88 45.95 -27.97
N GLU E 23 14.31 44.83 -28.58
CA GLU E 23 15.16 43.85 -27.88
C GLU E 23 16.53 44.44 -27.57
N ARG E 24 17.10 45.14 -28.54
CA ARG E 24 18.40 45.79 -28.37
C ARG E 24 18.26 46.81 -27.24
N THR E 25 17.14 47.53 -27.24
CA THR E 25 16.84 48.53 -26.21
C THR E 25 16.75 47.88 -24.83
N TYR E 26 15.92 46.83 -24.73
CA TYR E 26 15.74 46.10 -23.48
C TYR E 26 17.07 45.63 -22.92
N VAL E 27 17.88 44.99 -23.76
CA VAL E 27 19.18 44.51 -23.32
C VAL E 27 19.97 45.69 -22.77
N LYS E 28 19.98 46.78 -23.52
CA LYS E 28 20.69 47.97 -23.09
C LYS E 28 20.13 48.49 -21.76
N ASP E 29 18.80 48.47 -21.61
CA ASP E 29 18.17 48.94 -20.36
C ASP E 29 18.62 48.04 -19.23
N LEU E 30 18.63 46.74 -19.53
CA LEU E 30 19.03 45.74 -18.55
C LEU E 30 20.46 46.05 -18.08
N ASN E 31 21.39 46.24 -19.02
CA ASN E 31 22.77 46.54 -18.67
C ASN E 31 22.82 47.85 -17.90
N CYS E 32 22.01 48.80 -18.32
CA CYS E 32 21.96 50.10 -17.69
C CYS E 32 21.50 50.01 -16.24
N LEU E 33 20.55 49.13 -15.98
CA LEU E 33 20.03 48.96 -14.63
C LEU E 33 21.19 48.44 -13.76
N MSE E 34 21.95 47.52 -14.34
CA MSE E 34 23.08 46.88 -13.69
C MSE E 34 24.21 47.87 -13.35
O MSE E 34 24.73 47.88 -12.23
CB MSE E 34 23.62 45.76 -14.60
CG MSE E 34 24.68 44.85 -13.98
SE MSE E 34 24.09 43.97 -12.51
CE MSE E 34 22.52 43.28 -13.11
N GLU E 35 24.57 48.70 -14.33
CA GLU E 35 25.64 49.67 -14.16
C GLU E 35 25.22 50.94 -13.43
N ARG E 36 24.09 51.51 -13.83
CA ARG E 36 23.58 52.76 -13.27
C ARG E 36 23.13 52.69 -11.80
N TYR E 37 22.43 51.62 -11.41
CA TYR E 37 21.95 51.54 -10.04
C TYR E 37 22.45 50.39 -9.16
N LEU E 38 22.31 49.17 -9.64
CA LEU E 38 22.69 48.02 -8.84
C LEU E 38 24.14 47.89 -8.40
N LYS E 39 25.10 47.82 -9.32
CA LYS E 39 26.50 47.70 -8.91
C LYS E 39 26.90 48.81 -7.95
N PRO E 40 26.71 50.08 -8.34
CA PRO E 40 27.07 51.20 -7.46
C PRO E 40 26.36 51.16 -6.10
N LEU E 41 25.26 50.42 -6.02
CA LEU E 41 24.53 50.28 -4.77
C LEU E 41 25.22 49.28 -3.83
N GLN E 42 25.86 48.27 -4.42
CA GLN E 42 26.57 47.27 -3.61
C GLN E 42 27.61 48.04 -2.82
N LYS E 43 28.32 48.93 -3.53
CA LYS E 43 29.34 49.76 -2.91
C LYS E 43 28.72 50.89 -2.10
N GLU E 44 27.69 50.57 -1.31
CA GLU E 44 27.04 51.60 -0.50
C GLU E 44 26.62 51.01 0.84
N THR E 45 26.13 51.86 1.74
CA THR E 45 25.70 51.42 3.07
C THR E 45 24.18 51.56 3.25
N PHE E 46 23.55 52.20 2.28
CA PHE E 46 22.10 52.44 2.29
C PHE E 46 21.27 51.21 2.61
N LEU E 47 21.36 50.22 1.73
CA LEU E 47 20.59 48.99 1.87
C LEU E 47 21.37 47.91 2.58
N THR E 48 20.62 46.96 3.16
CA THR E 48 21.20 45.81 3.83
C THR E 48 21.50 44.84 2.71
N GLN E 49 22.12 43.71 3.01
CA GLN E 49 22.40 42.75 1.97
C GLN E 49 21.07 42.25 1.41
N ASP E 50 20.12 41.99 2.31
CA ASP E 50 18.80 41.50 1.93
C ASP E 50 18.14 42.48 0.98
N GLU E 51 18.13 43.76 1.36
CA GLU E 51 17.53 44.81 0.56
C GLU E 51 18.16 44.83 -0.83
N LEU E 52 19.49 44.69 -0.90
CA LEU E 52 20.16 44.67 -2.19
C LEU E 52 19.75 43.44 -3.00
N ASP E 53 19.55 42.32 -2.31
CA ASP E 53 19.16 41.07 -2.95
C ASP E 53 17.82 41.19 -3.65
N VAL E 54 16.88 41.90 -3.03
CA VAL E 54 15.56 42.08 -3.61
C VAL E 54 15.68 42.84 -4.93
N LEU E 55 16.54 43.85 -4.96
CA LEU E 55 16.73 44.65 -6.16
C LEU E 55 17.39 43.87 -7.29
N PHE E 56 18.56 43.29 -7.03
CA PHE E 56 19.25 42.51 -8.06
C PHE E 56 18.40 41.33 -8.54
N GLY E 57 18.40 40.25 -7.77
CA GLY E 57 17.63 39.07 -8.09
C GLY E 57 17.87 38.51 -9.47
N ASN E 58 18.65 37.43 -9.55
CA ASN E 58 18.99 36.74 -10.81
C ASN E 58 19.09 37.67 -12.01
N LEU E 59 19.32 38.95 -11.77
CA LEU E 59 19.39 39.90 -12.86
C LEU E 59 20.64 39.62 -13.70
N THR E 60 21.75 39.34 -13.03
CA THR E 60 23.01 39.02 -13.72
C THR E 60 22.79 37.78 -14.58
N GLU E 61 22.05 36.81 -14.03
CA GLU E 61 21.76 35.59 -14.76
C GLU E 61 20.89 35.96 -15.96
N MSE E 62 19.88 36.78 -15.69
CA MSE E 62 18.94 37.22 -16.71
C MSE E 62 19.62 37.95 -17.87
O MSE E 62 19.27 37.73 -19.03
CB MSE E 62 17.87 38.14 -16.09
CG MSE E 62 16.82 38.61 -17.09
SE MSE E 62 15.55 39.69 -16.36
CE MSE E 62 14.73 38.59 -15.18
N VAL E 63 20.60 38.80 -17.56
CA VAL E 63 21.28 39.53 -18.61
C VAL E 63 22.09 38.60 -19.52
N GLU E 64 22.89 37.72 -18.93
CA GLU E 64 23.70 36.76 -19.69
C GLU E 64 22.81 36.06 -20.69
N PHE E 65 21.70 35.55 -20.16
CA PHE E 65 20.71 34.86 -20.95
C PHE E 65 20.16 35.72 -22.07
N GLN E 66 19.62 36.89 -21.71
CA GLN E 66 19.03 37.80 -22.68
C GLN E 66 20.00 38.16 -23.80
N VAL E 67 21.25 38.40 -23.44
CA VAL E 67 22.26 38.75 -24.44
C VAL E 67 22.38 37.66 -25.50
N GLU E 68 22.36 36.41 -25.06
CA GLU E 68 22.47 35.28 -25.96
C GLU E 68 21.24 35.23 -26.86
N PHE E 69 20.07 35.42 -26.26
CA PHE E 69 18.82 35.41 -27.00
C PHE E 69 18.89 36.46 -28.11
N LEU E 70 19.35 37.65 -27.77
CA LEU E 70 19.45 38.72 -28.74
C LEU E 70 20.34 38.35 -29.92
N LYS E 71 21.49 37.75 -29.65
CA LYS E 71 22.41 37.36 -30.73
C LYS E 71 21.67 36.47 -31.75
N THR E 72 20.89 35.53 -31.24
CA THR E 72 20.15 34.63 -32.11
C THR E 72 19.22 35.42 -32.99
N LEU E 73 18.61 36.46 -32.43
CA LEU E 73 17.71 37.31 -33.20
C LEU E 73 18.50 38.09 -34.24
N GLU E 74 19.63 38.67 -33.82
CA GLU E 74 20.49 39.41 -34.74
C GLU E 74 20.87 38.52 -35.91
N ASP E 75 21.36 37.32 -35.60
CA ASP E 75 21.76 36.38 -36.64
C ASP E 75 20.59 36.04 -37.54
N GLY E 76 19.48 35.67 -36.91
CA GLY E 76 18.29 35.30 -37.65
C GLY E 76 17.84 36.31 -38.68
N VAL E 77 17.94 37.58 -38.34
CA VAL E 77 17.51 38.61 -39.26
C VAL E 77 18.53 38.85 -40.37
N ARG E 78 19.75 38.35 -40.17
CA ARG E 78 20.78 38.50 -41.18
C ARG E 78 20.78 37.36 -42.18
N LEU E 79 19.87 36.40 -42.01
CA LEU E 79 19.80 35.28 -42.94
C LEU E 79 19.41 35.74 -44.34
N VAL E 80 19.22 37.05 -44.47
CA VAL E 80 18.86 37.66 -45.74
C VAL E 80 19.66 38.97 -45.87
N PRO E 81 20.10 39.31 -47.08
CA PRO E 81 20.87 40.52 -47.35
C PRO E 81 20.23 41.81 -46.83
N ASP E 82 19.03 42.09 -47.28
CA ASP E 82 18.32 43.29 -46.84
C ASP E 82 16.81 43.12 -46.88
N LEU E 83 16.19 43.17 -45.70
CA LEU E 83 14.75 43.01 -45.57
C LEU E 83 14.06 44.08 -46.42
N GLU E 84 14.60 45.29 -46.36
CA GLU E 84 14.05 46.43 -47.08
C GLU E 84 13.82 46.17 -48.58
N LYS E 85 14.48 45.15 -49.13
CA LYS E 85 14.31 44.84 -50.55
C LYS E 85 13.20 43.82 -50.83
N LEU E 86 12.87 43.01 -49.84
CA LEU E 86 11.83 42.00 -50.01
C LEU E 86 10.46 42.63 -50.28
N GLU E 87 9.73 42.08 -51.24
CA GLU E 87 8.42 42.59 -51.60
C GLU E 87 7.28 41.67 -51.23
N LYS E 88 7.60 40.41 -50.94
CA LYS E 88 6.59 39.43 -50.58
C LYS E 88 6.89 38.88 -49.19
N VAL E 89 5.85 38.67 -48.37
CA VAL E 89 6.06 38.12 -47.03
C VAL E 89 6.77 36.80 -47.22
N ASP E 90 6.39 36.11 -48.29
CA ASP E 90 6.94 34.81 -48.62
C ASP E 90 8.46 34.84 -48.73
N GLN E 91 9.03 36.01 -48.99
CA GLN E 91 10.47 36.13 -49.12
C GLN E 91 11.19 36.24 -47.79
N PHE E 92 10.44 36.21 -46.68
CA PHE E 92 11.06 36.32 -45.36
C PHE E 92 11.18 34.97 -44.66
N LYS E 93 10.69 33.91 -45.32
CA LYS E 93 10.74 32.57 -44.76
C LYS E 93 11.94 32.29 -43.86
N LYS E 94 13.15 32.43 -44.41
CA LYS E 94 14.35 32.17 -43.63
C LYS E 94 14.36 32.88 -42.28
N VAL E 95 14.09 34.18 -42.30
CA VAL E 95 14.08 34.97 -41.07
C VAL E 95 12.96 34.56 -40.12
N LEU E 96 11.74 34.46 -40.62
CA LEU E 96 10.64 34.06 -39.76
C LEU E 96 10.97 32.75 -39.08
N PHE E 97 11.49 31.80 -39.86
CA PHE E 97 11.85 30.48 -39.33
C PHE E 97 12.84 30.63 -38.17
N SER E 98 13.96 31.30 -38.43
CA SER E 98 14.97 31.46 -37.40
C SER E 98 14.47 32.22 -36.17
N LEU E 99 13.69 33.29 -36.38
CA LEU E 99 13.19 34.05 -35.24
C LEU E 99 12.32 33.14 -34.39
N GLY E 100 11.31 32.53 -35.01
CA GLY E 100 10.44 31.62 -34.28
C GLY E 100 11.30 30.63 -33.51
N GLY E 101 12.34 30.15 -34.18
CA GLY E 101 13.23 29.19 -33.55
C GLY E 101 13.77 29.70 -32.23
N SER E 102 14.29 30.92 -32.25
CA SER E 102 14.84 31.52 -31.04
C SER E 102 13.90 31.39 -29.86
N PHE E 103 12.60 31.58 -30.09
CA PHE E 103 11.66 31.49 -28.99
C PHE E 103 11.53 30.06 -28.49
N LEU E 104 11.47 29.11 -29.41
CA LEU E 104 11.35 27.70 -29.03
C LEU E 104 12.57 27.26 -28.21
N TYR E 105 13.76 27.67 -28.67
CA TYR E 105 14.98 27.34 -27.95
C TYR E 105 15.02 27.94 -26.56
N TYR E 106 14.71 29.24 -26.45
CA TYR E 106 14.78 29.87 -25.14
C TYR E 106 13.54 29.79 -24.27
N ALA E 107 12.42 29.37 -24.85
CA ALA E 107 11.18 29.26 -24.11
C ALA E 107 11.36 28.80 -22.68
N ASP E 108 12.26 27.84 -22.46
CA ASP E 108 12.44 27.34 -21.11
C ASP E 108 13.30 28.24 -20.23
N ARG E 109 14.34 28.87 -20.76
CA ARG E 109 15.12 29.73 -19.90
C ARG E 109 14.31 30.97 -19.53
N PHE E 110 13.30 31.27 -20.34
CA PHE E 110 12.42 32.41 -20.06
C PHE E 110 11.66 32.21 -18.76
N LYS E 111 11.63 30.97 -18.28
CA LYS E 111 10.92 30.68 -17.04
C LYS E 111 11.71 31.28 -15.89
N LEU E 112 12.93 31.69 -16.16
CA LEU E 112 13.76 32.29 -15.11
C LEU E 112 13.15 33.61 -14.66
N TYR E 113 12.24 34.13 -15.49
CA TYR E 113 11.57 35.38 -15.16
C TYR E 113 10.69 35.25 -13.94
N SER E 114 10.10 34.08 -13.73
CA SER E 114 9.24 33.89 -12.57
C SER E 114 10.04 34.16 -11.29
N ALA E 115 11.36 34.06 -11.39
CA ALA E 115 12.20 34.34 -10.23
C ALA E 115 12.10 35.83 -9.95
N PHE E 116 12.38 36.62 -10.99
CA PHE E 116 12.33 38.08 -10.92
C PHE E 116 10.94 38.54 -10.45
N CYS E 117 9.88 38.09 -11.12
CA CYS E 117 8.53 38.48 -10.75
C CYS E 117 8.24 38.22 -9.29
N ALA E 118 8.84 37.18 -8.73
CA ALA E 118 8.59 36.86 -7.33
C ALA E 118 9.25 37.87 -6.41
N SER E 119 10.49 38.23 -6.72
CA SER E 119 11.20 39.17 -5.86
C SER E 119 10.68 40.59 -6.04
N HIS E 120 10.16 40.90 -7.23
CA HIS E 120 9.65 42.23 -7.51
C HIS E 120 8.53 42.57 -6.53
N THR E 121 7.98 41.53 -5.90
CA THR E 121 6.94 41.73 -4.90
C THR E 121 7.50 42.56 -3.76
N LYS E 122 8.79 42.40 -3.47
CA LYS E 122 9.43 43.14 -2.39
C LYS E 122 10.00 44.50 -2.82
N VAL E 123 10.10 44.73 -4.13
CA VAL E 123 10.64 45.99 -4.62
C VAL E 123 10.01 47.25 -4.06
N PRO E 124 8.67 47.37 -4.12
CA PRO E 124 8.00 48.55 -3.60
C PRO E 124 8.41 48.92 -2.17
N LYS E 125 8.24 47.98 -1.23
CA LYS E 125 8.59 48.23 0.15
C LYS E 125 10.02 48.73 0.33
N VAL E 126 10.94 48.21 -0.47
CA VAL E 126 12.34 48.63 -0.38
C VAL E 126 12.56 50.04 -0.91
N LEU E 127 12.04 50.33 -2.10
CA LEU E 127 12.20 51.65 -2.69
C LEU E 127 11.54 52.76 -1.87
N VAL E 128 10.49 52.42 -1.13
CA VAL E 128 9.79 53.41 -0.31
C VAL E 128 10.63 53.73 0.92
N LYS E 129 11.91 53.40 0.84
CA LYS E 129 12.85 53.68 1.93
C LYS E 129 13.58 54.96 1.57
N ALA E 130 13.56 55.31 0.28
CA ALA E 130 14.20 56.53 -0.19
C ALA E 130 13.41 57.70 0.40
N LYS E 131 12.10 57.50 0.53
CA LYS E 131 11.20 58.50 1.11
C LYS E 131 11.64 58.77 2.54
N THR E 132 12.41 57.84 3.10
CA THR E 132 12.88 57.96 4.47
C THR E 132 14.32 58.48 4.56
N ASP E 133 15.28 57.68 4.10
CA ASP E 133 16.69 58.06 4.16
C ASP E 133 17.09 59.07 3.09
N THR E 134 17.17 60.33 3.50
CA THR E 134 17.55 61.41 2.59
C THR E 134 18.82 61.02 1.82
N ALA E 135 19.71 60.31 2.50
CA ALA E 135 20.96 59.87 1.89
C ALA E 135 20.70 59.00 0.67
N PHE E 136 19.85 57.99 0.85
CA PHE E 136 19.50 57.08 -0.24
C PHE E 136 18.82 57.85 -1.36
N LYS E 137 17.75 58.56 -1.02
CA LYS E 137 17.02 59.37 -1.98
C LYS E 137 18.01 60.19 -2.81
N ALA E 138 19.04 60.69 -2.13
CA ALA E 138 20.07 61.49 -2.77
C ALA E 138 20.78 60.69 -3.87
N PHE E 139 21.22 59.50 -3.51
CA PHE E 139 21.92 58.60 -4.43
C PHE E 139 21.12 58.35 -5.71
N LEU E 140 19.86 57.97 -5.54
CA LEU E 140 18.99 57.67 -6.66
C LEU E 140 18.88 58.84 -7.63
N ASP E 141 18.59 60.03 -7.10
CA ASP E 141 18.47 61.22 -7.94
C ASP E 141 19.77 61.45 -8.70
N ALA E 142 20.89 61.28 -8.00
CA ALA E 142 22.21 61.46 -8.62
C ALA E 142 22.37 60.55 -9.83
N GLN E 143 21.84 59.34 -9.74
CA GLN E 143 21.94 58.39 -10.83
C GLN E 143 20.94 58.68 -11.96
N ASN E 144 19.94 59.50 -11.65
CA ASN E 144 18.93 59.87 -12.62
C ASN E 144 19.04 61.39 -12.83
N PRO E 145 20.10 61.83 -13.53
CA PRO E 145 20.34 63.25 -13.79
C PRO E 145 19.19 63.95 -14.51
N ARG E 146 18.75 63.34 -15.61
CA ARG E 146 17.67 63.88 -16.42
C ARG E 146 16.39 64.15 -15.63
N GLN E 147 16.37 63.75 -14.35
CA GLN E 147 15.17 63.96 -13.54
C GLN E 147 13.94 63.42 -14.27
N GLN E 148 14.14 62.30 -14.97
CA GLN E 148 13.09 61.66 -15.75
C GLN E 148 12.56 60.38 -15.08
N HIS E 149 11.24 60.33 -14.85
CA HIS E 149 10.59 59.17 -14.23
C HIS E 149 10.94 57.87 -14.96
N SER E 150 10.85 57.92 -16.29
CA SER E 150 11.15 56.77 -17.10
C SER E 150 12.60 56.31 -16.88
N SER E 151 13.34 57.05 -16.07
CA SER E 151 14.73 56.70 -15.80
C SER E 151 14.98 56.43 -14.33
N THR E 152 13.91 56.39 -13.54
CA THR E 152 14.03 56.11 -12.12
C THR E 152 14.33 54.63 -11.98
N LEU E 153 14.66 54.20 -10.76
CA LEU E 153 14.94 52.80 -10.53
C LEU E 153 13.70 51.95 -10.74
N GLU E 154 12.54 52.46 -10.32
CA GLU E 154 11.29 51.72 -10.48
C GLU E 154 10.95 51.45 -11.95
N SER E 155 11.32 52.38 -12.81
CA SER E 155 11.04 52.24 -14.22
C SER E 155 11.84 51.13 -14.87
N TYR E 156 13.05 50.89 -14.37
CA TYR E 156 13.86 49.82 -14.93
C TYR E 156 13.41 48.46 -14.41
N LEU E 157 13.27 48.36 -13.09
CA LEU E 157 12.86 47.11 -12.46
C LEU E 157 11.50 46.56 -12.89
N ILE E 158 10.78 47.26 -13.76
CA ILE E 158 9.49 46.75 -14.17
C ILE E 158 9.58 46.24 -15.60
N LYS E 159 10.60 46.71 -16.30
CA LYS E 159 10.82 46.32 -17.70
C LYS E 159 10.85 44.82 -18.01
N PRO E 160 11.55 44.02 -17.19
CA PRO E 160 11.61 42.58 -17.43
C PRO E 160 10.21 41.98 -17.48
N ILE E 161 9.40 42.33 -16.49
CA ILE E 161 8.04 41.83 -16.38
C ILE E 161 7.18 42.24 -17.56
N GLN E 162 7.55 43.38 -18.16
CA GLN E 162 6.79 43.87 -19.30
C GLN E 162 7.25 43.20 -20.58
N ARG E 163 8.56 43.08 -20.72
CA ARG E 163 9.18 42.50 -21.91
C ARG E 163 8.71 41.08 -22.29
N VAL E 164 8.76 40.11 -21.36
CA VAL E 164 8.32 38.75 -21.71
C VAL E 164 6.90 38.75 -22.25
N LEU E 165 6.01 39.46 -21.56
CA LEU E 165 4.61 39.54 -21.96
C LEU E 165 4.32 40.26 -23.28
N LYS E 166 5.35 40.91 -23.83
CA LYS E 166 5.21 41.60 -25.12
C LYS E 166 5.41 40.62 -26.29
N TYR E 167 6.28 39.63 -26.07
CA TYR E 167 6.62 38.63 -27.08
C TYR E 167 5.43 37.99 -27.79
N PRO E 168 4.48 37.42 -27.03
CA PRO E 168 3.36 36.83 -27.76
C PRO E 168 2.65 37.84 -28.65
N LEU E 169 2.59 39.10 -28.21
CA LEU E 169 1.93 40.14 -29.02
C LEU E 169 2.64 40.34 -30.35
N LEU E 170 3.96 40.48 -30.31
CA LEU E 170 4.73 40.66 -31.53
C LEU E 170 4.56 39.45 -32.45
N LEU E 171 4.53 38.26 -31.85
CA LEU E 171 4.39 37.04 -32.65
C LEU E 171 3.04 36.95 -33.33
N ARG E 172 1.97 37.29 -32.62
CA ARG E 172 0.65 37.23 -33.22
C ARG E 172 0.55 38.18 -34.41
N GLU E 173 1.37 39.22 -34.43
CA GLU E 173 1.34 40.13 -35.54
C GLU E 173 2.00 39.53 -36.76
N LEU E 174 3.15 38.87 -36.56
CA LEU E 174 3.83 38.23 -37.68
C LEU E 174 2.87 37.17 -38.19
N PHE E 175 2.19 36.54 -37.24
CA PHE E 175 1.24 35.49 -37.56
C PHE E 175 0.15 35.97 -38.51
N ALA E 176 -0.39 37.15 -38.23
CA ALA E 176 -1.48 37.70 -39.05
C ALA E 176 -1.07 38.10 -40.46
N LEU E 177 0.22 38.30 -40.68
CA LEU E 177 0.70 38.67 -42.01
C LEU E 177 1.15 37.48 -42.86
N THR E 178 0.89 36.27 -42.40
CA THR E 178 1.29 35.08 -43.15
C THR E 178 0.10 34.28 -43.61
N ASP E 179 0.18 33.76 -44.83
CA ASP E 179 -0.90 32.98 -45.42
C ASP E 179 -1.36 31.87 -44.46
N ALA E 180 -2.67 31.81 -44.25
CA ALA E 180 -3.25 30.82 -43.35
C ALA E 180 -2.97 29.37 -43.72
N GLU E 181 -2.47 29.14 -44.93
CA GLU E 181 -2.18 27.78 -45.37
C GLU E 181 -0.70 27.46 -45.41
N SER E 182 0.13 28.47 -45.23
CA SER E 182 1.59 28.27 -45.28
C SER E 182 2.20 27.62 -44.04
N GLU E 183 3.44 27.18 -44.17
CA GLU E 183 4.14 26.57 -43.06
C GLU E 183 4.61 27.68 -42.14
N GLU E 184 5.01 28.82 -42.72
CA GLU E 184 5.43 29.97 -41.91
C GLU E 184 4.33 30.22 -40.89
N HIS E 185 3.09 30.18 -41.37
CA HIS E 185 1.92 30.39 -40.54
C HIS E 185 1.92 29.36 -39.42
N TYR E 186 1.88 28.09 -39.80
CA TYR E 186 1.90 27.00 -38.83
C TYR E 186 3.05 27.11 -37.85
N HIS E 187 4.24 27.45 -38.33
CA HIS E 187 5.39 27.57 -37.45
C HIS E 187 5.16 28.64 -36.40
N LEU E 188 4.79 29.84 -36.84
CA LEU E 188 4.52 30.92 -35.90
C LEU E 188 3.50 30.48 -34.87
N ASP E 189 2.44 29.82 -35.33
CA ASP E 189 1.42 29.34 -34.41
C ASP E 189 2.05 28.49 -33.30
N VAL E 190 3.09 27.74 -33.65
CA VAL E 190 3.79 26.89 -32.69
C VAL E 190 4.53 27.80 -31.73
N ALA E 191 5.22 28.80 -32.29
CA ALA E 191 5.97 29.77 -31.51
C ALA E 191 5.08 30.51 -30.51
N ILE E 192 3.88 30.85 -30.96
CA ILE E 192 2.95 31.58 -30.11
C ILE E 192 2.51 30.71 -28.94
N LYS E 193 1.95 29.53 -29.23
CA LYS E 193 1.50 28.64 -28.18
C LYS E 193 2.58 28.44 -27.13
N THR E 194 3.82 28.33 -27.59
CA THR E 194 4.94 28.14 -26.69
C THR E 194 5.07 29.30 -25.73
N MSE E 195 5.30 30.50 -26.28
CA MSE E 195 5.44 31.69 -25.45
C MSE E 195 4.25 31.97 -24.53
O MSE E 195 4.43 32.39 -23.39
CB MSE E 195 5.75 32.90 -26.31
CG MSE E 195 7.14 32.82 -26.97
SE MSE E 195 8.48 32.44 -25.78
CE MSE E 195 8.18 33.68 -24.52
N ASN E 196 3.03 31.70 -25.01
CA ASN E 196 1.90 31.90 -24.13
C ASN E 196 2.10 31.01 -22.92
N LYS E 197 2.50 29.75 -23.15
CA LYS E 197 2.72 28.84 -22.03
C LYS E 197 3.77 29.40 -21.09
N VAL E 198 4.81 30.02 -21.65
CA VAL E 198 5.85 30.61 -20.82
C VAL E 198 5.17 31.64 -19.92
N ALA E 199 4.44 32.54 -20.55
CA ALA E 199 3.74 33.59 -19.82
C ALA E 199 2.83 32.96 -18.79
N SER E 200 1.97 32.07 -19.25
CA SER E 200 1.06 31.42 -18.34
C SER E 200 1.81 30.73 -17.18
N HIS E 201 2.98 30.17 -17.48
CA HIS E 201 3.76 29.50 -16.45
C HIS E 201 4.28 30.52 -15.43
N ILE E 202 4.77 31.67 -15.91
CA ILE E 202 5.27 32.72 -15.04
C ILE E 202 4.15 33.12 -14.07
N ASN E 203 2.95 33.23 -14.63
CA ASN E 203 1.80 33.62 -13.84
C ASN E 203 1.50 32.60 -12.76
N GLU E 204 1.45 31.33 -13.15
CA GLU E 204 1.16 30.27 -12.19
C GLU E 204 2.21 30.29 -11.07
N MSE E 205 3.47 30.47 -11.45
CA MSE E 205 4.52 30.52 -10.46
C MSE E 205 4.28 31.64 -9.48
O MSE E 205 4.48 31.49 -8.27
CB MSE E 205 5.90 30.70 -11.13
CG MSE E 205 6.40 29.47 -11.90
SE MSE E 205 6.58 27.94 -10.93
CE MSE E 205 4.86 27.39 -10.68
N GLN E 206 3.83 32.78 -9.99
CA GLN E 206 3.57 33.94 -9.15
C GLN E 206 2.44 33.64 -8.18
N LYS E 207 1.40 32.98 -8.67
CA LYS E 207 0.29 32.66 -7.80
C LYS E 207 0.77 31.83 -6.63
N ILE E 208 1.69 30.91 -6.88
CA ILE E 208 2.23 30.06 -5.81
C ILE E 208 3.05 30.92 -4.85
N HIS E 209 3.93 31.73 -5.41
CA HIS E 209 4.76 32.60 -4.59
C HIS E 209 3.92 33.48 -3.68
N GLU E 210 2.80 33.98 -4.20
CA GLU E 210 1.92 34.80 -3.40
C GLU E 210 1.44 34.05 -2.18
N GLU E 211 1.09 32.78 -2.35
CA GLU E 211 0.58 31.99 -1.24
C GLU E 211 1.60 31.34 -0.31
N PHE E 212 2.75 30.90 -0.82
CA PHE E 212 3.74 30.26 0.06
C PHE E 212 5.07 30.97 0.15
N GLY E 213 5.25 32.00 -0.67
CA GLY E 213 6.50 32.73 -0.65
C GLY E 213 7.00 32.96 0.77
N ALA E 214 6.08 33.36 1.65
CA ALA E 214 6.43 33.61 3.04
C ALA E 214 7.17 32.40 3.63
N VAL E 215 6.49 31.25 3.63
CA VAL E 215 7.05 30.01 4.15
C VAL E 215 8.36 29.64 3.46
N PHE E 216 8.38 29.68 2.14
CA PHE E 216 9.59 29.36 1.42
C PHE E 216 10.73 30.22 1.92
N ASP E 217 10.44 31.48 2.25
CA ASP E 217 11.49 32.38 2.74
C ASP E 217 11.97 31.96 4.12
N GLN E 218 11.04 31.62 5.00
CA GLN E 218 11.40 31.20 6.34
C GLN E 218 12.29 29.97 6.29
N LEU E 219 11.99 29.06 5.35
CA LEU E 219 12.78 27.85 5.20
C LEU E 219 14.19 28.14 4.71
N ILE E 220 14.34 29.01 3.72
CA ILE E 220 15.67 29.34 3.24
C ILE E 220 16.47 29.93 4.39
N ALA E 221 15.91 30.96 5.01
CA ALA E 221 16.55 31.57 6.18
C ALA E 221 16.20 30.57 7.27
N GLU E 222 16.54 30.87 8.52
CA GLU E 222 16.19 29.93 9.58
C GLU E 222 16.82 28.56 9.33
N GLN E 223 17.64 28.47 8.30
CA GLN E 223 18.25 27.19 7.97
C GLN E 223 19.10 26.68 9.14
N THR E 224 18.41 25.95 10.03
CA THR E 224 18.94 25.34 11.24
C THR E 224 20.44 25.35 11.45
N GLY E 225 20.97 26.45 11.97
CA GLY E 225 22.39 26.56 12.22
C GLY E 225 23.21 26.42 10.95
N GLU E 226 22.65 25.70 9.98
CA GLU E 226 23.32 25.49 8.72
C GLU E 226 23.70 26.83 8.13
N LYS E 227 24.77 26.86 7.36
CA LYS E 227 25.26 28.08 6.75
C LYS E 227 24.77 28.16 5.32
N LYS E 228 23.46 28.02 5.16
CA LYS E 228 22.81 28.07 3.85
C LYS E 228 23.26 26.90 2.98
N GLU E 229 22.66 25.74 3.22
CA GLU E 229 22.97 24.54 2.45
C GLU E 229 22.19 24.60 1.14
N VAL E 230 21.03 25.22 1.20
CA VAL E 230 20.16 25.38 0.03
C VAL E 230 20.21 26.81 -0.46
N ALA E 231 19.74 27.72 0.42
CA ALA E 231 19.70 29.14 0.15
C ALA E 231 19.17 29.39 -1.24
N ASP E 232 17.91 29.02 -1.45
CA ASP E 232 17.33 29.20 -2.75
C ASP E 232 16.16 28.30 -3.10
N LEU E 233 14.95 28.83 -2.99
CA LEU E 233 13.76 28.08 -3.39
C LEU E 233 13.12 29.00 -4.42
N SER E 234 13.86 29.28 -5.50
CA SER E 234 13.34 30.17 -6.53
C SER E 234 12.26 29.51 -7.37
N MSE E 235 11.30 30.32 -7.79
CA MSE E 235 10.22 29.82 -8.60
C MSE E 235 10.76 29.42 -9.96
O MSE E 235 10.04 28.86 -10.81
CB MSE E 235 9.14 30.90 -8.71
CG MSE E 235 8.71 31.41 -7.36
SE MSE E 235 8.12 30.07 -6.29
CE MSE E 235 6.65 29.57 -7.18
N GLY E 236 12.03 29.71 -10.18
CA GLY E 236 12.66 29.35 -11.43
C GLY E 236 13.03 27.88 -11.40
N ASP E 237 13.03 27.28 -10.22
CA ASP E 237 13.39 25.88 -10.09
C ASP E 237 12.27 25.00 -9.59
N LEU E 238 11.04 25.48 -9.63
CA LEU E 238 9.92 24.66 -9.18
C LEU E 238 9.57 23.74 -10.35
N LEU E 239 9.78 22.45 -10.17
CA LEU E 239 9.51 21.51 -11.24
C LEU E 239 8.09 20.99 -11.18
N LEU E 240 7.56 20.86 -9.98
CA LEU E 240 6.21 20.33 -9.86
C LEU E 240 5.66 20.61 -8.49
N HIS E 241 4.36 20.83 -8.41
CA HIS E 241 3.71 21.08 -7.14
C HIS E 241 2.38 20.34 -7.19
N THR E 242 2.02 19.68 -6.09
CA THR E 242 0.78 18.92 -6.04
C THR E 242 0.32 18.84 -4.62
N SER E 243 -0.93 18.43 -4.47
CA SER E 243 -1.55 18.31 -3.17
C SER E 243 -1.56 16.82 -2.90
N VAL E 244 -1.14 16.43 -1.70
CA VAL E 244 -1.07 15.02 -1.36
C VAL E 244 -1.64 14.83 0.05
N ILE E 245 -1.99 13.60 0.39
CA ILE E 245 -2.52 13.32 1.72
C ILE E 245 -1.44 12.71 2.65
N TRP E 246 -1.29 13.32 3.82
CA TRP E 246 -0.30 12.89 4.81
C TRP E 246 -0.84 11.74 5.64
N LEU E 247 -0.46 10.53 5.29
CA LEU E 247 -0.93 9.33 5.99
C LEU E 247 -0.37 9.13 7.40
N ASN E 248 0.86 9.56 7.64
CA ASN E 248 1.49 9.40 8.95
C ASN E 248 1.80 10.73 9.63
N PRO E 249 0.76 11.54 9.89
CA PRO E 249 0.93 12.83 10.54
C PRO E 249 1.26 12.69 12.02
N PRO E 250 1.84 13.73 12.63
CA PRO E 250 2.15 13.64 14.05
C PRO E 250 0.86 13.40 14.82
N ALA E 251 0.98 12.85 16.02
CA ALA E 251 -0.18 12.54 16.86
C ALA E 251 -1.13 13.72 17.07
N SER E 252 -0.58 14.92 17.21
CA SER E 252 -1.40 16.12 17.41
C SER E 252 -2.45 16.24 16.30
N LEU E 253 -1.96 16.33 15.07
CA LEU E 253 -2.79 16.46 13.89
C LEU E 253 -3.60 15.20 13.57
N GLY E 254 -2.88 14.10 13.34
CA GLY E 254 -3.54 12.84 13.02
C GLY E 254 -4.73 12.46 13.87
N LYS E 255 -4.66 12.76 15.17
CA LYS E 255 -5.74 12.43 16.09
C LYS E 255 -6.98 13.29 15.94
N TRP E 256 -6.92 14.27 15.04
CA TRP E 256 -8.07 15.13 14.80
C TRP E 256 -8.54 15.09 13.35
N LYS E 257 -7.62 14.85 12.44
CA LYS E 257 -7.97 14.81 11.04
C LYS E 257 -7.52 13.50 10.44
N LYS E 258 -8.49 12.67 10.12
CA LYS E 258 -8.25 11.36 9.53
C LYS E 258 -7.06 11.38 8.56
N GLU E 259 -7.14 12.24 7.56
CA GLU E 259 -6.09 12.33 6.57
C GLU E 259 -5.77 13.76 6.16
N PRO E 260 -4.84 14.40 6.89
CA PRO E 260 -4.39 15.77 6.65
C PRO E 260 -3.85 15.87 5.24
N GLU E 261 -3.90 17.08 4.68
CA GLU E 261 -3.44 17.32 3.31
C GLU E 261 -2.27 18.28 3.27
N LEU E 262 -1.24 17.94 2.51
CA LEU E 262 -0.06 18.77 2.42
C LEU E 262 0.14 19.28 1.00
N ALA E 263 0.84 20.39 0.89
CA ALA E 263 1.14 20.94 -0.40
C ALA E 263 2.58 20.47 -0.60
N ALA E 264 2.83 19.81 -1.73
CA ALA E 264 4.16 19.31 -2.01
C ALA E 264 4.79 20.12 -3.12
N PHE E 265 6.06 20.50 -2.93
CA PHE E 265 6.77 21.25 -3.96
C PHE E 265 8.11 20.58 -4.25
N VAL E 266 8.36 20.30 -5.53
CA VAL E 266 9.61 19.67 -5.94
C VAL E 266 10.46 20.74 -6.62
N PHE E 267 11.44 21.27 -5.89
CA PHE E 267 12.35 22.27 -6.45
C PHE E 267 13.64 21.55 -6.83
N LYS E 268 14.36 22.08 -7.82
CA LYS E 268 15.62 21.48 -8.20
C LYS E 268 16.53 21.28 -6.99
N THR E 269 16.37 22.13 -5.97
CA THR E 269 17.24 22.05 -4.82
C THR E 269 16.63 21.43 -3.57
N ALA E 270 15.36 21.06 -3.62
CA ALA E 270 14.74 20.47 -2.45
C ALA E 270 13.28 20.14 -2.64
N VAL E 271 12.73 19.41 -1.68
CA VAL E 271 11.34 19.04 -1.71
C VAL E 271 10.73 19.73 -0.51
N VAL E 272 9.63 20.44 -0.72
CA VAL E 272 9.01 21.13 0.38
C VAL E 272 7.61 20.64 0.67
N LEU E 273 7.35 20.54 1.96
CA LEU E 273 6.05 20.12 2.45
C LEU E 273 5.50 21.23 3.36
N VAL E 274 4.31 21.72 3.02
CA VAL E 274 3.67 22.78 3.81
C VAL E 274 2.22 22.41 4.05
N TYR E 275 1.75 22.54 5.30
CA TYR E 275 0.36 22.22 5.63
C TYR E 275 -0.55 23.42 5.47
N LYS E 276 -1.72 23.20 4.87
CA LYS E 276 -2.70 24.26 4.66
C LYS E 276 -2.99 25.02 5.96
N ASP E 277 -3.89 24.47 6.77
CA ASP E 277 -4.27 25.05 8.06
C ASP E 277 -4.87 26.44 7.94
N GLY E 278 -6.09 26.61 8.45
CA GLY E 278 -6.74 27.90 8.40
C GLY E 278 -8.11 27.85 7.75
N SER E 279 -8.68 26.65 7.67
CA SER E 279 -10.00 26.49 7.05
C SER E 279 -11.10 26.36 8.11
N LYS E 280 -10.74 25.80 9.27
CA LYS E 280 -11.70 25.62 10.35
C LYS E 280 -11.99 26.94 11.06
N GLN E 281 -10.94 27.62 11.51
CA GLN E 281 -11.08 28.89 12.21
C GLN E 281 -11.64 29.98 11.31
N LYS E 282 -12.39 30.91 11.89
CA LYS E 282 -12.97 32.01 11.14
C LYS E 282 -12.01 33.19 11.11
N LYS E 283 -12.22 34.10 10.16
CA LYS E 283 -11.37 35.27 10.01
C LYS E 283 -11.70 36.34 11.05
N LYS E 284 -12.06 35.91 12.25
CA LYS E 284 -12.40 36.83 13.33
C LYS E 284 -11.82 36.36 14.66
N LEU E 285 -11.98 37.18 15.69
CA LEU E 285 -11.48 36.85 17.01
C LEU E 285 -12.30 37.57 18.07
N VAL E 286 -13.07 36.80 18.84
CA VAL E 286 -13.91 37.37 19.89
C VAL E 286 -13.70 36.63 21.21
N GLY E 287 -13.18 35.42 21.12
CA GLY E 287 -12.93 34.63 22.33
C GLY E 287 -14.20 34.00 22.87
N SER E 288 -14.05 32.86 23.55
CA SER E 288 -15.18 32.17 24.13
C SER E 288 -14.83 31.60 25.50
N HIS E 289 -15.15 32.35 26.55
CA HIS E 289 -14.86 31.94 27.92
C HIS E 289 -13.37 31.65 28.10
N ARG E 290 -13.00 30.38 28.00
CA ARG E 290 -11.61 29.98 28.15
C ARG E 290 -11.10 29.26 26.91
N LEU E 291 -12.03 28.72 26.13
CA LEU E 291 -11.68 28.01 24.90
C LEU E 291 -11.38 28.97 23.76
N SER E 292 -10.14 29.44 23.70
CA SER E 292 -9.71 30.37 22.67
C SER E 292 -8.20 30.58 22.73
N ILE E 293 -7.47 29.89 21.86
CA ILE E 293 -6.02 30.00 21.83
C ILE E 293 -5.54 30.69 20.55
N TYR E 294 -5.47 32.02 20.59
CA TYR E 294 -5.03 32.80 19.45
C TYR E 294 -3.91 33.75 19.84
N GLU E 295 -2.96 33.25 20.62
CA GLU E 295 -1.83 34.06 21.07
C GLU E 295 -0.69 34.02 20.06
N GLU E 296 -0.97 34.52 18.85
CA GLU E 296 0.03 34.56 17.79
C GLU E 296 0.62 33.18 17.50
N TRP E 297 -0.02 32.44 16.61
CA TRP E 297 0.44 31.11 16.24
C TRP E 297 0.64 30.99 14.73
N ASP E 298 0.26 32.04 14.00
CA ASP E 298 0.40 32.07 12.55
C ASP E 298 -0.49 31.03 11.87
N PRO E 299 -1.10 31.39 10.73
CA PRO E 299 -1.98 30.51 9.95
C PRO E 299 -1.28 29.26 9.46
N PHE E 300 0.03 29.32 9.34
CA PHE E 300 0.82 28.18 8.87
C PHE E 300 1.10 27.21 10.01
N ARG E 301 1.03 25.91 9.72
CA ARG E 301 1.28 24.89 10.72
C ARG E 301 2.58 24.14 10.41
N PHE E 302 2.45 22.96 9.80
CA PHE E 302 3.62 22.15 9.43
C PHE E 302 4.44 22.75 8.29
N ARG E 303 5.75 22.60 8.39
CA ARG E 303 6.68 23.11 7.39
C ARG E 303 7.92 22.22 7.36
N HIS E 304 8.42 21.88 6.17
CA HIS E 304 9.61 21.04 6.09
C HIS E 304 10.35 21.11 4.75
N MSE E 305 11.67 21.24 4.82
CA MSE E 305 12.48 21.27 3.60
C MSE E 305 13.52 20.15 3.60
O MSE E 305 14.38 20.08 4.49
CB MSE E 305 13.19 22.61 3.42
CG MSE E 305 14.02 22.66 2.16
SE MSE E 305 14.89 24.21 1.90
CE MSE E 305 15.93 24.25 3.40
N ILE E 306 13.45 19.30 2.61
CA ILE E 306 14.39 18.20 2.49
C ILE E 306 15.31 18.49 1.31
N PRO E 307 16.57 18.80 1.60
CA PRO E 307 17.55 19.08 0.54
C PRO E 307 17.76 17.84 -0.32
N THR E 308 18.08 18.03 -1.60
CA THR E 308 18.27 16.90 -2.49
C THR E 308 19.38 15.97 -1.99
N GLU E 309 20.38 16.55 -1.33
CA GLU E 309 21.50 15.78 -0.79
C GLU E 309 21.08 14.73 0.25
N ALA E 310 19.94 14.95 0.91
CA ALA E 310 19.45 14.03 1.93
C ALA E 310 18.03 13.51 1.61
N LEU E 311 17.65 13.65 0.34
CA LEU E 311 16.33 13.24 -0.13
C LEU E 311 16.32 11.84 -0.74
N GLN E 312 15.61 10.94 -0.07
CA GLN E 312 15.49 9.57 -0.52
C GLN E 312 13.99 9.32 -0.79
N VAL E 313 13.69 8.64 -1.89
CA VAL E 313 12.29 8.39 -2.25
C VAL E 313 11.97 6.99 -2.77
N ARG E 314 11.05 6.31 -2.09
CA ARG E 314 10.62 4.99 -2.51
C ARG E 314 9.10 4.92 -2.64
N ALA E 315 8.62 4.50 -3.82
CA ALA E 315 7.18 4.35 -4.04
C ALA E 315 6.75 3.03 -3.39
N LEU E 316 5.92 3.11 -2.36
CA LEU E 316 5.45 1.93 -1.65
C LEU E 316 4.76 0.88 -2.51
N PRO E 317 5.13 -0.40 -2.33
CA PRO E 317 4.56 -1.53 -3.07
C PRO E 317 3.13 -1.80 -2.59
N SER E 318 2.25 -2.13 -3.52
CA SER E 318 0.87 -2.40 -3.14
C SER E 318 0.39 -3.74 -3.70
N ALA E 319 -0.58 -4.34 -3.02
CA ALA E 319 -1.14 -5.60 -3.47
C ALA E 319 -1.67 -5.37 -4.88
N ASP E 320 -2.54 -4.37 -5.01
CA ASP E 320 -3.11 -4.00 -6.30
C ASP E 320 -2.31 -2.83 -6.88
N ALA E 321 -1.00 -3.01 -6.98
CA ALA E 321 -0.08 -1.98 -7.50
C ALA E 321 -0.56 -1.46 -8.86
N GLU E 322 0.11 -0.40 -9.34
CA GLU E 322 -0.24 0.23 -10.61
C GLU E 322 -1.54 1.01 -10.41
N ALA E 323 -2.09 0.91 -9.21
CA ALA E 323 -3.32 1.58 -8.82
C ALA E 323 -3.05 2.33 -7.53
N ASN E 324 -1.97 1.97 -6.85
CA ASN E 324 -1.59 2.59 -5.58
C ASN E 324 -1.11 4.01 -5.85
N ALA E 325 -1.49 4.94 -4.98
CA ALA E 325 -1.09 6.32 -5.13
C ALA E 325 -0.28 6.74 -3.92
N VAL E 326 0.31 5.74 -3.25
CA VAL E 326 1.13 6.00 -2.07
C VAL E 326 2.61 5.86 -2.35
N CYS E 327 3.41 6.62 -1.61
CA CYS E 327 4.86 6.60 -1.72
C CYS E 327 5.43 7.34 -0.54
N GLU E 328 6.75 7.28 -0.35
CA GLU E 328 7.31 7.96 0.80
C GLU E 328 8.58 8.73 0.56
N ILE E 329 8.62 9.92 1.11
CA ILE E 329 9.75 10.81 0.99
C ILE E 329 10.52 10.67 2.29
N VAL E 330 11.84 10.55 2.17
CA VAL E 330 12.65 10.37 3.35
C VAL E 330 13.72 11.42 3.49
N HIS E 331 13.80 11.99 4.67
CA HIS E 331 14.85 12.96 4.95
C HIS E 331 15.87 12.14 5.77
N VAL E 332 16.82 11.53 5.06
CA VAL E 332 17.82 10.69 5.70
C VAL E 332 18.45 11.29 6.95
N LYS E 333 18.87 10.40 7.84
CA LYS E 333 19.48 10.77 9.10
C LYS E 333 20.86 11.38 8.91
N SER E 334 21.44 11.86 10.01
CA SER E 334 22.76 12.46 9.98
C SER E 334 23.47 12.19 11.30
N GLU E 335 24.44 11.28 11.26
CA GLU E 335 25.23 10.93 12.44
C GLU E 335 25.76 12.24 13.02
N SER E 336 26.55 12.93 12.21
CA SER E 336 27.09 14.23 12.60
C SER E 336 25.86 15.12 12.55
N GLU E 337 25.93 16.33 13.07
CA GLU E 337 24.76 17.19 13.03
C GLU E 337 23.69 16.63 13.98
N GLY E 338 23.71 15.32 14.18
CA GLY E 338 22.76 14.66 15.05
C GLY E 338 21.32 14.84 14.64
N ARG E 339 20.99 14.35 13.45
CA ARG E 339 19.63 14.49 12.93
C ARG E 339 19.06 13.13 12.52
N PRO E 340 17.97 12.71 13.16
CA PRO E 340 17.25 11.45 12.94
C PRO E 340 16.61 11.36 11.57
N GLU E 341 16.28 10.15 11.15
CA GLU E 341 15.64 9.94 9.86
C GLU E 341 14.21 10.45 9.96
N ARG E 342 13.72 11.07 8.89
CA ARG E 342 12.37 11.59 8.86
C ARG E 342 11.68 10.97 7.64
N VAL E 343 10.55 10.33 7.86
CA VAL E 343 9.83 9.70 6.77
C VAL E 343 8.42 10.24 6.62
N PHE E 344 8.04 10.51 5.37
CA PHE E 344 6.71 11.03 5.09
C PHE E 344 5.95 10.10 4.16
N HIS E 345 4.87 9.52 4.65
CA HIS E 345 4.03 8.66 3.82
C HIS E 345 3.02 9.58 3.14
N LEU E 346 3.16 9.78 1.85
CA LEU E 346 2.27 10.66 1.13
C LEU E 346 1.38 9.94 0.14
N CYS E 347 0.09 10.23 0.18
CA CYS E 347 -0.85 9.62 -0.75
C CYS E 347 -1.32 10.65 -1.78
N CYS E 348 -0.86 10.50 -3.01
CA CYS E 348 -1.23 11.41 -4.09
C CYS E 348 -2.72 11.32 -4.41
N SER E 349 -3.24 12.32 -5.12
CA SER E 349 -4.66 12.35 -5.46
C SER E 349 -5.04 11.34 -6.54
N SER E 350 -4.04 10.72 -7.15
CA SER E 350 -4.29 9.76 -8.20
C SER E 350 -3.00 9.12 -8.67
N PRO E 351 -3.08 7.93 -9.27
CA PRO E 351 -1.89 7.23 -9.76
C PRO E 351 -1.08 8.11 -10.73
N GLU E 352 -1.76 8.92 -11.52
CA GLU E 352 -1.08 9.80 -12.48
C GLU E 352 -0.27 10.81 -11.70
N SER E 353 -0.87 11.36 -10.66
CA SER E 353 -0.21 12.34 -9.81
C SER E 353 1.04 11.70 -9.21
N ARG E 354 0.90 10.47 -8.69
CA ARG E 354 2.02 9.75 -8.11
C ARG E 354 3.10 9.58 -9.14
N LYS E 355 2.69 9.13 -10.33
CA LYS E 355 3.59 8.91 -11.45
C LYS E 355 4.44 10.18 -11.68
N ASP E 356 3.76 11.31 -11.85
CA ASP E 356 4.42 12.59 -12.08
C ASP E 356 5.27 13.04 -10.88
N PHE E 357 4.73 12.86 -9.68
CA PHE E 357 5.47 13.27 -8.49
C PHE E 357 6.81 12.56 -8.42
N LEU E 358 6.78 11.23 -8.45
CA LEU E 358 8.00 10.42 -8.36
C LEU E 358 8.95 10.72 -9.52
N LYS E 359 8.38 10.83 -10.72
CA LYS E 359 9.20 11.11 -11.89
C LYS E 359 10.01 12.37 -11.60
N SER E 360 9.30 13.37 -11.09
CA SER E 360 9.88 14.66 -10.73
C SER E 360 10.99 14.55 -9.68
N VAL E 361 10.69 13.84 -8.58
CA VAL E 361 11.66 13.67 -7.52
C VAL E 361 12.90 12.92 -8.01
N HIS E 362 12.68 11.83 -8.74
CA HIS E 362 13.81 11.06 -9.26
C HIS E 362 14.68 11.98 -10.10
N SER E 363 14.02 12.83 -10.88
CA SER E 363 14.70 13.76 -11.73
C SER E 363 15.73 14.61 -10.98
N ILE E 364 15.34 15.23 -9.87
CA ILE E 364 16.29 16.07 -9.14
C ILE E 364 17.40 15.25 -8.54
N LEU E 365 17.09 14.01 -8.16
CA LEU E 365 18.09 13.11 -7.59
C LEU E 365 19.08 12.70 -8.67
N ARG E 366 18.54 12.33 -9.83
CA ARG E 366 19.37 11.93 -10.96
C ARG E 366 20.39 13.04 -11.24
N ASP E 367 19.90 14.24 -11.53
CA ASP E 367 20.78 15.36 -11.83
C ASP E 367 21.76 15.68 -10.71
N LYS E 368 21.32 15.64 -9.45
CA LYS E 368 22.24 15.93 -8.36
C LYS E 368 23.37 14.92 -8.31
N HIS E 369 23.05 13.63 -8.37
CA HIS E 369 24.10 12.61 -8.36
C HIS E 369 25.20 12.92 -9.39
N ARG E 370 24.79 13.28 -10.60
CA ARG E 370 25.73 13.59 -11.69
C ARG E 370 26.33 14.97 -11.45
N ARG E 371 25.47 15.96 -11.23
CA ARG E 371 25.89 17.33 -11.00
C ARG E 371 26.65 17.43 -9.67
N GLN E 372 26.86 16.28 -9.03
CA GLN E 372 27.58 16.21 -7.75
C GLN E 372 28.47 14.98 -7.71
N MET F 1 11.86 67.73 -9.29
CA MET F 1 10.45 68.06 -9.69
C MET F 1 9.51 66.91 -9.35
N GLN F 2 8.24 67.23 -9.12
CA GLN F 2 7.25 66.21 -8.79
C GLN F 2 6.95 65.29 -9.98
N ALA F 3 6.91 63.99 -9.71
CA ALA F 3 6.62 63.00 -10.75
C ALA F 3 5.22 62.44 -10.48
N ILE F 4 4.50 62.07 -11.54
CA ILE F 4 3.15 61.55 -11.34
C ILE F 4 3.43 60.32 -12.22
N LYS F 5 3.04 59.12 -11.79
CA LYS F 5 3.30 57.92 -12.60
C LYS F 5 1.84 57.52 -12.91
N CYS F 6 1.56 57.40 -14.20
CA CYS F 6 0.24 57.04 -14.69
C CYS F 6 0.30 55.66 -15.36
N VAL F 7 -0.57 54.76 -14.93
CA VAL F 7 -0.62 53.41 -15.49
C VAL F 7 -1.94 53.26 -16.23
N VAL F 8 -1.84 52.97 -17.53
CA VAL F 8 -3.03 52.77 -18.35
C VAL F 8 -3.43 51.30 -18.33
N VAL F 9 -4.66 50.98 -17.91
CA VAL F 9 -5.08 49.58 -17.87
C VAL F 9 -6.36 49.31 -18.65
N GLY F 10 -6.76 48.04 -18.75
CA GLY F 10 -7.97 47.68 -19.48
C GLY F 10 -7.79 46.65 -20.59
N ASP F 11 -8.88 45.95 -20.95
CA ASP F 11 -8.87 44.94 -22.01
C ASP F 11 -7.92 45.24 -23.15
N GLY F 12 -7.39 44.19 -23.77
CA GLY F 12 -6.49 44.36 -24.89
C GLY F 12 -7.32 44.62 -26.12
N ALA F 13 -6.71 45.28 -27.10
CA ALA F 13 -7.40 45.61 -28.34
C ALA F 13 -8.42 46.70 -28.06
N VAL F 14 -8.04 47.61 -27.17
CA VAL F 14 -8.88 48.74 -26.80
C VAL F 14 -8.24 50.04 -27.27
N GLY F 15 -6.94 49.98 -27.54
CA GLY F 15 -6.25 51.15 -28.03
C GLY F 15 -5.17 51.71 -27.13
N LYS F 16 -5.04 51.17 -25.92
CA LYS F 16 -4.05 51.65 -24.97
C LYS F 16 -2.70 52.02 -25.58
N THR F 17 -2.02 51.05 -26.19
CA THR F 17 -0.72 51.35 -26.74
C THR F 17 -0.76 52.44 -27.80
N CYS F 18 -1.71 52.33 -28.72
CA CYS F 18 -1.83 53.32 -29.79
C CYS F 18 -2.05 54.70 -29.17
N LEU F 19 -3.07 54.76 -28.32
CA LEU F 19 -3.45 55.97 -27.59
C LEU F 19 -2.19 56.64 -26.98
N LEU F 20 -1.44 55.89 -26.19
CA LEU F 20 -0.23 56.41 -25.56
C LEU F 20 0.81 56.86 -26.58
N ILE F 21 0.91 56.16 -27.70
CA ILE F 21 1.89 56.56 -28.70
C ILE F 21 1.42 57.86 -29.36
N SER F 22 0.17 57.83 -29.83
CA SER F 22 -0.44 58.99 -30.48
C SER F 22 -0.19 60.23 -29.61
N TYR F 23 -0.54 60.13 -28.34
CA TYR F 23 -0.33 61.24 -27.42
C TYR F 23 1.15 61.65 -27.35
N THR F 24 1.97 60.84 -26.71
CA THR F 24 3.40 61.15 -26.57
C THR F 24 4.14 61.46 -27.87
N THR F 25 3.57 61.10 -29.01
CA THR F 25 4.25 61.36 -30.26
C THR F 25 3.56 62.47 -31.07
N ASN F 26 2.38 62.88 -30.59
CA ASN F 26 1.60 63.94 -31.24
C ASN F 26 1.31 63.59 -32.69
N ALA F 27 1.11 62.32 -32.97
CA ALA F 27 0.84 61.87 -34.32
C ALA F 27 0.35 60.44 -34.33
N PHE F 28 -0.80 60.20 -34.95
CA PHE F 28 -1.33 58.86 -35.03
C PHE F 28 -0.27 58.01 -35.71
N PRO F 29 -0.02 56.80 -35.19
CA PRO F 29 0.98 55.91 -35.79
C PRO F 29 0.79 55.63 -37.28
N GLY F 30 -0.47 55.40 -37.68
CA GLY F 30 -0.74 55.14 -39.08
C GLY F 30 -1.19 53.72 -39.39
N GLU F 31 -0.68 53.16 -40.48
CA GLU F 31 -1.04 51.80 -40.85
C GLU F 31 -0.37 50.81 -39.92
N TYR F 32 0.87 51.12 -39.51
CA TYR F 32 1.58 50.24 -38.59
C TYR F 32 1.58 50.82 -37.18
N ILE F 33 0.82 50.18 -36.30
CA ILE F 33 0.74 50.61 -34.91
C ILE F 33 1.68 49.78 -34.06
N PRO F 34 2.77 50.39 -33.57
CA PRO F 34 3.72 49.65 -32.76
C PRO F 34 3.07 48.84 -31.63
N THR F 35 3.72 47.74 -31.26
CA THR F 35 3.21 46.88 -30.21
C THR F 35 3.80 47.27 -28.87
N VAL F 36 5.03 47.77 -28.92
CA VAL F 36 5.74 48.16 -27.72
C VAL F 36 5.74 49.66 -27.46
N PHE F 37 5.51 50.03 -26.21
CA PHE F 37 5.52 51.41 -25.78
C PHE F 37 6.39 51.47 -24.53
N ASP F 38 7.64 51.88 -24.68
CA ASP F 38 8.56 51.97 -23.56
C ASP F 38 8.04 52.94 -22.50
N ASN F 39 8.48 52.80 -21.27
CA ASN F 39 8.05 53.70 -20.20
C ASN F 39 8.37 55.12 -20.61
N TYR F 40 7.35 55.97 -20.63
CA TYR F 40 7.48 57.36 -21.03
C TYR F 40 7.56 58.32 -19.85
N SER F 41 8.29 59.41 -20.05
CA SER F 41 8.44 60.43 -19.02
C SER F 41 8.71 61.79 -19.66
N ALA F 42 7.91 62.78 -19.29
CA ALA F 42 8.08 64.14 -19.83
C ALA F 42 7.57 65.19 -18.87
N ASN F 43 8.21 66.36 -18.89
CA ASN F 43 7.79 67.47 -18.05
C ASN F 43 6.52 68.08 -18.63
N VAL F 44 5.55 68.31 -17.77
CA VAL F 44 4.27 68.87 -18.20
C VAL F 44 3.76 69.90 -17.20
N MET F 45 3.22 71.00 -17.70
CA MET F 45 2.68 72.03 -16.83
C MET F 45 1.15 72.02 -16.93
N VAL F 46 0.49 72.02 -15.77
CA VAL F 46 -0.96 71.99 -15.73
C VAL F 46 -1.41 72.89 -14.59
N ASP F 47 -2.24 73.87 -14.93
CA ASP F 47 -2.74 74.84 -13.96
C ASP F 47 -1.56 75.53 -13.27
N GLY F 48 -0.54 75.86 -14.06
CA GLY F 48 0.64 76.53 -13.55
C GLY F 48 1.61 75.68 -12.76
N LYS F 49 1.21 74.45 -12.43
CA LYS F 49 2.04 73.54 -11.65
C LYS F 49 2.82 72.61 -12.58
N PRO F 50 4.15 72.60 -12.47
CA PRO F 50 5.04 71.75 -13.28
C PRO F 50 5.17 70.34 -12.69
N VAL F 51 5.10 69.34 -13.56
CA VAL F 51 5.22 67.95 -13.13
C VAL F 51 5.92 67.13 -14.21
N ASN F 52 6.45 65.98 -13.79
CA ASN F 52 7.10 65.07 -14.72
C ASN F 52 6.08 63.94 -14.85
N LEU F 53 5.38 63.91 -15.98
CA LEU F 53 4.37 62.88 -16.19
C LEU F 53 5.03 61.58 -16.66
N GLY F 54 4.76 60.50 -15.93
CA GLY F 54 5.31 59.22 -16.30
C GLY F 54 4.21 58.31 -16.81
N LEU F 55 4.44 57.70 -17.96
CA LEU F 55 3.44 56.80 -18.52
C LEU F 55 3.91 55.36 -18.74
N TRP F 56 3.14 54.41 -18.19
CA TRP F 56 3.42 52.99 -18.29
C TRP F 56 2.28 52.29 -19.00
N ASP F 57 2.62 51.58 -20.08
CA ASP F 57 1.63 50.81 -20.84
C ASP F 57 1.50 49.46 -20.12
N THR F 58 0.50 48.66 -20.48
CA THR F 58 0.37 47.36 -19.85
C THR F 58 -0.03 46.30 -20.85
N ALA F 59 0.29 46.54 -22.11
CA ALA F 59 -0.06 45.60 -23.16
C ALA F 59 0.66 44.28 -22.93
N GLY F 60 -0.06 43.19 -23.15
CA GLY F 60 0.55 41.88 -22.98
C GLY F 60 0.37 41.26 -21.61
N GLN F 61 -0.15 42.01 -20.65
CA GLN F 61 -0.34 41.49 -19.32
C GLN F 61 -1.79 41.43 -18.86
N GLU F 62 -2.72 41.76 -19.73
CA GLU F 62 -4.11 41.74 -19.30
C GLU F 62 -4.65 40.37 -18.96
N ASP F 63 -3.97 39.31 -19.38
CA ASP F 63 -4.44 37.96 -19.07
C ASP F 63 -3.71 37.25 -17.93
N TYR F 64 -2.74 37.92 -17.33
CA TYR F 64 -1.98 37.31 -16.24
C TYR F 64 -2.24 38.01 -14.92
N ASP F 65 -3.34 37.61 -14.31
CA ASP F 65 -3.84 38.16 -13.06
C ASP F 65 -2.87 38.33 -11.89
N ARG F 66 -1.71 37.70 -11.95
CA ARG F 66 -0.73 37.83 -10.85
C ARG F 66 0.48 38.65 -11.26
N LEU F 67 0.65 38.86 -12.55
CA LEU F 67 1.79 39.62 -13.04
C LEU F 67 1.30 41.07 -13.27
N ARG F 68 0.08 41.14 -13.78
CA ARG F 68 -0.61 42.39 -14.09
C ARG F 68 -0.50 43.46 -12.98
N PRO F 69 -0.84 43.11 -11.72
CA PRO F 69 -0.77 44.06 -10.61
C PRO F 69 0.63 44.40 -10.08
N LEU F 70 1.67 43.92 -10.74
CA LEU F 70 3.02 44.21 -10.29
C LEU F 70 3.42 45.66 -10.58
N SER F 71 2.67 46.30 -11.48
CA SER F 71 2.92 47.69 -11.87
C SER F 71 2.07 48.68 -11.07
N TYR F 72 1.03 48.17 -10.41
CA TYR F 72 0.10 48.97 -9.63
C TYR F 72 0.65 49.77 -8.45
N PRO F 73 1.51 49.17 -7.63
CA PRO F 73 2.06 49.90 -6.48
C PRO F 73 2.73 51.24 -6.84
N GLN F 74 2.60 52.22 -5.95
CA GLN F 74 3.22 53.53 -6.16
C GLN F 74 2.72 54.26 -7.41
N THR F 75 1.47 54.03 -7.78
CA THR F 75 0.87 54.66 -8.94
C THR F 75 0.01 55.83 -8.46
N ASP F 76 0.08 56.97 -9.15
CA ASP F 76 -0.70 58.13 -8.73
C ASP F 76 -2.06 58.27 -9.41
N VAL F 77 -2.16 57.83 -10.65
CA VAL F 77 -3.42 57.85 -11.38
C VAL F 77 -3.53 56.69 -12.34
N PHE F 78 -4.73 56.11 -12.39
CA PHE F 78 -5.00 55.01 -13.31
C PHE F 78 -5.93 55.45 -14.42
N LEU F 79 -5.63 55.03 -15.64
CA LEU F 79 -6.49 55.31 -16.77
C LEU F 79 -7.11 53.96 -17.15
N ILE F 80 -8.32 53.70 -16.67
CA ILE F 80 -9.02 52.47 -17.01
C ILE F 80 -9.69 52.73 -18.35
N CYS F 81 -9.16 52.16 -19.42
CA CYS F 81 -9.71 52.37 -20.76
C CYS F 81 -10.73 51.32 -21.18
N PHE F 82 -11.34 51.53 -22.35
CA PHE F 82 -12.32 50.61 -22.93
C PHE F 82 -12.74 51.18 -24.28
N SER F 83 -12.94 50.31 -25.26
CA SER F 83 -13.33 50.75 -26.60
C SER F 83 -14.80 51.10 -26.65
N LEU F 84 -15.10 52.28 -27.17
CA LEU F 84 -16.47 52.75 -27.29
C LEU F 84 -17.28 51.83 -28.19
N VAL F 85 -16.60 51.16 -29.11
CA VAL F 85 -17.27 50.25 -30.01
C VAL F 85 -17.12 48.79 -29.60
N SER F 86 -16.88 48.56 -28.31
CA SER F 86 -16.72 47.21 -27.77
C SER F 86 -17.42 47.03 -26.44
N PRO F 87 -18.71 46.74 -26.47
CA PRO F 87 -19.50 46.55 -25.24
C PRO F 87 -18.82 45.65 -24.19
N ALA F 88 -18.14 44.62 -24.66
CA ALA F 88 -17.46 43.68 -23.78
C ALA F 88 -16.35 44.36 -22.98
N SER F 89 -15.47 45.11 -23.65
CA SER F 89 -14.38 45.79 -22.96
C SER F 89 -14.98 46.75 -21.94
N PHE F 90 -16.16 47.26 -22.28
CA PHE F 90 -16.88 48.21 -21.42
C PHE F 90 -17.29 47.49 -20.14
N GLU F 91 -17.97 46.36 -20.31
CA GLU F 91 -18.44 45.58 -19.18
C GLU F 91 -17.28 45.17 -18.24
N ASN F 92 -16.11 44.91 -18.80
CA ASN F 92 -14.96 44.54 -17.98
C ASN F 92 -14.52 45.63 -17.03
N VAL F 93 -14.92 46.86 -17.32
CA VAL F 93 -14.54 47.96 -16.43
C VAL F 93 -15.13 47.70 -15.06
N ARG F 94 -16.39 47.27 -15.01
CA ARG F 94 -16.98 47.03 -13.71
C ARG F 94 -16.75 45.61 -13.21
N ALA F 95 -16.62 44.66 -14.12
CA ALA F 95 -16.41 43.26 -13.74
C ALA F 95 -14.96 42.88 -13.45
N LYS F 96 -14.02 43.57 -14.08
CA LYS F 96 -12.64 43.24 -13.88
C LYS F 96 -11.74 44.35 -13.36
N TRP F 97 -11.42 45.29 -14.25
CA TRP F 97 -10.51 46.40 -13.96
C TRP F 97 -10.73 47.28 -12.74
N TYR F 98 -11.93 47.82 -12.59
CA TYR F 98 -12.15 48.66 -11.44
C TYR F 98 -11.94 47.91 -10.12
N PRO F 99 -12.64 46.78 -9.94
CA PRO F 99 -12.50 46.02 -8.70
C PRO F 99 -11.06 45.68 -8.36
N GLU F 100 -10.31 45.36 -9.40
CA GLU F 100 -8.91 45.02 -9.21
C GLU F 100 -8.04 46.21 -8.80
N VAL F 101 -8.12 47.29 -9.57
CA VAL F 101 -7.34 48.48 -9.28
C VAL F 101 -7.67 49.04 -7.89
N ARG F 102 -8.94 49.02 -7.52
CA ARG F 102 -9.36 49.54 -6.23
C ARG F 102 -8.81 48.69 -5.10
N HIS F 103 -8.82 47.38 -5.31
CA HIS F 103 -8.33 46.45 -4.30
C HIS F 103 -6.86 46.67 -4.01
N HIS F 104 -6.10 46.91 -5.06
CA HIS F 104 -4.66 47.15 -4.93
C HIS F 104 -4.32 48.60 -4.63
N CYS F 105 -5.22 49.50 -4.99
CA CYS F 105 -4.99 50.92 -4.79
C CYS F 105 -6.28 51.62 -4.35
N PRO F 106 -6.61 51.49 -3.05
CA PRO F 106 -7.79 52.06 -2.40
C PRO F 106 -7.98 53.56 -2.55
N ASN F 107 -6.87 54.30 -2.53
CA ASN F 107 -6.93 55.75 -2.62
C ASN F 107 -6.43 56.34 -3.92
N THR F 108 -6.32 55.56 -4.98
CA THR F 108 -5.82 56.14 -6.21
C THR F 108 -6.92 56.59 -7.19
N PRO F 109 -6.87 57.85 -7.61
CA PRO F 109 -7.84 58.41 -8.55
C PRO F 109 -7.87 57.62 -9.85
N ILE F 110 -9.07 57.50 -10.41
CA ILE F 110 -9.27 56.76 -11.63
C ILE F 110 -10.00 57.55 -12.72
N ILE F 111 -9.34 57.75 -13.85
CA ILE F 111 -10.00 58.41 -14.97
C ILE F 111 -10.54 57.30 -15.87
N LEU F 112 -11.84 57.32 -16.16
CA LEU F 112 -12.41 56.31 -17.03
C LEU F 112 -12.36 56.79 -18.49
N VAL F 113 -11.37 56.35 -19.25
CA VAL F 113 -11.23 56.75 -20.64
C VAL F 113 -11.96 55.86 -21.65
N GLY F 114 -12.72 56.49 -22.55
CA GLY F 114 -13.43 55.77 -23.58
C GLY F 114 -12.60 55.98 -24.84
N THR F 115 -12.24 54.90 -25.51
CA THR F 115 -11.41 54.99 -26.71
C THR F 115 -12.14 54.65 -28.01
N LYS F 116 -11.42 54.84 -29.11
CA LYS F 116 -11.97 54.55 -30.42
C LYS F 116 -13.21 55.40 -30.71
N LEU F 117 -13.22 56.63 -30.20
CA LEU F 117 -14.33 57.56 -30.39
C LEU F 117 -14.73 57.68 -31.87
N ASP F 118 -13.72 57.88 -32.71
CA ASP F 118 -13.95 58.03 -34.15
C ASP F 118 -14.68 56.88 -34.84
N LEU F 119 -14.74 55.72 -34.21
CA LEU F 119 -15.43 54.59 -34.82
C LEU F 119 -16.86 54.46 -34.32
N ARG F 120 -17.23 55.36 -33.41
CA ARG F 120 -18.56 55.34 -32.81
C ARG F 120 -19.71 55.62 -33.76
N ASP F 121 -19.48 56.53 -34.70
CA ASP F 121 -20.47 56.92 -35.69
C ASP F 121 -19.95 56.56 -37.07
N ASP F 122 -19.38 55.36 -37.17
CA ASP F 122 -18.83 54.84 -38.42
C ASP F 122 -19.84 53.82 -38.93
N LYS F 123 -20.31 54.02 -40.16
CA LYS F 123 -21.31 53.13 -40.76
C LYS F 123 -20.92 51.66 -40.66
N ASP F 124 -19.75 51.32 -41.19
CA ASP F 124 -19.26 49.94 -41.17
C ASP F 124 -19.21 49.38 -39.75
N THR F 125 -18.62 50.14 -38.83
CA THR F 125 -18.52 49.69 -37.45
C THR F 125 -19.89 49.44 -36.86
N ILE F 126 -20.79 50.41 -37.01
CA ILE F 126 -22.15 50.31 -36.47
C ILE F 126 -22.94 49.12 -37.04
N GLU F 127 -22.70 48.79 -38.31
CA GLU F 127 -23.38 47.67 -38.93
C GLU F 127 -22.80 46.35 -38.40
N LYS F 128 -21.48 46.31 -38.30
CA LYS F 128 -20.80 45.13 -37.78
C LYS F 128 -21.35 44.80 -36.40
N LEU F 129 -21.49 45.81 -35.55
CA LEU F 129 -22.03 45.60 -34.20
C LEU F 129 -23.49 45.20 -34.27
N LYS F 130 -24.21 45.77 -35.22
CA LYS F 130 -25.63 45.49 -35.40
C LYS F 130 -25.80 44.01 -35.76
N GLU F 131 -24.87 43.48 -36.55
CA GLU F 131 -24.92 42.08 -36.96
C GLU F 131 -24.80 41.16 -35.75
N LYS F 132 -24.26 41.71 -34.67
CA LYS F 132 -24.06 40.94 -33.44
C LYS F 132 -25.02 41.44 -32.35
N LYS F 133 -26.11 42.06 -32.78
CA LYS F 133 -27.08 42.61 -31.84
C LYS F 133 -26.36 43.46 -30.81
N LEU F 134 -25.50 44.36 -31.29
CA LEU F 134 -24.77 45.25 -30.40
C LEU F 134 -24.84 46.71 -30.82
N THR F 135 -24.47 47.59 -29.91
CA THR F 135 -24.50 49.03 -30.14
C THR F 135 -23.34 49.67 -29.42
N PRO F 136 -22.71 50.69 -30.02
CA PRO F 136 -21.59 51.36 -29.36
C PRO F 136 -22.02 51.92 -28.00
N ILE F 137 -21.05 52.22 -27.14
CA ILE F 137 -21.38 52.78 -25.84
C ILE F 137 -21.52 54.29 -26.03
N THR F 138 -22.62 54.83 -25.51
CA THR F 138 -22.91 56.25 -25.62
C THR F 138 -22.32 56.99 -24.44
N TYR F 139 -22.05 58.27 -24.66
CA TYR F 139 -21.50 59.14 -23.63
C TYR F 139 -22.25 58.99 -22.31
N PRO F 140 -23.58 59.07 -22.36
CA PRO F 140 -24.36 58.94 -21.12
C PRO F 140 -24.05 57.64 -20.38
N GLN F 141 -23.80 56.57 -21.13
CA GLN F 141 -23.48 55.28 -20.51
C GLN F 141 -22.08 55.35 -19.91
N GLY F 142 -21.12 55.83 -20.69
CA GLY F 142 -19.77 55.97 -20.17
C GLY F 142 -19.78 56.75 -18.88
N LEU F 143 -20.50 57.87 -18.87
CA LEU F 143 -20.57 58.72 -17.69
C LEU F 143 -21.13 57.96 -16.49
N ALA F 144 -22.20 57.20 -16.72
CA ALA F 144 -22.81 56.43 -15.63
C ALA F 144 -21.81 55.44 -15.05
N MET F 145 -21.11 54.74 -15.95
CA MET F 145 -20.12 53.77 -15.53
C MET F 145 -19.13 54.49 -14.62
N ALA F 146 -18.62 55.61 -15.14
CA ALA F 146 -17.65 56.42 -14.41
C ALA F 146 -18.17 56.77 -13.03
N LYS F 147 -19.45 57.11 -12.96
CA LYS F 147 -20.07 57.45 -11.70
C LYS F 147 -20.18 56.22 -10.81
N GLU F 148 -20.50 55.08 -11.40
CA GLU F 148 -20.65 53.83 -10.64
C GLU F 148 -19.37 53.42 -9.92
N ILE F 149 -18.25 53.45 -10.63
CA ILE F 149 -16.97 53.07 -10.04
C ILE F 149 -16.31 54.24 -9.33
N GLY F 150 -17.00 55.38 -9.29
CA GLY F 150 -16.43 56.54 -8.62
C GLY F 150 -15.18 57.10 -9.29
N ALA F 151 -15.19 57.15 -10.62
CA ALA F 151 -14.05 57.70 -11.34
C ALA F 151 -14.03 59.21 -11.10
N VAL F 152 -12.85 59.81 -11.17
CA VAL F 152 -12.69 61.24 -11.00
C VAL F 152 -13.21 61.99 -12.22
N LYS F 153 -13.08 61.35 -13.38
CA LYS F 153 -13.52 61.94 -14.64
C LYS F 153 -13.84 60.87 -15.66
N TYR F 154 -14.70 61.20 -16.60
CA TYR F 154 -15.04 60.30 -17.68
C TYR F 154 -14.77 61.01 -18.99
N LEU F 155 -13.69 60.64 -19.66
CA LEU F 155 -13.32 61.26 -20.91
C LEU F 155 -13.42 60.28 -22.08
N GLU F 156 -13.43 60.82 -23.30
CA GLU F 156 -13.49 60.00 -24.51
C GLU F 156 -12.47 60.57 -25.46
N CYS F 157 -11.81 59.72 -26.24
CA CYS F 157 -10.81 60.21 -27.16
C CYS F 157 -10.67 59.35 -28.39
N SER F 158 -9.73 59.74 -29.25
CA SER F 158 -9.46 59.03 -30.48
C SER F 158 -7.98 59.21 -30.79
N ALA F 159 -7.21 58.15 -30.72
CA ALA F 159 -5.80 58.28 -31.02
C ALA F 159 -5.67 58.66 -32.48
N LEU F 160 -6.73 58.35 -33.24
CA LEU F 160 -6.76 58.62 -34.68
C LEU F 160 -7.00 60.09 -34.95
N THR F 161 -8.05 60.62 -34.35
CA THR F 161 -8.41 62.03 -34.47
C THR F 161 -7.53 62.85 -33.55
N GLN F 162 -6.86 62.14 -32.64
CA GLN F 162 -5.99 62.75 -31.66
C GLN F 162 -6.78 63.71 -30.77
N ARG F 163 -8.10 63.71 -30.94
CA ARG F 163 -8.98 64.58 -30.16
C ARG F 163 -9.27 63.99 -28.79
N GLY F 164 -9.12 64.82 -27.76
CA GLY F 164 -9.38 64.38 -26.39
C GLY F 164 -8.18 63.82 -25.66
N LEU F 165 -7.10 63.55 -26.38
CA LEU F 165 -5.90 62.99 -25.77
C LEU F 165 -5.30 63.90 -24.71
N LYS F 166 -4.85 65.09 -25.10
CA LYS F 166 -4.27 66.04 -24.14
C LYS F 166 -5.20 66.19 -22.94
N THR F 167 -6.49 66.28 -23.17
CA THR F 167 -7.43 66.41 -22.06
C THR F 167 -7.23 65.26 -21.09
N VAL F 168 -7.29 64.05 -21.63
CA VAL F 168 -7.11 62.83 -20.84
C VAL F 168 -5.93 62.91 -19.90
N PHE F 169 -4.75 63.23 -20.40
CA PHE F 169 -3.60 63.31 -19.50
C PHE F 169 -3.56 64.51 -18.57
N ASP F 170 -4.17 65.62 -18.98
CA ASP F 170 -4.19 66.80 -18.12
C ASP F 170 -5.12 66.51 -16.95
N GLU F 171 -6.30 65.98 -17.24
CA GLU F 171 -7.25 65.65 -16.18
C GLU F 171 -6.62 64.64 -15.23
N ALA F 172 -5.80 63.76 -15.80
CA ALA F 172 -5.11 62.74 -15.02
C ALA F 172 -4.23 63.46 -14.02
N ILE F 173 -3.44 64.40 -14.52
CA ILE F 173 -2.55 65.17 -13.66
C ILE F 173 -3.33 66.00 -12.64
N ARG F 174 -4.45 66.59 -13.06
CA ARG F 174 -5.22 67.39 -12.12
C ARG F 174 -5.70 66.48 -11.01
N ALA F 175 -6.16 65.30 -11.37
CA ALA F 175 -6.67 64.34 -10.40
C ALA F 175 -5.66 64.07 -9.29
N VAL F 176 -4.38 64.30 -9.57
CA VAL F 176 -3.32 64.06 -8.58
C VAL F 176 -2.95 65.31 -7.79
N LEU F 177 -2.72 66.40 -8.51
CA LEU F 177 -2.35 67.69 -7.90
C LEU F 177 -3.37 68.14 -6.85
N LEU G 6 5.88 -3.86 56.04
CA LEU G 6 5.32 -4.89 55.11
C LEU G 6 6.40 -5.72 54.42
N SER G 7 6.27 -7.03 54.56
CA SER G 7 7.20 -7.95 53.94
C SER G 7 6.51 -8.52 52.70
N ASP G 8 7.29 -8.98 51.73
CA ASP G 8 6.71 -9.55 50.52
C ASP G 8 5.57 -10.49 50.91
N ALA G 9 5.74 -11.20 52.03
CA ALA G 9 4.71 -12.11 52.49
C ALA G 9 3.45 -11.32 52.80
N ASP G 10 3.60 -10.22 53.51
CA ASP G 10 2.47 -9.36 53.86
C ASP G 10 1.79 -8.85 52.60
N LYS G 11 2.59 -8.24 51.73
CA LYS G 11 2.08 -7.72 50.48
C LYS G 11 1.27 -8.79 49.75
N LEU G 12 1.85 -9.99 49.64
CA LEU G 12 1.18 -11.08 48.94
C LEU G 12 -0.16 -11.40 49.58
N ARG G 13 -0.19 -11.46 50.90
CA ARG G 13 -1.43 -11.78 51.59
C ARG G 13 -2.46 -10.72 51.25
N LYS G 14 -2.00 -9.47 51.14
CA LYS G 14 -2.86 -8.34 50.83
C LYS G 14 -3.59 -8.57 49.50
N VAL G 15 -2.80 -8.84 48.46
CA VAL G 15 -3.32 -9.09 47.12
C VAL G 15 -4.28 -10.28 47.11
N ILE G 16 -3.90 -11.38 47.75
CA ILE G 16 -4.77 -12.53 47.77
C ILE G 16 -6.10 -12.14 48.42
N CYS G 17 -6.03 -11.29 49.43
CA CYS G 17 -7.23 -10.87 50.12
C CYS G 17 -8.04 -9.87 49.30
N GLU G 18 -7.37 -8.98 48.58
CA GLU G 18 -8.09 -8.02 47.77
C GLU G 18 -8.85 -8.76 46.69
N LEU G 19 -8.18 -9.72 46.04
CA LEU G 19 -8.76 -10.52 44.98
C LEU G 19 -10.04 -11.19 45.48
N LEU G 20 -9.93 -11.88 46.60
CA LEU G 20 -11.06 -12.57 47.19
C LEU G 20 -12.16 -11.64 47.72
N GLU G 21 -11.76 -10.60 48.43
CA GLU G 21 -12.76 -9.69 48.98
C GLU G 21 -13.53 -8.98 47.88
N THR G 22 -12.83 -8.45 46.88
CA THR G 22 -13.51 -7.77 45.78
C THR G 22 -14.40 -8.72 44.99
N GLU G 23 -14.00 -9.99 44.87
CA GLU G 23 -14.78 -10.97 44.13
C GLU G 23 -16.10 -11.25 44.83
N ARG G 24 -16.05 -11.37 46.15
CA ARG G 24 -17.27 -11.59 46.95
C ARG G 24 -18.20 -10.38 46.74
N THR G 25 -17.59 -9.20 46.71
CA THR G 25 -18.33 -7.96 46.52
C THR G 25 -18.98 -7.96 45.14
N TYR G 26 -18.18 -8.22 44.11
CA TYR G 26 -18.69 -8.26 42.73
C TYR G 26 -19.86 -9.22 42.60
N VAL G 27 -19.69 -10.45 43.08
CA VAL G 27 -20.77 -11.41 43.00
C VAL G 27 -22.01 -10.83 43.66
N LYS G 28 -21.84 -10.26 44.85
CA LYS G 28 -22.95 -9.66 45.59
C LYS G 28 -23.57 -8.52 44.78
N ASP G 29 -22.73 -7.70 44.14
CA ASP G 29 -23.24 -6.58 43.34
C ASP G 29 -24.04 -7.16 42.18
N LEU G 30 -23.51 -8.21 41.60
CA LEU G 30 -24.14 -8.88 40.48
C LEU G 30 -25.54 -9.35 40.91
N ASN G 31 -25.62 -10.04 42.04
CA ASN G 31 -26.90 -10.51 42.53
C ASN G 31 -27.81 -9.34 42.84
N CYS G 32 -27.20 -8.29 43.38
CA CYS G 32 -27.96 -7.10 43.75
C CYS G 32 -28.58 -6.44 42.53
N LEU G 33 -27.86 -6.44 41.41
CA LEU G 33 -28.32 -5.83 40.17
C LEU G 33 -29.55 -6.62 39.72
N MSE G 34 -29.44 -7.93 39.86
CA MSE G 34 -30.49 -8.86 39.47
C MSE G 34 -31.76 -8.71 40.31
O MSE G 34 -32.87 -8.70 39.78
CB MSE G 34 -29.95 -10.30 39.60
CG MSE G 34 -30.86 -11.39 39.05
SE MSE G 34 -31.17 -11.18 37.28
CE MSE G 34 -29.49 -10.99 36.63
N GLU G 35 -31.59 -8.60 41.62
CA GLU G 35 -32.72 -8.47 42.54
C GLU G 35 -33.28 -7.05 42.66
N ARG G 36 -32.38 -6.08 42.82
CA ARG G 36 -32.74 -4.68 43.00
C ARG G 36 -33.36 -3.98 41.79
N TYR G 37 -32.85 -4.26 40.59
CA TYR G 37 -33.37 -3.58 39.41
C TYR G 37 -33.98 -4.43 38.30
N LEU G 38 -33.25 -5.43 37.83
CA LEU G 38 -33.72 -6.23 36.72
C LEU G 38 -34.99 -7.06 36.91
N LYS G 39 -35.03 -7.94 37.90
CA LYS G 39 -36.25 -8.73 38.08
C LYS G 39 -37.47 -7.84 38.28
N PRO G 40 -37.43 -6.92 39.26
CA PRO G 40 -38.57 -6.03 39.48
C PRO G 40 -38.96 -5.19 38.24
N LEU G 41 -38.05 -5.07 37.29
CA LEU G 41 -38.33 -4.34 36.07
C LEU G 41 -39.13 -5.19 35.09
N GLN G 42 -38.93 -6.49 35.13
CA GLN G 42 -39.67 -7.39 34.25
C GLN G 42 -41.14 -7.19 34.60
N LYS G 43 -41.41 -7.15 35.90
CA LYS G 43 -42.76 -6.98 36.38
C LYS G 43 -43.18 -5.50 36.29
N GLU G 44 -42.89 -4.87 35.17
CA GLU G 44 -43.25 -3.47 34.99
C GLU G 44 -43.68 -3.22 33.53
N THR G 45 -44.15 -2.01 33.25
CA THR G 45 -44.60 -1.66 31.90
C THR G 45 -43.69 -0.60 31.26
N PHE G 46 -42.78 -0.06 32.06
CA PHE G 46 -41.82 0.97 31.63
C PHE G 46 -41.08 0.65 30.34
N LEU G 47 -40.33 -0.43 30.35
CA LEU G 47 -39.55 -0.83 29.19
C LEU G 47 -40.26 -1.86 28.34
N THR G 48 -39.86 -1.93 27.07
CA THR G 48 -40.41 -2.90 26.15
C THR G 48 -39.59 -4.15 26.44
N GLN G 49 -39.91 -5.25 25.77
CA GLN G 49 -39.16 -6.47 26.01
C GLN G 49 -37.73 -6.24 25.54
N ASP G 50 -37.59 -5.60 24.39
CA ASP G 50 -36.28 -5.29 23.82
C ASP G 50 -35.46 -4.48 24.81
N GLU G 51 -36.06 -3.41 25.32
CA GLU G 51 -35.40 -2.54 26.27
C GLU G 51 -34.94 -3.36 27.48
N LEU G 52 -35.78 -4.26 27.97
CA LEU G 52 -35.38 -5.08 29.11
C LEU G 52 -34.24 -6.00 28.74
N ASP G 53 -34.23 -6.47 27.49
CA ASP G 53 -33.20 -7.39 27.03
C ASP G 53 -31.82 -6.73 27.03
N VAL G 54 -31.78 -5.45 26.68
CA VAL G 54 -30.53 -4.71 26.67
C VAL G 54 -29.93 -4.65 28.08
N LEU G 55 -30.79 -4.41 29.06
CA LEU G 55 -30.35 -4.32 30.45
C LEU G 55 -29.87 -5.66 30.99
N PHE G 56 -30.71 -6.70 30.92
CA PHE G 56 -30.31 -8.02 31.41
C PHE G 56 -29.06 -8.51 30.69
N GLY G 57 -29.27 -9.07 29.50
CA GLY G 57 -28.17 -9.59 28.69
C GLY G 57 -27.29 -10.60 29.38
N ASN G 58 -27.50 -11.88 29.07
CA ASN G 58 -26.72 -12.98 29.65
C ASN G 58 -26.24 -12.75 31.07
N LEU G 59 -26.90 -11.85 31.79
CA LEU G 59 -26.51 -11.56 33.15
C LEU G 59 -26.78 -12.79 34.03
N THR G 60 -27.93 -13.43 33.85
CA THR G 60 -28.26 -14.64 34.62
C THR G 60 -27.22 -15.71 34.36
N GLU G 61 -26.78 -15.82 33.11
CA GLU G 61 -25.77 -16.78 32.75
C GLU G 61 -24.48 -16.38 33.43
N MSE G 62 -24.18 -15.08 33.36
CA MSE G 62 -22.96 -14.53 33.95
C MSE G 62 -22.88 -14.78 35.44
O MSE G 62 -21.81 -15.12 35.95
CB MSE G 62 -22.87 -13.03 33.66
CG MSE G 62 -21.60 -12.37 34.19
SE MSE G 62 -21.44 -10.60 33.83
CE MSE G 62 -21.33 -10.54 32.05
N VAL G 63 -23.99 -14.64 36.15
CA VAL G 63 -23.98 -14.84 37.59
C VAL G 63 -23.70 -16.27 37.95
N GLU G 64 -24.40 -17.21 37.31
CA GLU G 64 -24.21 -18.64 37.57
C GLU G 64 -22.72 -18.97 37.48
N PHE G 65 -22.14 -18.54 36.37
CA PHE G 65 -20.74 -18.71 36.08
C PHE G 65 -19.84 -18.09 37.16
N GLN G 66 -20.04 -16.80 37.40
CA GLN G 66 -19.23 -16.08 38.38
C GLN G 66 -19.29 -16.74 39.77
N VAL G 67 -20.47 -17.20 40.17
CA VAL G 67 -20.63 -17.85 41.47
C VAL G 67 -19.72 -19.08 41.57
N GLU G 68 -19.64 -19.83 40.49
CA GLU G 68 -18.81 -21.01 40.45
C GLU G 68 -17.35 -20.62 40.54
N PHE G 69 -16.97 -19.60 39.78
CA PHE G 69 -15.60 -19.11 39.80
C PHE G 69 -15.20 -18.73 41.23
N LEU G 70 -16.09 -18.03 41.92
CA LEU G 70 -15.81 -17.59 43.28
C LEU G 70 -15.57 -18.75 44.22
N LYS G 71 -16.39 -19.80 44.13
CA LYS G 71 -16.21 -20.98 44.99
C LYS G 71 -14.80 -21.54 44.82
N THR G 72 -14.32 -21.58 43.59
CA THR G 72 -12.99 -22.10 43.34
C THR G 72 -11.97 -21.24 44.05
N LEU G 73 -12.20 -19.93 44.08
CA LEU G 73 -11.27 -19.04 44.75
C LEU G 73 -11.37 -19.28 46.25
N GLU G 74 -12.58 -19.37 46.76
CA GLU G 74 -12.78 -19.62 48.18
C GLU G 74 -12.03 -20.88 48.59
N ASP G 75 -12.24 -21.96 47.85
CA ASP G 75 -11.59 -23.23 48.14
C ASP G 75 -10.08 -23.09 48.07
N GLY G 76 -9.63 -22.48 46.99
CA GLY G 76 -8.20 -22.30 46.80
C GLY G 76 -7.49 -21.62 47.94
N VAL G 77 -8.15 -20.62 48.52
CA VAL G 77 -7.51 -19.89 49.59
C VAL G 77 -7.57 -20.69 50.90
N ARG G 78 -8.43 -21.70 50.96
CA ARG G 78 -8.51 -22.55 52.15
C ARG G 78 -7.53 -23.73 52.10
N LEU G 79 -6.75 -23.84 51.05
CA LEU G 79 -5.77 -24.92 50.96
C LEU G 79 -4.71 -24.78 52.05
N VAL G 80 -4.85 -23.76 52.88
CA VAL G 80 -3.92 -23.51 53.98
C VAL G 80 -4.75 -23.05 55.17
N PRO G 81 -4.36 -23.46 56.38
CA PRO G 81 -5.07 -23.10 57.62
C PRO G 81 -5.32 -21.60 57.80
N ASP G 82 -4.25 -20.81 57.80
CA ASP G 82 -4.39 -19.36 57.97
C ASP G 82 -3.26 -18.61 57.28
N LEU G 83 -3.61 -17.84 56.27
CA LEU G 83 -2.63 -17.06 55.52
C LEU G 83 -1.88 -16.12 56.46
N GLU G 84 -2.63 -15.54 57.39
CA GLU G 84 -2.09 -14.61 58.37
C GLU G 84 -0.87 -15.14 59.11
N LYS G 85 -0.68 -16.45 59.14
CA LYS G 85 0.45 -17.05 59.84
C LYS G 85 1.70 -17.23 58.97
N LEU G 86 1.50 -17.32 57.65
CA LEU G 86 2.62 -17.50 56.72
C LEU G 86 3.59 -16.32 56.78
N GLU G 87 4.89 -16.62 56.78
CA GLU G 87 5.89 -15.58 56.83
C GLU G 87 6.70 -15.47 55.56
N LYS G 88 6.63 -16.49 54.72
CA LYS G 88 7.37 -16.48 53.47
C LYS G 88 6.41 -16.63 52.30
N VAL G 89 6.66 -15.92 51.20
CA VAL G 89 5.79 -16.02 50.03
C VAL G 89 5.76 -17.47 49.62
N ASP G 90 6.92 -18.11 49.77
CA ASP G 90 7.11 -19.50 49.42
C ASP G 90 6.09 -20.41 50.12
N GLN G 91 5.58 -19.98 51.27
CA GLN G 91 4.61 -20.79 51.99
C GLN G 91 3.19 -20.69 51.44
N PHE G 92 3.00 -19.91 50.38
CA PHE G 92 1.68 -19.76 49.77
C PHE G 92 1.50 -20.60 48.52
N LYS G 93 2.55 -21.30 48.12
CA LYS G 93 2.53 -22.15 46.94
C LYS G 93 1.17 -22.80 46.63
N LYS G 94 0.63 -23.57 47.58
CA LYS G 94 -0.65 -24.23 47.36
C LYS G 94 -1.75 -23.28 46.89
N VAL G 95 -1.89 -22.15 47.58
CA VAL G 95 -2.90 -21.16 47.23
C VAL G 95 -2.62 -20.50 45.89
N LEU G 96 -1.40 -20.01 45.69
CA LEU G 96 -1.09 -19.38 44.42
C LEU G 96 -1.44 -20.32 43.28
N PHE G 97 -1.03 -21.58 43.41
CA PHE G 97 -1.26 -22.60 42.41
C PHE G 97 -2.76 -22.71 42.11
N SER G 98 -3.54 -22.97 43.15
CA SER G 98 -4.98 -23.10 42.96
C SER G 98 -5.64 -21.85 42.38
N LEU G 99 -5.26 -20.66 42.85
CA LEU G 99 -5.86 -19.43 42.33
C LEU G 99 -5.57 -19.32 40.86
N GLY G 100 -4.29 -19.36 40.49
CA GLY G 100 -3.91 -19.28 39.09
C GLY G 100 -4.72 -20.31 38.29
N GLY G 101 -4.90 -21.48 38.88
CA GLY G 101 -5.66 -22.52 38.24
C GLY G 101 -7.04 -22.02 37.86
N SER G 102 -7.73 -21.42 38.81
CA SER G 102 -9.08 -20.91 38.58
C SER G 102 -9.18 -20.05 37.32
N PHE G 103 -8.17 -19.23 37.08
CA PHE G 103 -8.20 -18.39 35.89
C PHE G 103 -8.04 -19.22 34.62
N LEU G 104 -7.12 -20.20 34.65
CA LEU G 104 -6.91 -21.04 33.48
C LEU G 104 -8.19 -21.81 33.16
N TYR G 105 -8.84 -22.35 34.18
CA TYR G 105 -10.07 -23.09 33.98
C TYR G 105 -11.20 -22.23 33.41
N TYR G 106 -11.38 -21.05 33.98
CA TYR G 106 -12.47 -20.20 33.53
C TYR G 106 -12.15 -19.23 32.41
N ALA G 107 -10.88 -19.15 32.05
CA ALA G 107 -10.48 -18.23 30.99
C ALA G 107 -11.43 -18.22 29.81
N ASP G 108 -11.95 -19.38 29.45
CA ASP G 108 -12.81 -19.43 28.29
C ASP G 108 -14.23 -18.99 28.59
N ARG G 109 -14.77 -19.31 29.76
CA ARG G 109 -16.12 -18.83 30.02
C ARG G 109 -16.13 -17.32 30.20
N PHE G 110 -14.97 -16.75 30.52
CA PHE G 110 -14.87 -15.31 30.69
C PHE G 110 -15.12 -14.60 29.38
N LYS G 111 -15.09 -15.35 28.28
CA LYS G 111 -15.31 -14.74 26.97
C LYS G 111 -16.78 -14.37 26.87
N LEU G 112 -17.59 -14.92 27.76
CA LEU G 112 -19.02 -14.61 27.75
C LEU G 112 -19.24 -13.12 28.02
N TYR G 113 -18.21 -12.46 28.53
CA TYR G 113 -18.30 -11.05 28.83
C TYR G 113 -18.45 -10.22 27.57
N SER G 114 -17.87 -10.68 26.47
CA SER G 114 -17.97 -9.94 25.23
C SER G 114 -19.44 -9.78 24.85
N ALA G 115 -20.29 -10.66 25.36
CA ALA G 115 -21.72 -10.57 25.08
C ALA G 115 -22.23 -9.31 25.76
N PHE G 116 -21.96 -9.23 27.06
CA PHE G 116 -22.37 -8.10 27.88
C PHE G 116 -21.82 -6.81 27.31
N CYS G 117 -20.52 -6.76 27.05
CA CYS G 117 -19.92 -5.54 26.51
C CYS G 117 -20.60 -5.08 25.23
N ALA G 118 -21.11 -6.02 24.45
CA ALA G 118 -21.75 -5.65 23.20
C ALA G 118 -23.11 -5.01 23.48
N SER G 119 -23.88 -5.61 24.37
CA SER G 119 -25.17 -5.03 24.66
C SER G 119 -25.07 -3.72 25.45
N HIS G 120 -24.01 -3.58 26.25
CA HIS G 120 -23.84 -2.38 27.05
C HIS G 120 -23.79 -1.17 26.14
N THR G 121 -23.56 -1.41 24.87
CA THR G 121 -23.53 -0.32 23.90
C THR G 121 -24.90 0.37 23.87
N LYS G 122 -25.97 -0.42 24.04
CA LYS G 122 -27.32 0.08 24.04
C LYS G 122 -27.79 0.62 25.39
N VAL G 123 -27.08 0.30 26.47
CA VAL G 123 -27.48 0.75 27.79
C VAL G 123 -27.76 2.24 27.93
N PRO G 124 -26.81 3.10 27.53
CA PRO G 124 -27.00 4.54 27.61
C PRO G 124 -28.32 5.03 27.03
N LYS G 125 -28.56 4.75 25.76
CA LYS G 125 -29.80 5.17 25.11
C LYS G 125 -31.06 4.74 25.86
N VAL G 126 -31.04 3.54 26.44
CA VAL G 126 -32.20 3.07 27.18
C VAL G 126 -32.38 3.81 28.50
N LEU G 127 -31.32 3.94 29.28
CA LEU G 127 -31.44 4.62 30.56
C LEU G 127 -31.80 6.09 30.41
N VAL G 128 -31.46 6.68 29.28
CA VAL G 128 -31.77 8.09 29.06
C VAL G 128 -33.26 8.24 28.75
N LYS G 129 -34.03 7.23 29.14
CA LYS G 129 -35.47 7.24 28.94
C LYS G 129 -36.09 7.63 30.28
N ALA G 130 -35.32 7.51 31.35
CA ALA G 130 -35.78 7.88 32.68
C ALA G 130 -35.93 9.39 32.67
N LYS G 131 -35.05 10.05 31.95
CA LYS G 131 -35.07 11.50 31.81
C LYS G 131 -36.40 11.92 31.18
N THR G 132 -37.05 10.95 30.53
CA THR G 132 -38.31 11.18 29.85
C THR G 132 -39.52 10.75 30.67
N ASP G 133 -39.67 9.45 30.89
CA ASP G 133 -40.81 8.93 31.64
C ASP G 133 -40.68 9.09 33.16
N THR G 134 -41.32 10.13 33.69
CA THR G 134 -41.29 10.40 35.12
C THR G 134 -41.58 9.12 35.90
N ALA G 135 -42.46 8.28 35.37
CA ALA G 135 -42.82 7.03 36.02
C ALA G 135 -41.59 6.15 36.22
N PHE G 136 -40.82 5.94 35.14
CA PHE G 136 -39.62 5.13 35.17
C PHE G 136 -38.61 5.75 36.15
N LYS G 137 -38.28 7.02 35.92
CA LYS G 137 -37.36 7.74 36.78
C LYS G 137 -37.75 7.49 38.23
N ALA G 138 -39.04 7.47 38.49
CA ALA G 138 -39.55 7.24 39.82
C ALA G 138 -39.12 5.89 40.37
N PHE G 139 -39.32 4.85 39.57
CA PHE G 139 -38.97 3.48 39.93
C PHE G 139 -37.50 3.37 40.32
N LEU G 140 -36.63 3.86 39.45
CA LEU G 140 -35.21 3.80 39.70
C LEU G 140 -34.82 4.42 41.02
N ASP G 141 -35.31 5.64 41.28
CA ASP G 141 -34.98 6.31 42.53
C ASP G 141 -35.45 5.48 43.70
N ALA G 142 -36.65 4.92 43.59
CA ALA G 142 -37.21 4.09 44.64
C ALA G 142 -36.27 2.92 44.98
N GLN G 143 -35.63 2.36 43.96
CA GLN G 143 -34.74 1.24 44.16
C GLN G 143 -33.38 1.68 44.71
N ASN G 144 -33.07 2.96 44.61
CA ASN G 144 -31.81 3.51 45.10
C ASN G 144 -32.19 4.50 46.21
N PRO G 145 -32.60 3.98 47.37
CA PRO G 145 -32.98 4.82 48.51
C PRO G 145 -31.89 5.77 48.98
N ARG G 146 -30.70 5.22 49.16
CA ARG G 146 -29.55 6.00 49.62
C ARG G 146 -29.25 7.21 48.73
N GLN G 147 -29.95 7.36 47.61
CA GLN G 147 -29.69 8.48 46.72
C GLN G 147 -28.20 8.56 46.42
N GLN G 148 -27.60 7.40 46.25
CA GLN G 148 -26.17 7.31 45.98
C GLN G 148 -25.89 6.90 44.53
N HIS G 149 -25.09 7.70 43.82
CA HIS G 149 -24.74 7.42 42.43
C HIS G 149 -24.13 6.03 42.27
N SER G 150 -23.22 5.69 43.16
CA SER G 150 -22.58 4.40 43.12
C SER G 150 -23.60 3.27 43.26
N SER G 151 -24.87 3.62 43.44
CA SER G 151 -25.92 2.61 43.61
C SER G 151 -26.98 2.75 42.52
N THR G 152 -26.74 3.63 41.56
CA THR G 152 -27.68 3.80 40.48
C THR G 152 -27.57 2.59 39.58
N LEU G 153 -28.50 2.45 38.63
CA LEU G 153 -28.46 1.32 37.74
C LEU G 153 -27.22 1.38 36.85
N GLU G 154 -26.81 2.58 36.46
CA GLU G 154 -25.65 2.72 35.58
C GLU G 154 -24.37 2.26 36.28
N SER G 155 -24.31 2.45 37.57
CA SER G 155 -23.14 2.06 38.32
C SER G 155 -22.97 0.55 38.40
N TYR G 156 -24.09 -0.19 38.41
CA TYR G 156 -24.00 -1.64 38.46
C TYR G 156 -23.66 -2.23 37.10
N LEU G 157 -24.39 -1.80 36.08
CA LEU G 157 -24.17 -2.28 34.72
C LEU G 157 -22.80 -2.01 34.13
N ILE G 158 -21.91 -1.32 34.85
CA ILE G 158 -20.59 -1.07 34.29
C ILE G 158 -19.58 -1.98 35.00
N LYS G 159 -19.98 -2.45 36.17
CA LYS G 159 -19.12 -3.30 36.96
C LYS G 159 -18.51 -4.52 36.26
N PRO G 160 -19.31 -5.28 35.50
CA PRO G 160 -18.78 -6.47 34.79
C PRO G 160 -17.60 -6.11 33.89
N ILE G 161 -17.78 -5.06 33.11
CA ILE G 161 -16.77 -4.55 32.20
C ILE G 161 -15.51 -4.11 32.91
N GLN G 162 -15.66 -3.69 34.16
CA GLN G 162 -14.54 -3.24 34.96
C GLN G 162 -13.84 -4.42 35.61
N ARG G 163 -14.61 -5.36 36.12
CA ARG G 163 -14.11 -6.53 36.82
C ARG G 163 -13.15 -7.43 36.03
N VAL G 164 -13.53 -7.86 34.82
CA VAL G 164 -12.62 -8.72 34.06
C VAL G 164 -11.28 -8.05 33.88
N LEU G 165 -11.31 -6.80 33.46
CA LEU G 165 -10.08 -6.04 33.23
C LEU G 165 -9.19 -5.77 34.47
N LYS G 166 -9.70 -6.05 35.67
CA LYS G 166 -8.95 -5.86 36.90
C LYS G 166 -8.09 -7.10 37.16
N TYR G 167 -8.59 -8.25 36.73
CA TYR G 167 -7.90 -9.51 36.95
C TYR G 167 -6.41 -9.52 36.57
N PRO G 168 -6.06 -9.16 35.35
CA PRO G 168 -4.65 -9.17 35.03
C PRO G 168 -3.83 -8.26 35.96
N LEU G 169 -4.41 -7.17 36.45
CA LEU G 169 -3.69 -6.27 37.35
C LEU G 169 -3.37 -6.96 38.67
N LEU G 170 -4.36 -7.64 39.24
CA LEU G 170 -4.17 -8.36 40.49
C LEU G 170 -3.11 -9.44 40.31
N LEU G 171 -3.16 -10.13 39.18
CA LEU G 171 -2.22 -11.20 38.92
C LEU G 171 -0.81 -10.66 38.77
N ARG G 172 -0.63 -9.55 38.07
CA ARG G 172 0.71 -9.02 37.92
C ARG G 172 1.31 -8.64 39.28
N GLU G 173 0.46 -8.39 40.26
CA GLU G 173 0.97 -8.03 41.56
C GLU G 173 1.48 -9.26 42.28
N LEU G 174 0.73 -10.37 42.21
CA LEU G 174 1.17 -11.60 42.84
C LEU G 174 2.47 -11.97 42.15
N PHE G 175 2.49 -11.75 40.85
CA PHE G 175 3.66 -12.07 40.04
C PHE G 175 4.91 -11.38 40.54
N ALA G 176 4.78 -10.10 40.86
CA ALA G 176 5.92 -9.30 41.33
C ALA G 176 6.47 -9.69 42.70
N LEU G 177 5.67 -10.40 43.48
CA LEU G 177 6.09 -10.82 44.80
C LEU G 177 6.64 -12.22 44.84
N THR G 178 6.88 -12.82 43.68
CA THR G 178 7.40 -14.19 43.63
C THR G 178 8.76 -14.21 42.97
N ASP G 179 9.65 -15.04 43.51
CA ASP G 179 11.01 -15.17 43.01
C ASP G 179 11.01 -15.42 41.51
N ALA G 180 11.81 -14.63 40.79
CA ALA G 180 11.90 -14.72 39.34
C ALA G 180 12.34 -16.09 38.81
N GLU G 181 12.84 -16.95 39.68
CA GLU G 181 13.30 -18.26 39.25
C GLU G 181 12.39 -19.38 39.69
N SER G 182 11.38 -19.07 40.50
CA SER G 182 10.46 -20.10 40.99
C SER G 182 9.40 -20.55 40.00
N GLU G 183 8.74 -21.64 40.32
CA GLU G 183 7.69 -22.15 39.47
C GLU G 183 6.45 -21.30 39.72
N GLU G 184 6.25 -20.88 40.97
CA GLU G 184 5.11 -20.03 41.30
C GLU G 184 5.14 -18.87 40.32
N HIS G 185 6.33 -18.31 40.14
CA HIS G 185 6.53 -17.20 39.22
C HIS G 185 6.07 -17.62 37.82
N TYR G 186 6.69 -18.67 37.29
CA TYR G 186 6.36 -19.15 35.97
C TYR G 186 4.86 -19.46 35.82
N HIS G 187 4.26 -20.03 36.84
CA HIS G 187 2.83 -20.35 36.75
C HIS G 187 2.00 -19.07 36.59
N LEU G 188 2.21 -18.10 37.47
CA LEU G 188 1.50 -16.83 37.40
C LEU G 188 1.69 -16.23 36.02
N ASP G 189 2.91 -16.28 35.51
CA ASP G 189 3.14 -15.71 34.19
C ASP G 189 2.22 -16.36 33.17
N VAL G 190 1.93 -17.64 33.35
CA VAL G 190 1.04 -18.38 32.45
C VAL G 190 -0.39 -17.85 32.65
N ALA G 191 -0.77 -17.66 33.91
CA ALA G 191 -2.08 -17.14 34.27
C ALA G 191 -2.30 -15.74 33.70
N ILE G 192 -1.26 -14.93 33.73
CA ILE G 192 -1.38 -13.57 33.24
C ILE G 192 -1.60 -13.58 31.74
N LYS G 193 -0.68 -14.20 30.99
CA LYS G 193 -0.81 -14.27 29.54
C LYS G 193 -2.21 -14.71 29.14
N THR G 194 -2.75 -15.70 29.85
CA THR G 194 -4.08 -16.20 29.57
C THR G 194 -5.13 -15.09 29.68
N MSE G 195 -5.28 -14.54 30.89
CA MSE G 195 -6.25 -13.47 31.11
C MSE G 195 -6.05 -12.28 30.16
O MSE G 195 -7.03 -11.71 29.66
CB MSE G 195 -6.22 -13.04 32.57
CG MSE G 195 -6.72 -14.13 33.52
SE MSE G 195 -8.35 -14.80 33.05
CE MSE G 195 -9.26 -13.28 32.81
N ASN G 196 -4.81 -11.89 29.89
CA ASN G 196 -4.63 -10.80 28.94
C ASN G 196 -5.32 -11.20 27.63
N LYS G 197 -5.12 -12.43 27.20
CA LYS G 197 -5.76 -12.88 25.97
C LYS G 197 -7.29 -12.78 26.09
N VAL G 198 -7.83 -13.16 27.25
CA VAL G 198 -9.25 -13.03 27.45
C VAL G 198 -9.63 -11.56 27.22
N ALA G 199 -8.92 -10.67 27.90
CA ALA G 199 -9.20 -9.25 27.78
C ALA G 199 -9.12 -8.83 26.32
N SER G 200 -7.99 -9.15 25.71
CA SER G 200 -7.77 -8.80 24.32
C SER G 200 -8.85 -9.39 23.43
N HIS G 201 -9.32 -10.58 23.77
CA HIS G 201 -10.36 -11.19 22.98
C HIS G 201 -11.67 -10.41 23.12
N ILE G 202 -12.01 -10.01 24.36
CA ILE G 202 -13.23 -9.24 24.59
C ILE G 202 -13.14 -7.97 23.73
N ASN G 203 -11.97 -7.35 23.72
CA ASN G 203 -11.81 -6.12 22.95
C ASN G 203 -12.00 -6.35 21.46
N GLU G 204 -11.39 -7.41 20.93
CA GLU G 204 -11.54 -7.70 19.51
C GLU G 204 -13.03 -7.94 19.19
N MSE G 205 -13.70 -8.72 20.02
CA MSE G 205 -15.11 -8.97 19.79
C MSE G 205 -15.88 -7.67 19.75
O MSE G 205 -16.79 -7.53 18.93
CB MSE G 205 -15.70 -9.87 20.89
CG MSE G 205 -15.22 -11.33 20.86
SE MSE G 205 -15.60 -12.29 19.35
CE MSE G 205 -14.44 -11.65 18.22
N GLN G 206 -15.52 -6.73 20.61
CA GLN G 206 -16.22 -5.45 20.65
C GLN G 206 -15.98 -4.67 19.38
N LYS G 207 -14.76 -4.72 18.87
CA LYS G 207 -14.46 -4.03 17.64
C LYS G 207 -15.35 -4.55 16.51
N ILE G 208 -15.58 -5.86 16.49
CA ILE G 208 -16.42 -6.45 15.46
C ILE G 208 -17.87 -5.98 15.66
N HIS G 209 -18.36 -6.10 16.90
CA HIS G 209 -19.71 -5.66 17.20
C HIS G 209 -19.94 -4.21 16.80
N GLU G 210 -18.93 -3.38 16.97
CA GLU G 210 -19.08 -1.98 16.60
C GLU G 210 -19.33 -1.84 15.11
N GLU G 211 -18.66 -2.65 14.31
CA GLU G 211 -18.81 -2.56 12.87
C GLU G 211 -19.97 -3.33 12.24
N PHE G 212 -20.31 -4.50 12.76
CA PHE G 212 -21.41 -5.26 12.18
C PHE G 212 -22.63 -5.43 13.09
N GLY G 213 -22.54 -4.86 14.28
CA GLY G 213 -23.63 -4.97 15.25
C GLY G 213 -24.96 -4.54 14.70
N ALA G 214 -24.98 -3.38 14.05
CA ALA G 214 -26.20 -2.84 13.47
C ALA G 214 -26.86 -3.88 12.59
N VAL G 215 -26.11 -4.38 11.60
CA VAL G 215 -26.60 -5.41 10.69
C VAL G 215 -27.05 -6.66 11.43
N PHE G 216 -26.22 -7.14 12.34
CA PHE G 216 -26.58 -8.33 13.10
C PHE G 216 -27.93 -8.13 13.78
N ASP G 217 -28.20 -6.92 14.26
CA ASP G 217 -29.47 -6.62 14.92
C ASP G 217 -30.63 -6.66 13.93
N GLN G 218 -30.46 -6.02 12.79
CA GLN G 218 -31.50 -6.03 11.77
C GLN G 218 -31.83 -7.47 11.35
N LEU G 219 -30.83 -8.35 11.31
CA LEU G 219 -31.08 -9.73 10.93
C LEU G 219 -31.85 -10.47 11.99
N ILE G 220 -31.52 -10.25 13.26
CA ILE G 220 -32.26 -10.93 14.33
C ILE G 220 -33.71 -10.47 14.30
N ALA G 221 -33.92 -9.16 14.32
CA ALA G 221 -35.26 -8.60 14.23
C ALA G 221 -35.54 -8.76 12.74
N GLU G 222 -36.65 -8.21 12.24
CA GLU G 222 -36.89 -8.32 10.80
C GLU G 222 -36.94 -9.79 10.35
N GLN G 223 -36.81 -10.70 11.29
CA GLN G 223 -36.79 -12.11 10.94
C GLN G 223 -38.06 -12.51 10.20
N THR G 224 -37.98 -12.35 8.88
CA THR G 224 -39.04 -12.63 7.91
C THR G 224 -40.28 -13.36 8.40
N GLY G 225 -41.22 -12.62 8.98
CA GLY G 225 -42.45 -13.21 9.47
C GLY G 225 -42.19 -14.25 10.54
N GLU G 226 -41.01 -14.86 10.50
CA GLU G 226 -40.64 -15.87 11.46
C GLU G 226 -40.81 -15.29 12.86
N LYS G 227 -41.10 -16.16 13.81
CA LYS G 227 -41.31 -15.75 15.19
C LYS G 227 -40.03 -15.97 15.98
N LYS G 228 -38.94 -15.43 15.46
CA LYS G 228 -37.62 -15.54 16.08
C LYS G 228 -37.15 -16.99 16.09
N GLU G 229 -36.62 -17.43 14.96
CA GLU G 229 -36.12 -18.79 14.83
C GLU G 229 -34.70 -18.83 15.41
N VAL G 230 -34.01 -17.69 15.29
CA VAL G 230 -32.64 -17.55 15.80
C VAL G 230 -32.61 -16.70 17.07
N ALA G 231 -32.96 -15.42 16.89
CA ALA G 231 -33.00 -14.45 17.99
C ALA G 231 -31.80 -14.53 18.95
N ASP G 232 -30.62 -14.08 18.49
CA ASP G 232 -29.37 -14.08 19.27
C ASP G 232 -28.10 -14.12 18.43
N LEU G 233 -27.42 -13.02 18.19
CA LEU G 233 -26.16 -13.24 17.44
C LEU G 233 -25.15 -12.60 18.37
N SER G 234 -24.97 -13.19 19.55
CA SER G 234 -24.09 -12.58 20.55
C SER G 234 -22.64 -12.79 20.20
N MSE G 235 -21.82 -11.80 20.54
CA MSE G 235 -20.40 -11.88 20.28
C MSE G 235 -19.79 -12.95 21.17
O MSE G 235 -18.61 -13.25 21.10
CB MSE G 235 -19.78 -10.52 20.55
CG MSE G 235 -20.48 -9.43 19.79
SE MSE G 235 -20.48 -9.73 18.04
CE MSE G 235 -18.75 -9.63 17.65
N GLY G 236 -20.63 -13.52 22.03
CA GLY G 236 -20.16 -14.58 22.90
C GLY G 236 -20.19 -15.88 22.16
N ASP G 237 -20.87 -15.92 21.02
CA ASP G 237 -20.94 -17.14 20.24
C ASP G 237 -20.30 -17.05 18.86
N LEU G 238 -19.50 -16.01 18.62
CA LEU G 238 -18.84 -15.89 17.33
C LEU G 238 -17.63 -16.81 17.37
N LEU G 239 -17.65 -17.86 16.56
CA LEU G 239 -16.57 -18.83 16.53
C LEU G 239 -15.50 -18.46 15.53
N LEU G 240 -15.89 -17.84 14.44
CA LEU G 240 -14.92 -17.47 13.44
C LEU G 240 -15.51 -16.46 12.48
N HIS G 241 -14.66 -15.57 11.99
CA HIS G 241 -15.10 -14.58 11.01
C HIS G 241 -13.99 -14.48 9.97
N THR G 242 -14.36 -14.39 8.71
CA THR G 242 -13.38 -14.27 7.64
C THR G 242 -13.99 -13.55 6.47
N SER G 243 -13.13 -13.13 5.57
CA SER G 243 -13.52 -12.44 4.36
C SER G 243 -13.42 -13.49 3.26
N VAL G 244 -14.46 -13.60 2.44
CA VAL G 244 -14.48 -14.60 1.39
C VAL G 244 -14.97 -13.94 0.11
N ILE G 245 -14.76 -14.60 -1.03
CA ILE G 245 -15.23 -14.04 -2.30
C ILE G 245 -16.50 -14.73 -2.79
N TRP G 246 -17.51 -13.94 -3.10
CA TRP G 246 -18.80 -14.44 -3.55
C TRP G 246 -18.75 -14.71 -5.04
N LEU G 247 -18.60 -15.99 -5.40
CA LEU G 247 -18.51 -16.39 -6.80
C LEU G 247 -19.82 -16.34 -7.57
N ASN G 248 -20.95 -16.59 -6.90
CA ASN G 248 -22.23 -16.58 -7.57
C ASN G 248 -23.17 -15.48 -7.06
N PRO G 249 -22.76 -14.22 -7.18
CA PRO G 249 -23.56 -13.07 -6.73
C PRO G 249 -24.76 -12.83 -7.63
N PRO G 250 -25.77 -12.12 -7.13
CA PRO G 250 -26.94 -11.84 -7.96
C PRO G 250 -26.48 -11.06 -9.19
N ALA G 251 -27.29 -11.09 -10.24
CA ALA G 251 -26.96 -10.43 -11.49
C ALA G 251 -26.64 -8.94 -11.34
N SER G 252 -27.33 -8.26 -10.44
CA SER G 252 -27.11 -6.84 -10.21
C SER G 252 -25.65 -6.57 -9.89
N LEU G 253 -25.18 -7.24 -8.84
CA LEU G 253 -23.81 -7.11 -8.36
C LEU G 253 -22.80 -7.75 -9.29
N GLY G 254 -22.96 -9.05 -9.52
CA GLY G 254 -22.05 -9.78 -10.38
C GLY G 254 -21.71 -9.12 -11.70
N LYS G 255 -22.68 -8.45 -12.30
CA LYS G 255 -22.47 -7.80 -13.58
C LYS G 255 -21.61 -6.54 -13.51
N TRP G 256 -21.23 -6.14 -12.30
CA TRP G 256 -20.40 -4.96 -12.14
C TRP G 256 -19.09 -5.26 -11.44
N LYS G 257 -19.10 -6.28 -10.59
CA LYS G 257 -17.91 -6.62 -9.85
C LYS G 257 -17.59 -8.09 -10.10
N LYS G 258 -16.51 -8.32 -10.82
CA LYS G 258 -16.03 -9.66 -11.14
C LYS G 258 -16.25 -10.62 -9.98
N GLU G 259 -15.64 -10.29 -8.85
CA GLU G 259 -15.75 -11.13 -7.67
C GLU G 259 -15.97 -10.35 -6.38
N PRO G 260 -17.25 -10.12 -6.03
CA PRO G 260 -17.65 -9.39 -4.83
C PRO G 260 -17.10 -10.11 -3.62
N GLU G 261 -16.89 -9.36 -2.54
CA GLU G 261 -16.35 -9.92 -1.31
C GLU G 261 -17.38 -9.82 -0.18
N LEU G 262 -17.50 -10.89 0.58
CA LEU G 262 -18.44 -10.91 1.69
C LEU G 262 -17.73 -11.12 3.01
N ALA G 263 -18.36 -10.69 4.09
CA ALA G 263 -17.78 -10.89 5.42
C ALA G 263 -18.59 -12.08 5.89
N ALA G 264 -17.90 -13.12 6.36
CA ALA G 264 -18.56 -14.30 6.83
C ALA G 264 -18.41 -14.41 8.32
N PHE G 265 -19.49 -14.77 9.00
CA PHE G 265 -19.45 -14.93 10.44
C PHE G 265 -20.10 -16.26 10.81
N VAL G 266 -19.39 -17.06 11.58
CA VAL G 266 -19.89 -18.34 12.02
C VAL G 266 -20.24 -18.24 13.50
N PHE G 267 -21.53 -18.08 13.80
CA PHE G 267 -21.97 -18.03 15.19
C PHE G 267 -22.51 -19.39 15.58
N LYS G 268 -22.51 -19.71 16.86
CA LYS G 268 -23.03 -20.99 17.30
C LYS G 268 -24.45 -21.18 16.82
N THR G 269 -25.15 -20.09 16.60
CA THR G 269 -26.54 -20.19 16.19
C THR G 269 -26.85 -19.89 14.74
N ALA G 270 -25.84 -19.52 13.97
CA ALA G 270 -26.08 -19.22 12.56
C ALA G 270 -24.85 -18.77 11.83
N VAL G 271 -24.96 -18.71 10.52
CA VAL G 271 -23.87 -18.25 9.68
C VAL G 271 -24.36 -16.97 9.04
N VAL G 272 -23.56 -15.92 9.12
CA VAL G 272 -23.98 -14.66 8.54
C VAL G 272 -23.04 -14.16 7.44
N LEU G 273 -23.63 -13.62 6.38
CA LEU G 273 -22.85 -13.09 5.28
C LEU G 273 -23.25 -11.62 5.08
N VAL G 274 -22.26 -10.75 4.98
CA VAL G 274 -22.55 -9.35 4.81
C VAL G 274 -21.69 -8.74 3.72
N TYR G 275 -22.30 -7.93 2.84
CA TYR G 275 -21.56 -7.25 1.79
C TYR G 275 -21.48 -5.78 2.21
N LYS G 276 -20.28 -5.23 2.23
CA LYS G 276 -20.06 -3.84 2.63
C LYS G 276 -19.29 -3.14 1.54
N ASP G 277 -19.57 -1.86 1.37
CA ASP G 277 -18.90 -1.06 0.37
C ASP G 277 -18.50 0.27 0.99
N GLY G 278 -17.44 0.90 0.50
CA GLY G 278 -17.05 2.16 1.10
C GLY G 278 -16.15 3.12 0.35
N SER G 279 -16.20 4.38 0.79
CA SER G 279 -15.40 5.46 0.21
C SER G 279 -14.34 5.90 1.22
N LYS G 280 -13.74 7.07 0.97
CA LYS G 280 -12.72 7.59 1.86
C LYS G 280 -13.23 8.85 2.55
N GLN G 281 -13.00 10.00 1.92
CA GLN G 281 -13.44 11.28 2.46
C GLN G 281 -13.72 12.26 1.32
N LYS G 282 -13.80 13.54 1.65
CA LYS G 282 -14.07 14.58 0.66
C LYS G 282 -15.38 14.31 -0.08
N LYS G 283 -16.47 14.85 0.47
CA LYS G 283 -17.79 14.68 -0.13
C LYS G 283 -18.45 16.03 -0.35
N LYS G 284 -18.29 16.57 -1.55
CA LYS G 284 -18.88 17.86 -1.90
C LYS G 284 -20.19 17.68 -2.66
N LEU G 285 -21.26 18.27 -2.13
CA LEU G 285 -22.57 18.17 -2.76
C LEU G 285 -23.11 19.55 -3.10
N VAL G 286 -23.38 19.77 -4.38
CA VAL G 286 -23.90 21.05 -4.85
C VAL G 286 -25.23 21.39 -4.18
N GLY G 287 -25.98 20.35 -3.81
CA GLY G 287 -27.26 20.57 -3.17
C GLY G 287 -28.33 21.07 -4.11
N SER G 288 -28.10 20.90 -5.41
CA SER G 288 -29.05 21.34 -6.42
C SER G 288 -29.61 20.15 -7.19
N HIS G 289 -30.46 20.44 -8.18
CA HIS G 289 -31.07 19.40 -9.00
C HIS G 289 -31.82 18.39 -8.14
N ARG G 290 -32.06 17.21 -8.70
CA ARG G 290 -32.77 16.16 -7.98
C ARG G 290 -31.85 15.42 -7.02
N LEU G 291 -30.65 15.95 -6.84
CA LEU G 291 -29.67 15.34 -5.95
C LEU G 291 -29.39 13.89 -6.35
N SER G 292 -28.85 13.12 -5.40
CA SER G 292 -28.54 11.72 -5.65
C SER G 292 -29.80 10.87 -5.63
N ILE G 293 -29.76 9.75 -6.35
CA ILE G 293 -30.90 8.84 -6.41
C ILE G 293 -31.03 8.04 -5.12
N TYR G 294 -29.89 7.77 -4.49
CA TYR G 294 -29.87 7.00 -3.24
C TYR G 294 -28.58 7.26 -2.48
N GLU G 295 -27.58 7.82 -3.16
CA GLU G 295 -26.30 8.13 -2.56
C GLU G 295 -25.73 6.91 -1.84
N GLU G 296 -25.96 6.84 -0.53
CA GLU G 296 -25.47 5.72 0.26
C GLU G 296 -26.06 5.71 1.68
N TRP G 297 -25.45 6.45 2.59
CA TRP G 297 -25.90 6.53 3.97
C TRP G 297 -25.79 5.19 4.71
N ASP G 298 -25.61 4.11 3.96
CA ASP G 298 -25.45 2.78 4.55
C ASP G 298 -24.65 1.83 3.69
N PRO G 299 -23.39 1.56 4.09
CA PRO G 299 -22.46 0.66 3.40
C PRO G 299 -22.89 -0.82 3.32
N PHE G 300 -23.71 -1.28 4.26
CA PHE G 300 -24.09 -2.68 4.25
C PHE G 300 -25.17 -3.05 3.24
N ARG G 301 -24.75 -2.98 1.98
CA ARG G 301 -25.61 -3.25 0.84
C ARG G 301 -26.17 -4.65 0.61
N PHE G 302 -25.83 -5.62 1.46
CA PHE G 302 -26.36 -6.99 1.32
C PHE G 302 -26.16 -7.73 2.63
N ARG G 303 -27.22 -8.36 3.13
CA ARG G 303 -27.08 -9.09 4.38
C ARG G 303 -27.90 -10.38 4.30
N HIS G 304 -27.48 -11.42 5.05
CA HIS G 304 -28.21 -12.68 5.01
C HIS G 304 -27.80 -13.59 6.17
N MSE G 305 -28.78 -14.10 6.89
CA MSE G 305 -28.52 -14.97 8.02
C MSE G 305 -29.08 -16.37 7.82
O MSE G 305 -30.27 -16.54 7.61
CB MSE G 305 -29.12 -14.35 9.29
CG MSE G 305 -28.95 -15.23 10.54
SE MSE G 305 -29.75 -14.57 12.04
CE MSE G 305 -31.45 -14.46 11.52
N ILE G 306 -28.21 -17.36 7.92
CA ILE G 306 -28.62 -18.74 7.74
C ILE G 306 -28.59 -19.45 9.08
N PRO G 307 -29.78 -19.73 9.65
CA PRO G 307 -29.85 -20.41 10.94
C PRO G 307 -29.21 -21.78 10.86
N THR G 308 -28.67 -22.26 11.97
CA THR G 308 -28.02 -23.58 11.96
C THR G 308 -29.01 -24.66 11.55
N GLU G 309 -30.27 -24.47 11.91
CA GLU G 309 -31.32 -25.44 11.59
C GLU G 309 -31.50 -25.66 10.07
N ALA G 310 -31.14 -24.67 9.27
CA ALA G 310 -31.28 -24.76 7.82
C ALA G 310 -29.93 -24.56 7.11
N LEU G 311 -28.85 -24.74 7.86
CA LEU G 311 -27.52 -24.54 7.32
C LEU G 311 -26.88 -25.84 6.87
N GLN G 312 -26.61 -25.91 5.57
CA GLN G 312 -26.01 -27.11 4.97
C GLN G 312 -24.70 -26.65 4.32
N VAL G 313 -23.63 -27.43 4.52
CA VAL G 313 -22.33 -27.04 3.98
C VAL G 313 -21.51 -28.16 3.34
N ARG G 314 -21.16 -27.95 2.06
CA ARG G 314 -20.33 -28.92 1.34
C ARG G 314 -19.12 -28.24 0.69
N ALA G 315 -17.93 -28.76 0.99
CA ALA G 315 -16.68 -28.23 0.43
C ALA G 315 -16.57 -28.80 -0.99
N LEU G 316 -16.63 -27.91 -1.98
CA LEU G 316 -16.57 -28.33 -3.37
C LEU G 316 -15.31 -29.10 -3.76
N PRO G 317 -15.48 -30.22 -4.47
CA PRO G 317 -14.39 -31.09 -4.94
C PRO G 317 -13.60 -30.39 -6.05
N SER G 318 -12.28 -30.52 -6.04
CA SER G 318 -11.44 -29.90 -7.06
C SER G 318 -10.49 -30.90 -7.70
N ALA G 319 -10.12 -30.64 -8.95
CA ALA G 319 -9.20 -31.50 -9.67
C ALA G 319 -7.92 -31.58 -8.83
N ASP G 320 -7.38 -30.40 -8.52
CA ASP G 320 -6.17 -30.28 -7.70
C ASP G 320 -6.61 -29.97 -6.26
N ALA G 321 -7.46 -30.84 -5.71
CA ALA G 321 -7.97 -30.70 -4.35
C ALA G 321 -6.83 -30.55 -3.35
N GLU G 322 -7.18 -30.25 -2.09
CA GLU G 322 -6.20 -30.05 -1.02
C GLU G 322 -5.51 -28.71 -1.25
N ALA G 323 -5.88 -28.06 -2.35
CA ALA G 323 -5.34 -26.78 -2.73
C ALA G 323 -6.51 -25.84 -3.02
N ASN G 324 -7.68 -26.43 -3.24
CA ASN G 324 -8.90 -25.68 -3.51
C ASN G 324 -9.33 -24.92 -2.26
N ALA G 325 -9.76 -23.67 -2.45
CA ALA G 325 -10.21 -22.84 -1.33
C ALA G 325 -11.67 -22.51 -1.51
N VAL G 326 -12.37 -23.34 -2.28
CA VAL G 326 -13.78 -23.14 -2.55
C VAL G 326 -14.67 -24.11 -1.79
N CYS G 327 -15.88 -23.66 -1.48
CA CYS G 327 -16.87 -24.46 -0.77
C CYS G 327 -18.21 -23.73 -0.88
N GLU G 328 -19.29 -24.37 -0.44
CA GLU G 328 -20.57 -23.69 -0.53
C GLU G 328 -21.49 -23.86 0.67
N ILE G 329 -22.06 -22.73 1.07
CA ILE G 329 -22.98 -22.68 2.18
C ILE G 329 -24.37 -22.69 1.57
N VAL G 330 -25.24 -23.50 2.15
CA VAL G 330 -26.59 -23.63 1.64
C VAL G 330 -27.67 -23.32 2.67
N HIS G 331 -28.60 -22.46 2.28
CA HIS G 331 -29.70 -22.13 3.16
C HIS G 331 -30.83 -22.98 2.57
N VAL G 332 -30.97 -24.20 3.08
CA VAL G 332 -31.98 -25.14 2.60
C VAL G 332 -33.35 -24.50 2.42
N LYS G 333 -34.10 -25.09 1.47
CA LYS G 333 -35.46 -24.65 1.13
C LYS G 333 -36.46 -24.94 2.23
N SER G 334 -37.67 -24.44 2.05
CA SER G 334 -38.73 -24.66 3.02
C SER G 334 -40.07 -24.75 2.31
N GLU G 335 -40.59 -25.98 2.21
CA GLU G 335 -41.90 -26.23 1.57
C GLU G 335 -42.88 -25.28 2.23
N SER G 336 -43.06 -25.44 3.53
CA SER G 336 -43.93 -24.57 4.30
C SER G 336 -43.14 -23.26 4.33
N GLU G 337 -43.76 -22.16 4.74
CA GLU G 337 -43.03 -20.89 4.78
C GLU G 337 -42.77 -20.41 3.34
N GLY G 338 -42.68 -21.38 2.42
CA GLY G 338 -42.44 -21.08 1.02
C GLY G 338 -41.12 -20.36 0.77
N ARG G 339 -40.01 -21.02 1.10
CA ARG G 339 -38.69 -20.43 0.94
C ARG G 339 -37.78 -21.36 0.13
N PRO G 340 -37.31 -20.87 -1.03
CA PRO G 340 -36.43 -21.56 -1.97
C PRO G 340 -35.03 -21.82 -1.40
N GLU G 341 -34.32 -22.76 -2.02
CA GLU G 341 -32.97 -23.07 -1.57
C GLU G 341 -32.07 -21.90 -1.98
N ARG G 342 -31.11 -21.57 -1.11
CA ARG G 342 -30.18 -20.48 -1.37
C ARG G 342 -28.78 -21.07 -1.23
N VAL G 343 -27.98 -20.88 -2.26
CA VAL G 343 -26.62 -21.41 -2.25
C VAL G 343 -25.57 -20.34 -2.44
N PHE G 344 -24.53 -20.40 -1.62
CA PHE G 344 -23.45 -19.43 -1.72
C PHE G 344 -22.12 -20.12 -2.01
N HIS G 345 -21.55 -19.83 -3.17
CA HIS G 345 -20.25 -20.38 -3.53
C HIS G 345 -19.22 -19.40 -2.99
N LEU G 346 -18.50 -19.82 -1.95
CA LEU G 346 -17.53 -18.93 -1.34
C LEU G 346 -16.10 -19.40 -1.54
N CYS G 347 -15.23 -18.48 -1.94
CA CYS G 347 -13.84 -18.83 -2.10
C CYS G 347 -13.01 -18.16 -0.99
N CYS G 348 -12.50 -18.96 -0.07
CA CYS G 348 -11.68 -18.44 1.03
C CYS G 348 -10.36 -17.88 0.52
N SER G 349 -9.67 -17.12 1.36
CA SER G 349 -8.42 -16.49 0.99
C SER G 349 -7.25 -17.47 0.93
N SER G 350 -7.50 -18.70 1.36
CA SER G 350 -6.44 -19.71 1.37
C SER G 350 -6.98 -21.03 1.86
N PRO G 351 -6.30 -22.13 1.52
CA PRO G 351 -6.74 -23.45 1.95
C PRO G 351 -6.85 -23.56 3.47
N GLU G 352 -5.99 -22.85 4.18
CA GLU G 352 -6.01 -22.88 5.64
C GLU G 352 -7.31 -22.22 6.11
N SER G 353 -7.63 -21.10 5.48
CA SER G 353 -8.85 -20.37 5.81
C SER G 353 -10.05 -21.26 5.57
N ARG G 354 -10.07 -21.96 4.44
CA ARG G 354 -11.17 -22.87 4.11
C ARG G 354 -11.24 -23.97 5.18
N LYS G 355 -10.08 -24.51 5.51
CA LYS G 355 -9.98 -25.56 6.52
C LYS G 355 -10.68 -25.09 7.80
N ASP G 356 -10.23 -23.94 8.32
CA ASP G 356 -10.81 -23.37 9.53
C ASP G 356 -12.28 -23.02 9.40
N PHE G 357 -12.67 -22.46 8.26
CA PHE G 357 -14.05 -22.07 8.03
C PHE G 357 -14.98 -23.27 8.12
N LEU G 358 -14.70 -24.30 7.33
CA LEU G 358 -15.51 -25.51 7.33
C LEU G 358 -15.51 -26.19 8.70
N LYS G 359 -14.33 -26.28 9.30
CA LYS G 359 -14.21 -26.90 10.61
C LYS G 359 -15.20 -26.21 11.54
N SER G 360 -15.19 -24.89 11.49
CA SER G 360 -16.07 -24.07 12.29
C SER G 360 -17.54 -24.34 12.00
N VAL G 361 -17.90 -24.33 10.72
CA VAL G 361 -19.28 -24.58 10.35
C VAL G 361 -19.75 -25.96 10.77
N HIS G 362 -18.93 -26.97 10.52
CA HIS G 362 -19.30 -28.32 10.91
C HIS G 362 -19.55 -28.35 12.39
N SER G 363 -18.68 -27.65 13.13
CA SER G 363 -18.81 -27.58 14.58
C SER G 363 -20.20 -27.17 15.04
N ILE G 364 -20.75 -26.08 14.51
CA ILE G 364 -22.06 -25.66 14.95
C ILE G 364 -23.15 -26.64 14.54
N LEU G 365 -22.93 -27.33 13.43
CA LEU G 365 -23.90 -28.31 12.95
C LEU G 365 -23.83 -29.54 13.84
N ARG G 366 -22.62 -29.96 14.15
CA ARG G 366 -22.42 -31.11 15.02
C ARG G 366 -23.18 -30.89 16.32
N ASP G 367 -22.85 -29.82 17.04
CA ASP G 367 -23.49 -29.50 18.30
C ASP G 367 -25.01 -29.31 18.18
N LYS G 368 -25.46 -28.63 17.13
CA LYS G 368 -26.89 -28.41 16.94
C LYS G 368 -27.59 -29.76 16.79
N HIS G 369 -26.85 -30.75 16.31
CA HIS G 369 -27.38 -32.11 16.12
C HIS G 369 -27.02 -33.03 17.29
N ARG G 370 -25.72 -33.10 17.61
CA ARG G 370 -25.23 -33.94 18.70
C ARG G 370 -25.87 -33.53 20.04
N ARG G 371 -26.81 -32.59 19.99
CA ARG G 371 -27.48 -32.13 21.19
C ARG G 371 -29.01 -32.10 21.03
N GLN G 372 -29.49 -31.68 19.87
CA GLN G 372 -30.93 -31.61 19.62
C GLN G 372 -31.35 -32.40 18.37
N MET H 1 -31.23 14.28 44.89
CA MET H 1 -30.09 15.24 44.82
C MET H 1 -29.33 15.07 43.52
N GLN H 2 -28.68 16.13 43.06
CA GLN H 2 -27.94 16.09 41.81
C GLN H 2 -26.70 15.24 41.92
N ALA H 3 -26.46 14.38 40.92
CA ALA H 3 -25.30 13.52 40.90
C ALA H 3 -24.36 14.04 39.83
N ILE H 4 -23.05 13.90 40.03
CA ILE H 4 -22.11 14.38 39.03
C ILE H 4 -21.37 13.07 38.97
N LYS H 5 -21.05 12.56 37.78
CA LYS H 5 -20.32 11.26 37.68
C LYS H 5 -19.01 11.74 37.05
N CYS H 6 -17.91 11.42 37.73
CA CYS H 6 -16.58 11.81 37.30
C CYS H 6 -15.79 10.54 36.94
N VAL H 7 -15.19 10.54 35.75
CA VAL H 7 -14.42 9.42 35.28
C VAL H 7 -12.97 9.88 35.17
N VAL H 8 -12.08 9.22 35.90
CA VAL H 8 -10.66 9.54 35.87
C VAL H 8 -9.97 8.70 34.76
N VAL H 9 -9.33 9.35 33.81
CA VAL H 9 -8.67 8.58 32.74
C VAL H 9 -7.19 8.93 32.59
N GLY H 10 -6.49 8.19 31.74
CA GLY H 10 -5.07 8.44 31.49
C GLY H 10 -4.17 7.24 31.69
N ASP H 11 -2.98 7.32 31.08
CA ASP H 11 -1.98 6.25 31.16
C ASP H 11 -1.95 5.51 32.48
N GLY H 12 -1.60 4.23 32.44
CA GLY H 12 -1.51 3.44 33.66
C GLY H 12 -0.20 3.78 34.36
N ALA H 13 -0.16 3.54 35.68
CA ALA H 13 1.04 3.85 36.47
C ALA H 13 1.23 5.35 36.53
N VAL H 14 0.13 6.07 36.66
CA VAL H 14 0.15 7.51 36.73
C VAL H 14 -0.35 7.93 38.11
N GLY H 15 -1.02 7.02 38.79
CA GLY H 15 -1.51 7.34 40.11
C GLY H 15 -3.02 7.39 40.26
N LYS H 16 -3.76 7.23 39.17
CA LYS H 16 -5.22 7.28 39.23
C LYS H 16 -5.85 6.55 40.41
N THR H 17 -5.66 5.24 40.49
CA THR H 17 -6.26 4.51 41.58
C THR H 17 -5.82 5.01 42.94
N CYS H 18 -4.52 5.25 43.10
CA CYS H 18 -3.99 5.73 44.37
C CYS H 18 -4.65 7.05 44.73
N LEU H 19 -4.56 7.98 43.80
CA LEU H 19 -5.13 9.31 43.90
C LEU H 19 -6.58 9.24 44.40
N LEU H 20 -7.42 8.47 43.70
CA LEU H 20 -8.82 8.31 44.10
C LEU H 20 -8.96 7.70 45.48
N ILE H 21 -8.07 6.77 45.85
CA ILE H 21 -8.18 6.16 47.17
C ILE H 21 -7.80 7.19 48.23
N SER H 22 -6.64 7.80 48.01
CA SER H 22 -6.12 8.81 48.93
C SER H 22 -7.22 9.83 49.20
N TYR H 23 -7.80 10.37 48.14
CA TYR H 23 -8.89 11.34 48.28
C TYR H 23 -10.07 10.77 49.08
N THR H 24 -10.82 9.86 48.48
CA THR H 24 -11.98 9.28 49.17
C THR H 24 -11.72 8.68 50.54
N THR H 25 -10.46 8.40 50.85
CA THR H 25 -10.16 7.78 52.13
C THR H 25 -9.45 8.74 53.08
N ASN H 26 -9.10 9.92 52.55
CA ASN H 26 -8.42 10.96 53.33
C ASN H 26 -7.17 10.44 53.99
N ALA H 27 -6.48 9.54 53.29
CA ALA H 27 -5.26 8.96 53.84
C ALA H 27 -4.50 8.20 52.76
N PHE H 28 -3.23 8.53 52.59
CA PHE H 28 -2.43 7.83 51.59
C PHE H 28 -2.46 6.37 51.95
N PRO H 29 -2.62 5.50 50.94
CA PRO H 29 -2.67 4.06 51.18
C PRO H 29 -1.45 3.52 51.95
N GLY H 30 -0.26 3.97 51.57
CA GLY H 30 0.93 3.50 52.25
C GLY H 30 1.85 2.62 51.41
N GLU H 31 2.39 1.58 52.01
CA GLU H 31 3.28 0.69 51.29
C GLU H 31 2.47 -0.15 50.32
N TYR H 32 1.27 -0.57 50.73
CA TYR H 32 0.42 -1.35 49.86
C TYR H 32 -0.69 -0.50 49.23
N ILE H 33 -0.56 -0.23 47.95
CA ILE H 33 -1.56 0.56 47.24
C ILE H 33 -2.55 -0.37 46.55
N PRO H 34 -3.80 -0.41 47.01
CA PRO H 34 -4.80 -1.28 46.39
C PRO H 34 -4.90 -1.13 44.87
N THR H 35 -5.28 -2.21 44.22
CA THR H 35 -5.36 -2.21 42.76
C THR H 35 -6.77 -1.89 42.33
N VAL H 36 -7.70 -2.26 43.18
CA VAL H 36 -9.09 -2.04 42.88
C VAL H 36 -9.72 -0.87 43.64
N PHE H 37 -10.49 -0.08 42.92
CA PHE H 37 -11.20 1.05 43.46
C PHE H 37 -12.65 0.92 43.00
N ASP H 38 -13.51 0.41 43.85
CA ASP H 38 -14.92 0.29 43.51
C ASP H 38 -15.53 1.66 43.20
N ASN H 39 -16.65 1.67 42.48
CA ASN H 39 -17.32 2.91 42.14
C ASN H 39 -17.69 3.63 43.41
N TYR H 40 -17.22 4.87 43.53
CA TYR H 40 -17.43 5.69 44.72
C TYR H 40 -18.55 6.72 44.54
N SER H 41 -19.23 7.02 45.64
CA SER H 41 -20.29 8.00 45.62
C SER H 41 -20.42 8.64 46.98
N ALA H 42 -20.37 9.97 47.04
CA ALA H 42 -20.52 10.69 48.31
C ALA H 42 -21.11 12.08 48.13
N ASN H 43 -21.89 12.53 49.12
CA ASN H 43 -22.48 13.87 49.06
C ASN H 43 -21.38 14.90 49.31
N VAL H 44 -21.35 15.92 48.48
CA VAL H 44 -20.36 16.97 48.59
C VAL H 44 -20.99 18.33 48.34
N MET H 45 -20.58 19.33 49.11
CA MET H 45 -21.10 20.69 48.95
C MET H 45 -20.00 21.57 48.40
N VAL H 46 -20.30 22.30 47.35
CA VAL H 46 -19.33 23.18 46.72
C VAL H 46 -20.04 24.47 46.33
N ASP H 47 -19.52 25.59 46.83
CA ASP H 47 -20.13 26.88 46.56
C ASP H 47 -21.61 26.88 46.99
N GLY H 48 -21.89 26.30 48.14
CA GLY H 48 -23.24 26.25 48.65
C GLY H 48 -24.17 25.27 48.00
N LYS H 49 -23.76 24.71 46.86
CA LYS H 49 -24.60 23.75 46.15
C LYS H 49 -24.24 22.31 46.53
N PRO H 50 -25.23 21.53 46.97
CA PRO H 50 -25.04 20.13 47.36
C PRO H 50 -25.11 19.18 46.16
N VAL H 51 -24.17 18.24 46.08
CA VAL H 51 -24.16 17.26 44.98
C VAL H 51 -23.68 15.92 45.49
N ASN H 52 -24.00 14.87 44.73
CA ASN H 52 -23.55 13.53 45.07
C ASN H 52 -22.46 13.30 44.05
N LEU H 53 -21.20 13.33 44.50
CA LEU H 53 -20.07 13.13 43.59
C LEU H 53 -19.87 11.65 43.39
N GLY H 54 -19.85 11.22 42.12
CA GLY H 54 -19.64 9.83 41.77
C GLY H 54 -18.29 9.66 41.11
N LEU H 55 -17.49 8.73 41.61
CA LEU H 55 -16.16 8.53 41.02
C LEU H 55 -15.92 7.14 40.48
N TRP H 56 -15.49 7.08 39.23
CA TRP H 56 -15.19 5.81 38.55
C TRP H 56 -13.74 5.78 38.16
N ASP H 57 -13.04 4.73 38.58
CA ASP H 57 -11.64 4.53 38.22
C ASP H 57 -11.66 3.85 36.83
N THR H 58 -10.51 3.77 36.17
CA THR H 58 -10.46 3.09 34.89
C THR H 58 -9.21 2.22 34.75
N ALA H 59 -8.65 1.83 35.89
CA ALA H 59 -7.44 1.02 35.88
C ALA H 59 -7.70 -0.31 35.20
N GLY H 60 -6.75 -0.73 34.38
CA GLY H 60 -6.87 -2.00 33.71
C GLY H 60 -7.52 -1.96 32.34
N GLN H 61 -8.01 -0.78 31.94
CA GLN H 61 -8.64 -0.67 30.64
C GLN H 61 -7.97 0.30 29.71
N GLU H 62 -6.84 0.86 30.12
CA GLU H 62 -6.16 1.82 29.26
C GLU H 62 -5.61 1.25 27.97
N ASP H 63 -5.47 -0.07 27.88
CA ASP H 63 -4.96 -0.68 26.66
C ASP H 63 -6.04 -1.30 25.75
N TYR H 64 -7.29 -1.22 26.16
CA TYR H 64 -8.36 -1.77 25.35
C TYR H 64 -9.27 -0.67 24.79
N ASP H 65 -8.83 -0.12 23.66
CA ASP H 65 -9.48 0.97 22.96
C ASP H 65 -10.97 0.87 22.67
N ARG H 66 -11.55 -0.32 22.75
CA ARG H 66 -12.98 -0.48 22.48
C ARG H 66 -13.76 -0.74 23.75
N LEU H 67 -13.06 -1.10 24.81
CA LEU H 67 -13.74 -1.38 26.07
C LEU H 67 -13.67 -0.11 26.93
N ARG H 68 -12.53 0.54 26.84
CA ARG H 68 -12.20 1.76 27.54
C ARG H 68 -13.33 2.82 27.48
N PRO H 69 -13.85 3.13 26.27
CA PRO H 69 -14.91 4.13 26.12
C PRO H 69 -16.32 3.73 26.56
N LEU H 70 -16.48 2.52 27.07
CA LEU H 70 -17.79 2.08 27.53
C LEU H 70 -18.24 2.83 28.78
N SER H 71 -17.30 3.45 29.48
CA SER H 71 -17.61 4.20 30.69
C SER H 71 -17.86 5.68 30.42
N TYR H 72 -17.45 6.14 29.25
CA TYR H 72 -17.57 7.54 28.84
C TYR H 72 -18.95 8.17 28.76
N PRO H 73 -19.94 7.46 28.20
CA PRO H 73 -21.29 8.01 28.09
C PRO H 73 -21.88 8.47 29.40
N GLN H 74 -22.66 9.56 29.38
CA GLN H 74 -23.33 10.08 30.57
C GLN H 74 -22.38 10.55 31.68
N THR H 75 -21.20 11.02 31.29
CA THR H 75 -20.19 11.48 32.23
C THR H 75 -20.26 12.99 32.27
N ASP H 76 -20.15 13.57 33.46
CA ASP H 76 -20.22 15.02 33.59
C ASP H 76 -18.89 15.74 33.56
N VAL H 77 -17.86 15.10 34.09
CA VAL H 77 -16.51 15.66 34.09
C VAL H 77 -15.48 14.57 33.98
N PHE H 78 -14.46 14.84 33.18
CA PHE H 78 -13.36 13.91 33.03
C PHE H 78 -12.10 14.48 33.67
N LEU H 79 -11.38 13.62 34.39
CA LEU H 79 -10.09 14.01 34.95
C LEU H 79 -9.05 13.26 34.10
N ILE H 80 -8.44 13.95 33.15
CA ILE H 80 -7.39 13.34 32.34
C ILE H 80 -6.08 13.55 33.14
N CYS H 81 -5.59 12.46 33.73
CA CYS H 81 -4.36 12.51 34.53
C CYS H 81 -3.08 12.23 33.77
N PHE H 82 -1.94 12.48 34.41
CA PHE H 82 -0.59 12.19 33.87
C PHE H 82 0.42 12.48 34.96
N SER H 83 1.46 11.64 35.02
CA SER H 83 2.49 11.79 36.04
C SER H 83 3.41 12.93 35.69
N LEU H 84 3.64 13.82 36.66
CA LEU H 84 4.53 14.93 36.48
C LEU H 84 5.97 14.48 36.19
N VAL H 85 6.31 13.29 36.69
CA VAL H 85 7.64 12.76 36.46
C VAL H 85 7.68 11.71 35.35
N SER H 86 6.72 11.78 34.43
CA SER H 86 6.63 10.86 33.30
C SER H 86 6.27 11.57 32.01
N PRO H 87 7.25 12.16 31.34
CA PRO H 87 7.01 12.87 30.08
C PRO H 87 6.13 12.10 29.10
N ALA H 88 6.24 10.78 29.07
CA ALA H 88 5.45 9.97 28.16
C ALA H 88 3.95 10.03 28.47
N SER H 89 3.59 9.85 29.74
CA SER H 89 2.18 9.91 30.11
C SER H 89 1.66 11.31 29.78
N PHE H 90 2.56 12.28 29.82
CA PHE H 90 2.19 13.65 29.53
C PHE H 90 1.82 13.77 28.06
N GLU H 91 2.72 13.30 27.21
CA GLU H 91 2.50 13.37 25.77
C GLU H 91 1.22 12.65 25.35
N ASN H 92 0.84 11.60 26.06
CA ASN H 92 -0.37 10.88 25.72
C ASN H 92 -1.62 11.71 25.92
N VAL H 93 -1.51 12.76 26.73
CA VAL H 93 -2.66 13.60 26.96
C VAL H 93 -3.11 14.19 25.63
N ARG H 94 -2.18 14.65 24.82
CA ARG H 94 -2.57 15.22 23.56
C ARG H 94 -2.64 14.22 22.44
N ALA H 95 -1.89 13.13 22.57
CA ALA H 95 -1.85 12.13 21.51
C ALA H 95 -2.89 11.06 21.65
N LYS H 96 -3.33 10.81 22.88
CA LYS H 96 -4.32 9.77 23.08
C LYS H 96 -5.61 10.20 23.80
N TRP H 97 -5.51 10.42 25.10
CA TRP H 97 -6.64 10.76 25.94
C TRP H 97 -7.56 11.92 25.57
N TYR H 98 -7.00 13.09 25.32
CA TYR H 98 -7.86 14.20 24.96
C TYR H 98 -8.66 13.94 23.69
N PRO H 99 -7.99 13.57 22.61
CA PRO H 99 -8.71 13.31 21.35
C PRO H 99 -9.81 12.29 21.50
N GLU H 100 -9.55 11.27 22.30
CA GLU H 100 -10.52 10.24 22.50
C GLU H 100 -11.71 10.71 23.31
N VAL H 101 -11.46 11.33 24.47
CA VAL H 101 -12.54 11.81 25.32
C VAL H 101 -13.39 12.83 24.59
N ARG H 102 -12.77 13.71 23.82
CA ARG H 102 -13.50 14.74 23.11
C ARG H 102 -14.39 14.12 22.05
N HIS H 103 -13.87 13.13 21.36
CA HIS H 103 -14.62 12.47 20.30
C HIS H 103 -15.89 11.84 20.84
N HIS H 104 -15.79 11.20 22.00
CA HIS H 104 -16.92 10.54 22.62
C HIS H 104 -17.77 11.49 23.47
N CYS H 105 -17.17 12.60 23.86
CA CYS H 105 -17.86 13.55 24.72
C CYS H 105 -17.50 14.99 24.35
N PRO H 106 -18.07 15.47 23.26
CA PRO H 106 -17.87 16.81 22.70
C PRO H 106 -18.06 17.97 23.67
N ASN H 107 -19.04 17.85 24.56
CA ASN H 107 -19.36 18.91 25.49
C ASN H 107 -18.97 18.67 26.94
N THR H 108 -18.17 17.66 27.22
CA THR H 108 -17.84 17.43 28.59
C THR H 108 -16.57 18.12 29.08
N PRO H 109 -16.68 18.89 30.16
CA PRO H 109 -15.56 19.61 30.72
C PRO H 109 -14.41 18.62 31.12
N ILE H 110 -13.20 19.10 30.92
CA ILE H 110 -12.02 18.32 31.22
C ILE H 110 -11.04 19.01 32.19
N ILE H 111 -10.82 18.40 33.34
CA ILE H 111 -9.79 18.93 34.23
C ILE H 111 -8.47 18.16 33.91
N LEU H 112 -7.40 18.89 33.60
CA LEU H 112 -6.12 18.24 33.35
C LEU H 112 -5.33 18.13 34.66
N VAL H 113 -5.38 16.98 35.33
CA VAL H 113 -4.66 16.75 36.58
C VAL H 113 -3.21 16.20 36.44
N GLY H 114 -2.26 16.87 37.07
CA GLY H 114 -0.86 16.46 37.04
C GLY H 114 -0.65 15.71 38.35
N THR H 115 -0.17 14.47 38.29
CA THR H 115 0.01 13.70 39.51
C THR H 115 1.47 13.50 39.89
N LYS H 116 1.66 12.86 41.05
CA LYS H 116 3.01 12.56 41.54
C LYS H 116 3.81 13.83 41.76
N LEU H 117 3.13 14.91 42.17
CA LEU H 117 3.76 16.20 42.42
C LEU H 117 4.96 16.10 43.33
N ASP H 118 4.80 15.39 44.44
CA ASP H 118 5.88 15.19 45.40
C ASP H 118 7.18 14.58 44.85
N LEU H 119 7.14 13.91 43.70
CA LEU H 119 8.35 13.33 43.14
C LEU H 119 9.01 14.26 42.15
N ARG H 120 8.40 15.41 41.92
CA ARG H 120 8.92 16.38 40.95
C ARG H 120 10.24 17.02 41.33
N ASP H 121 10.45 17.24 42.62
CA ASP H 121 11.68 17.83 43.14
C ASP H 121 12.37 16.84 44.06
N ASP H 122 12.37 15.58 43.64
CA ASP H 122 12.99 14.49 44.39
C ASP H 122 14.32 14.22 43.69
N LYS H 123 15.41 14.25 44.45
CA LYS H 123 16.74 14.02 43.88
C LYS H 123 16.82 12.74 43.07
N ASP H 124 16.48 11.61 43.69
CA ASP H 124 16.54 10.32 43.02
C ASP H 124 15.71 10.33 41.74
N THR H 125 14.46 10.80 41.83
CA THR H 125 13.61 10.86 40.66
C THR H 125 14.23 11.69 39.56
N ILE H 126 14.69 12.89 39.90
CA ILE H 126 15.30 13.78 38.92
C ILE H 126 16.55 13.22 38.25
N GLU H 127 17.32 12.43 39.00
CA GLU H 127 18.53 11.82 38.44
C GLU H 127 18.13 10.67 37.52
N LYS H 128 17.19 9.85 37.97
CA LYS H 128 16.70 8.74 37.18
C LYS H 128 16.25 9.27 35.81
N LEU H 129 15.51 10.39 35.81
CA LEU H 129 15.04 10.96 34.55
C LEU H 129 16.20 11.55 33.75
N LYS H 130 17.17 12.09 34.45
CA LYS H 130 18.33 12.69 33.83
C LYS H 130 19.14 11.60 33.09
N GLU H 131 19.16 10.40 33.66
CA GLU H 131 19.87 9.28 33.06
C GLU H 131 19.23 8.90 31.72
N LYS H 132 17.97 9.29 31.54
CA LYS H 132 17.22 9.00 30.32
C LYS H 132 17.03 10.26 29.50
N LYS H 133 17.89 11.24 29.73
CA LYS H 133 17.78 12.53 29.03
C LYS H 133 16.34 13.06 29.16
N LEU H 134 15.79 13.04 30.37
CA LEU H 134 14.44 13.54 30.59
C LEU H 134 14.37 14.53 31.75
N THR H 135 13.24 15.21 31.83
CA THR H 135 13.00 16.20 32.87
C THR H 135 11.55 16.17 33.25
N PRO H 136 11.24 16.39 34.54
CA PRO H 136 9.83 16.39 34.95
C PRO H 136 9.03 17.47 34.22
N ILE H 137 7.71 17.37 34.23
CA ILE H 137 6.93 18.39 33.57
C ILE H 137 6.71 19.54 34.55
N THR H 138 7.00 20.76 34.09
CA THR H 138 6.84 21.93 34.92
C THR H 138 5.43 22.48 34.81
N TYR H 139 5.00 23.18 35.85
CA TYR H 139 3.67 23.78 35.91
C TYR H 139 3.35 24.56 34.64
N PRO H 140 4.28 25.42 34.20
CA PRO H 140 4.00 26.16 32.97
C PRO H 140 3.69 25.24 31.80
N GLN H 141 4.31 24.06 31.78
CA GLN H 141 4.08 23.14 30.67
C GLN H 141 2.70 22.53 30.84
N GLY H 142 2.39 22.10 32.05
CA GLY H 142 1.09 21.52 32.30
C GLY H 142 -0.01 22.50 31.92
N LEU H 143 0.18 23.75 32.28
CA LEU H 143 -0.80 24.78 32.00
C LEU H 143 -1.00 24.93 30.50
N ALA H 144 0.09 24.95 29.77
CA ALA H 144 0.02 25.09 28.33
C ALA H 144 -0.76 23.92 27.72
N MET H 145 -0.48 22.71 28.18
CA MET H 145 -1.15 21.52 27.67
C MET H 145 -2.63 21.70 27.92
N ALA H 146 -2.96 22.06 29.15
CA ALA H 146 -4.35 22.28 29.54
C ALA H 146 -5.01 23.31 28.61
N LYS H 147 -4.26 24.34 28.24
CA LYS H 147 -4.79 25.35 27.36
C LYS H 147 -4.95 24.78 25.96
N GLU H 148 -4.00 23.98 25.53
CA GLU H 148 -4.04 23.39 24.19
C GLU H 148 -5.27 22.53 23.97
N ILE H 149 -5.59 21.67 24.93
CA ILE H 149 -6.75 20.79 24.81
C ILE H 149 -8.02 21.45 25.33
N GLY H 150 -7.92 22.73 25.67
CA GLY H 150 -9.09 23.41 26.19
C GLY H 150 -9.64 22.85 27.49
N ALA H 151 -8.78 22.49 28.41
CA ALA H 151 -9.25 21.97 29.70
C ALA H 151 -9.83 23.15 30.48
N VAL H 152 -10.73 22.86 31.40
CA VAL H 152 -11.37 23.87 32.21
C VAL H 152 -10.41 24.37 33.28
N LYS H 153 -9.54 23.48 33.74
CA LYS H 153 -8.57 23.79 34.77
C LYS H 153 -7.37 22.88 34.66
N TYR H 154 -6.23 23.35 35.13
CA TYR H 154 -5.03 22.54 35.16
C TYR H 154 -4.55 22.51 36.60
N LEU H 155 -4.73 21.37 37.26
CA LEU H 155 -4.32 21.24 38.65
C LEU H 155 -3.19 20.21 38.83
N GLU H 156 -2.51 20.24 39.97
CA GLU H 156 -1.45 19.30 40.27
C GLU H 156 -1.68 18.80 41.67
N CYS H 157 -1.38 17.53 41.93
CA CYS H 157 -1.59 17.01 43.27
C CYS H 157 -0.62 15.91 43.63
N SER H 158 -0.79 15.39 44.84
CA SER H 158 0.04 14.31 45.35
C SER H 158 -0.81 13.44 46.25
N ALA H 159 -1.06 12.20 45.85
CA ALA H 159 -1.87 11.34 46.70
C ALA H 159 -1.09 11.07 47.96
N LEU H 160 0.23 11.26 47.89
CA LEU H 160 1.14 11.04 49.02
C LEU H 160 1.05 12.17 50.03
N THR H 161 1.22 13.40 49.54
CA THR H 161 1.16 14.61 50.35
C THR H 161 -0.31 14.94 50.57
N GLN H 162 -1.17 14.32 49.77
CA GLN H 162 -2.60 14.55 49.80
C GLN H 162 -2.93 16.01 49.47
N ARG H 163 -1.91 16.77 49.05
CA ARG H 163 -2.08 18.16 48.72
C ARG H 163 -2.64 18.32 47.32
N GLY H 164 -3.65 19.16 47.18
CA GLY H 164 -4.24 19.41 45.88
C GLY H 164 -5.40 18.51 45.53
N LEU H 165 -5.58 17.43 46.28
CA LEU H 165 -6.67 16.50 46.01
C LEU H 165 -8.04 17.14 46.08
N LYS H 166 -8.41 17.63 47.27
CA LYS H 166 -9.72 18.27 47.44
C LYS H 166 -9.96 19.28 46.34
N THR H 167 -8.94 20.07 46.03
CA THR H 167 -9.10 21.07 45.00
C THR H 167 -9.54 20.40 43.71
N VAL H 168 -8.79 19.38 43.29
CA VAL H 168 -9.09 18.63 42.07
C VAL H 168 -10.56 18.25 41.97
N PHE H 169 -11.14 17.65 42.99
CA PHE H 169 -12.53 17.27 42.88
C PHE H 169 -13.50 18.43 43.01
N ASP H 170 -13.13 19.48 43.73
CA ASP H 170 -14.04 20.61 43.86
C ASP H 170 -14.11 21.32 42.52
N GLU H 171 -12.96 21.55 41.91
CA GLU H 171 -12.92 22.20 40.62
C GLU H 171 -13.68 21.36 39.59
N ALA H 172 -13.65 20.04 39.78
CA ALA H 172 -14.34 19.12 38.89
C ALA H 172 -15.83 19.43 39.00
N ILE H 173 -16.32 19.43 40.23
CA ILE H 173 -17.69 19.76 40.50
C ILE H 173 -18.08 21.17 40.00
N ARG H 174 -17.18 22.14 40.17
CA ARG H 174 -17.51 23.49 39.73
C ARG H 174 -17.68 23.46 38.23
N ALA H 175 -16.80 22.72 37.56
CA ALA H 175 -16.84 22.66 36.12
C ALA H 175 -18.20 22.18 35.60
N VAL H 176 -18.97 21.51 36.45
CA VAL H 176 -20.26 20.99 36.06
C VAL H 176 -21.38 21.92 36.48
N LEU H 177 -21.35 22.38 37.73
CA LEU H 177 -22.38 23.29 38.24
C LEU H 177 -22.53 24.56 37.41
S SO4 I . -7.37 -49.08 21.93
O1 SO4 I . -6.19 -49.37 22.78
O2 SO4 I . -7.19 -49.66 20.58
O3 SO4 I . -7.56 -47.62 21.80
O4 SO4 I . -8.57 -49.65 22.54
S SO4 J . 23.60 -0.28 -29.79
O1 SO4 J . 22.48 0.67 -29.65
O2 SO4 J . 23.47 -1.38 -28.81
O3 SO4 J . 24.85 0.48 -29.57
O4 SO4 J . 23.58 -0.84 -31.14
S SO4 K . -4.36 47.48 -26.68
O1 SO4 K . -3.85 46.10 -26.74
O2 SO4 K . -5.14 47.65 -25.44
O3 SO4 K . -5.22 47.72 -27.85
O4 SO4 K . -3.22 48.43 -26.68
S SO4 L . -2.68 3.95 37.87
O1 SO4 L . -3.90 3.57 38.61
O2 SO4 L . -1.68 4.43 38.83
O3 SO4 L . -2.92 5.03 36.89
O4 SO4 L . -2.17 2.79 37.13
#